data_8JGK
#
_entry.id   8JGK
#
_cell.length_a   1.00
_cell.length_b   1.00
_cell.length_c   1.00
_cell.angle_alpha   90.00
_cell.angle_beta   90.00
_cell.angle_gamma   90.00
#
_symmetry.space_group_name_H-M   'P 1'
#
loop_
_entity.id
_entity.type
_entity.pdbx_description
1 polymer 'H(+)/Cl(-) exchange transporter 3'
2 non-polymer "ADENOSINE-5'-DIPHOSPHATE"
#
_entity_poly.entity_id   1
_entity_poly.type   'polypeptide(L)'
_entity_poly.pdbx_seq_one_letter_code
;MESEQLFHRGYYRNSYNSITSASSDEELLDGAGAIMDFQTSEDDNLLDGDTAAGTHYTMTNGGSINSSTHLLDLLDEPIP
GVGTYDDFHTIDWVREKCKDRERHRRINSKKKESAWEMTKSLYDAWSGWLVVTLTGLASGALAGLIDIAADWMTDLKEGI
CLSALWYNHEQCCWGSNETTFEERDKCPQWKTWAELIIGQAEGPGSYIMNYIMYIFWALSFAFLAVSLVKVFAPYACGSG
IPEIKTILSGFIIRGYLGKWTLMIKTITLVLAVASGLSLGKEGPLVHVACCCGNIFSYLFPKYSTNEAKKREVLSAASAA
GVSVAFGAPIGGVLFSLEEVSYYFPLKTLWRSFFAALVAAFVLRSINPFGNSRLVLFYVEYHTPWYLFELFPFILLGVFG
GLWGAFFIRANIAWCRRRKSTKFGKYPVLEVIIVAAITAVIAFPNPYTRLNTSELIKELFTDCGPLESSSLCDYRNDMNA
SKIVDDIPDRPAGVGVYSAIWQLCLALIFKIIMTVFTFGIKVPSGLFIPSMAIGAIAGRIVGIAVEQLAYYHHDWFIFKE
WCEVGADCITPGLYAMVGAAACLGGVTRMTVSLVVIVFELTGGLEYIVPLMAAVMTSKWVGDAFGREGIYEAHIRLNGYP
FLDAKEEFTHTTLAADVMRPRRSDPPLAVLTQDNMTVDDIENMINETSYNGFPVIMSKESQRLVGFALRRDLTIAIESAR
KKQEGIVGSSRVCFAQHTPSLPAESPRPLKLRSILDMSPFTVTDHTPMEIVVDIFRKLGLRQCLVTHNGRLLGIITKKDI
LRHMAQTANQDPASIMFN
;
_entity_poly.pdbx_strand_id   A,B
#
# COMPACT_ATOMS: atom_id res chain seq x y z
N GLY A 81 -3.03 23.89 27.79
CA GLY A 81 -1.68 23.74 28.31
C GLY A 81 -1.23 22.30 28.34
N VAL A 82 -2.04 21.43 28.94
CA VAL A 82 -1.70 20.02 29.04
C VAL A 82 -1.63 19.41 27.64
N GLY A 83 -0.64 18.55 27.44
CA GLY A 83 -0.48 17.83 26.18
C GLY A 83 0.56 18.40 25.24
N THR A 84 1.13 19.56 25.55
CA THR A 84 2.18 20.13 24.70
C THR A 84 3.47 19.33 24.86
N TYR A 85 4.16 19.13 23.76
CA TYR A 85 5.40 18.36 23.74
C TYR A 85 6.60 19.28 23.58
N ASP A 86 7.61 19.08 24.42
CA ASP A 86 8.85 19.83 24.34
C ASP A 86 9.63 19.44 23.09
N ASP A 87 10.32 20.41 22.51
CA ASP A 87 11.07 20.16 21.29
C ASP A 87 12.15 19.12 21.53
N PHE A 88 12.50 18.39 20.47
CA PHE A 88 13.47 17.30 20.54
C PHE A 88 13.03 16.24 21.54
N HIS A 89 11.88 15.63 21.23
CA HIS A 89 11.36 14.51 22.00
C HIS A 89 10.55 13.63 21.06
N THR A 90 9.81 12.67 21.62
CA THR A 90 9.01 11.75 20.84
C THR A 90 7.56 11.79 21.33
N ILE A 91 6.62 11.65 20.40
CA ILE A 91 5.20 11.79 20.70
C ILE A 91 4.65 10.46 21.21
N ASP A 92 3.61 10.54 22.04
CA ASP A 92 2.89 9.38 22.53
C ASP A 92 1.54 9.35 21.83
N TRP A 93 1.35 8.37 20.94
CA TRP A 93 0.21 8.40 20.02
C TRP A 93 -1.11 8.04 20.67
N VAL A 94 -1.11 7.18 21.70
CA VAL A 94 -2.37 6.71 22.26
C VAL A 94 -3.12 7.84 22.94
N ARG A 95 -2.42 8.71 23.67
CA ARG A 95 -3.07 9.87 24.27
C ARG A 95 -3.61 10.80 23.19
N GLU A 96 -2.90 10.93 22.06
CA GLU A 96 -3.44 11.74 20.98
C GLU A 96 -4.70 11.11 20.41
N LYS A 97 -4.74 9.77 20.32
CA LYS A 97 -5.96 9.11 19.86
C LYS A 97 -7.11 9.35 20.83
N CYS A 98 -6.82 9.33 22.13
CA CYS A 98 -7.86 9.62 23.12
C CYS A 98 -8.36 11.05 22.99
N LYS A 99 -7.45 12.00 22.73
CA LYS A 99 -7.86 13.38 22.49
C LYS A 99 -8.76 13.47 21.26
N ASP A 100 -8.40 12.73 20.21
CA ASP A 100 -9.24 12.70 19.01
C ASP A 100 -10.62 12.15 19.34
N ARG A 101 -10.67 11.10 20.17
CA ARG A 101 -11.95 10.50 20.52
C ARG A 101 -12.81 11.48 21.32
N GLU A 102 -12.23 12.18 22.30
CA GLU A 102 -13.02 13.12 23.07
C GLU A 102 -13.47 14.30 22.23
N ARG A 103 -12.62 14.76 21.30
CA ARG A 103 -13.05 15.81 20.37
C ARG A 103 -14.20 15.32 19.50
N HIS A 104 -14.12 14.07 19.04
CA HIS A 104 -15.20 13.51 18.23
C HIS A 104 -16.51 13.45 19.02
N ARG A 105 -16.43 13.04 20.29
CA ARG A 105 -17.63 13.01 21.12
C ARG A 105 -18.19 14.41 21.30
N ARG A 106 -17.32 15.40 21.54
CA ARG A 106 -17.80 16.77 21.71
C ARG A 106 -18.50 17.27 20.45
N ILE A 107 -17.92 16.97 19.28
CA ILE A 107 -18.54 17.40 18.03
C ILE A 107 -19.86 16.68 17.82
N ASN A 108 -19.91 15.39 18.15
CA ASN A 108 -21.12 14.61 17.95
C ASN A 108 -22.25 15.12 18.84
N SER A 109 -21.93 15.55 20.05
CA SER A 109 -22.96 15.99 20.98
C SER A 109 -23.83 17.09 20.38
N LYS A 110 -23.28 17.90 19.48
CA LYS A 110 -23.99 19.02 18.89
C LYS A 110 -24.04 18.94 17.37
N LYS A 111 -24.06 17.72 16.81
CA LYS A 111 -24.02 17.59 15.35
C LYS A 111 -25.38 17.90 14.73
N LYS A 112 -26.47 17.45 15.35
CA LYS A 112 -27.79 17.45 14.74
C LYS A 112 -28.68 18.60 15.22
N GLU A 113 -28.20 19.46 16.12
CA GLU A 113 -29.08 20.44 16.73
C GLU A 113 -29.55 21.50 15.72
N SER A 114 -28.68 21.90 14.80
CA SER A 114 -29.05 22.91 13.82
C SER A 114 -28.16 22.75 12.59
N ALA A 115 -28.60 23.38 11.50
CA ALA A 115 -27.88 23.25 10.22
C ALA A 115 -26.48 23.85 10.29
N TRP A 116 -26.28 24.88 11.11
CA TRP A 116 -24.96 25.51 11.19
C TRP A 116 -23.92 24.52 11.71
N GLU A 117 -24.26 23.76 12.74
CA GLU A 117 -23.34 22.73 13.22
C GLU A 117 -23.12 21.65 12.17
N MET A 118 -24.14 21.35 11.35
CA MET A 118 -23.94 20.40 10.27
C MET A 118 -22.93 20.93 9.26
N THR A 119 -23.02 22.22 8.92
CA THR A 119 -22.05 22.81 8.00
C THR A 119 -20.66 22.79 8.60
N LYS A 120 -20.54 23.08 9.89
CA LYS A 120 -19.24 23.02 10.56
C LYS A 120 -18.68 21.60 10.52
N SER A 121 -19.53 20.60 10.75
CA SER A 121 -19.08 19.21 10.72
C SER A 121 -18.61 18.81 9.32
N LEU A 122 -19.35 19.21 8.29
CA LEU A 122 -18.94 18.91 6.93
C LEU A 122 -17.63 19.60 6.58
N TYR A 123 -17.46 20.84 7.03
CA TYR A 123 -16.18 21.53 6.82
C TYR A 123 -15.04 20.79 7.50
N ASP A 124 -15.26 20.32 8.73
CA ASP A 124 -14.24 19.56 9.42
C ASP A 124 -13.91 18.28 8.67
N ALA A 125 -14.94 17.59 8.17
CA ALA A 125 -14.71 16.35 7.43
C ALA A 125 -13.91 16.60 6.16
N TRP A 126 -14.28 17.64 5.42
CA TRP A 126 -13.58 17.96 4.18
C TRP A 126 -12.20 18.57 4.42
N SER A 127 -11.90 18.98 5.65
CA SER A 127 -10.56 19.48 5.94
C SER A 127 -9.49 18.46 5.58
N GLY A 128 -9.80 17.17 5.68
CA GLY A 128 -8.83 16.15 5.31
C GLY A 128 -8.43 16.25 3.84
N TRP A 129 -9.42 16.41 2.96
CA TRP A 129 -9.11 16.65 1.56
C TRP A 129 -8.42 18.00 1.38
N LEU A 130 -8.88 19.02 2.14
CA LEU A 130 -8.39 20.38 1.93
C LEU A 130 -6.90 20.49 2.20
N VAL A 131 -6.43 19.90 3.30
CA VAL A 131 -5.01 20.02 3.65
C VAL A 131 -4.15 19.41 2.56
N VAL A 132 -4.50 18.23 2.09
CA VAL A 132 -3.73 17.58 1.04
C VAL A 132 -3.79 18.39 -0.25
N THR A 133 -4.97 18.92 -0.59
CA THR A 133 -5.10 19.69 -1.82
C THR A 133 -4.22 20.93 -1.79
N LEU A 134 -4.31 21.70 -0.71
CA LEU A 134 -3.48 22.90 -0.60
C LEU A 134 -2.01 22.56 -0.57
N THR A 135 -1.64 21.49 0.14
CA THR A 135 -0.24 21.09 0.20
C THR A 135 0.29 20.74 -1.18
N GLY A 136 -0.48 19.97 -1.94
CA GLY A 136 -0.05 19.63 -3.29
C GLY A 136 0.05 20.84 -4.19
N LEU A 137 -0.94 21.74 -4.12
CA LEU A 137 -0.91 22.94 -4.95
C LEU A 137 0.31 23.79 -4.63
N ALA A 138 0.56 24.03 -3.34
CA ALA A 138 1.71 24.82 -2.95
C ALA A 138 3.02 24.14 -3.33
N SER A 139 3.09 22.82 -3.17
CA SER A 139 4.30 22.10 -3.54
C SER A 139 4.57 22.22 -5.03
N GLY A 140 3.53 22.09 -5.85
CA GLY A 140 3.71 22.25 -7.29
C GLY A 140 4.17 23.64 -7.65
N ALA A 141 3.52 24.66 -7.07
CA ALA A 141 3.92 26.04 -7.37
C ALA A 141 5.36 26.30 -6.95
N LEU A 142 5.75 25.84 -5.76
CA LEU A 142 7.10 26.06 -5.28
C LEU A 142 8.11 25.32 -6.14
N ALA A 143 7.79 24.09 -6.55
CA ALA A 143 8.71 23.35 -7.41
C ALA A 143 8.87 24.02 -8.76
N GLY A 144 7.77 24.55 -9.32
CA GLY A 144 7.89 25.29 -10.57
C GLY A 144 8.77 26.52 -10.41
N LEU A 145 8.54 27.29 -9.35
CA LEU A 145 9.35 28.47 -9.11
C LEU A 145 10.82 28.11 -8.95
N ILE A 146 11.09 27.08 -8.15
CA ILE A 146 12.47 26.67 -7.90
C ILE A 146 13.12 26.19 -9.19
N ASP A 147 12.39 25.42 -9.99
CA ASP A 147 12.97 24.93 -11.24
C ASP A 147 13.31 26.06 -12.19
N ILE A 148 12.38 27.00 -12.38
CA ILE A 148 12.65 28.09 -13.30
C ILE A 148 13.81 28.93 -12.78
N ALA A 149 13.84 29.22 -11.47
CA ALA A 149 14.91 30.03 -10.92
C ALA A 149 16.25 29.32 -11.02
N ALA A 150 16.29 28.01 -10.77
CA ALA A 150 17.53 27.27 -10.87
C ALA A 150 18.04 27.25 -12.30
N ASP A 151 17.15 27.02 -13.26
CA ASP A 151 17.57 27.06 -14.66
C ASP A 151 18.13 28.44 -15.00
N TRP A 152 17.43 29.50 -14.59
CA TRP A 152 17.83 30.85 -14.93
C TRP A 152 19.20 31.18 -14.32
N MET A 153 19.41 30.80 -13.05
CA MET A 153 20.68 31.11 -12.40
C MET A 153 21.81 30.29 -12.99
N THR A 154 21.64 28.98 -13.11
CA THR A 154 22.71 28.15 -13.65
C THR A 154 22.99 28.48 -15.11
N ASP A 155 22.04 29.10 -15.80
CA ASP A 155 22.28 29.56 -17.16
C ASP A 155 23.07 30.85 -17.18
N LEU A 156 22.81 31.77 -16.24
CA LEU A 156 23.60 33.00 -16.20
C LEU A 156 25.07 32.71 -15.85
N LYS A 157 25.37 31.52 -15.32
CA LYS A 157 26.76 31.21 -15.02
C LYS A 157 27.61 31.20 -16.28
N GLU A 158 27.02 30.91 -17.43
CA GLU A 158 27.77 30.88 -18.67
C GLU A 158 27.83 32.26 -19.31
N GLY A 159 26.67 32.86 -19.60
CA GLY A 159 26.63 34.15 -20.26
C GLY A 159 25.33 34.90 -20.04
N ILE A 160 24.99 35.81 -20.97
CA ILE A 160 23.76 36.58 -20.88
C ILE A 160 23.16 36.72 -22.27
N CYS A 161 21.85 36.89 -22.33
CA CYS A 161 21.13 37.16 -23.57
C CYS A 161 20.82 38.66 -23.62
N LEU A 162 21.64 39.41 -24.35
CA LEU A 162 21.50 40.86 -24.38
C LEU A 162 20.15 41.27 -24.95
N SER A 163 19.71 40.62 -26.02
CA SER A 163 18.46 41.01 -26.67
C SER A 163 17.29 40.91 -25.71
N ALA A 164 17.24 39.81 -24.94
CA ALA A 164 16.19 39.61 -23.93
C ALA A 164 16.88 39.17 -22.65
N LEU A 165 16.99 40.10 -21.68
CA LEU A 165 17.70 39.80 -20.46
C LEU A 165 17.03 38.70 -19.65
N TRP A 166 15.70 38.70 -19.60
CA TRP A 166 14.99 37.77 -18.72
C TRP A 166 15.11 36.33 -19.18
N TYR A 167 15.18 36.10 -20.49
CA TYR A 167 15.26 34.73 -21.00
C TYR A 167 16.59 34.10 -20.58
N ASN A 168 16.74 32.82 -20.91
CA ASN A 168 17.96 32.06 -20.69
C ASN A 168 18.60 31.73 -22.03
N HIS A 169 19.78 31.09 -21.99
CA HIS A 169 20.49 30.81 -23.23
C HIS A 169 19.70 29.88 -24.13
N GLU A 170 19.06 28.87 -23.53
CA GLU A 170 18.33 27.88 -24.32
C GLU A 170 17.16 28.53 -25.05
N GLN A 171 16.36 29.32 -24.35
CA GLN A 171 15.23 29.99 -24.98
C GLN A 171 15.69 30.94 -26.07
N CYS A 172 16.74 31.72 -25.80
CA CYS A 172 17.22 32.67 -26.78
C CYS A 172 17.75 31.97 -28.03
N CYS A 173 18.48 30.87 -27.84
CA CYS A 173 18.96 30.10 -28.98
C CYS A 173 17.79 29.53 -29.77
N TRP A 174 16.77 29.02 -29.08
CA TRP A 174 15.59 28.50 -29.77
C TRP A 174 14.67 29.61 -30.25
N GLY A 175 14.80 30.82 -29.72
CA GLY A 175 13.96 31.93 -30.14
C GLY A 175 14.39 32.49 -31.47
N SER A 176 14.27 31.68 -32.53
CA SER A 176 14.66 32.11 -33.86
C SER A 176 14.19 31.10 -34.91
N LYS A 186 25.68 28.91 -32.82
CA LYS A 186 25.92 30.24 -33.37
C LYS A 186 24.75 31.16 -33.04
N CYS A 187 24.71 31.65 -31.81
CA CYS A 187 23.61 32.51 -31.35
C CYS A 187 24.15 33.90 -31.04
N PRO A 188 24.06 34.85 -31.96
CA PRO A 188 24.62 36.19 -31.67
C PRO A 188 23.96 36.88 -30.50
N GLN A 189 22.66 36.67 -30.27
CA GLN A 189 21.97 37.33 -29.17
C GLN A 189 22.32 36.72 -27.82
N TRP A 190 23.06 35.62 -27.78
CA TRP A 190 23.55 35.04 -26.54
C TRP A 190 25.05 35.26 -26.46
N LYS A 191 25.47 36.21 -25.62
CA LYS A 191 26.85 36.61 -25.51
C LYS A 191 27.48 36.01 -24.25
N THR A 192 28.80 35.89 -24.28
CA THR A 192 29.59 35.39 -23.17
C THR A 192 30.42 36.52 -22.56
N TRP A 193 31.19 36.18 -21.52
CA TRP A 193 31.94 37.19 -20.79
C TRP A 193 33.15 37.69 -21.58
N ALA A 194 33.88 36.78 -22.23
CA ALA A 194 35.08 37.20 -22.96
C ALA A 194 34.72 38.18 -24.07
N GLU A 195 33.68 37.86 -24.84
CA GLU A 195 33.24 38.79 -25.87
C GLU A 195 32.71 40.08 -25.27
N LEU A 196 32.00 39.98 -24.14
CA LEU A 196 31.45 41.18 -23.52
C LEU A 196 32.54 42.14 -23.11
N ILE A 197 33.65 41.63 -22.56
CA ILE A 197 34.73 42.49 -22.08
C ILE A 197 35.84 42.54 -23.12
N ILE A 198 36.46 41.40 -23.41
CA ILE A 198 37.60 41.39 -24.33
C ILE A 198 37.13 41.69 -25.75
N GLY A 199 36.01 41.10 -26.16
CA GLY A 199 35.49 41.29 -27.51
C GLY A 199 35.83 40.18 -28.48
N GLN A 200 36.60 39.17 -28.06
CA GLN A 200 36.96 38.05 -28.92
C GLN A 200 36.40 36.77 -28.30
N ALA A 201 35.72 35.97 -29.11
CA ALA A 201 35.08 34.74 -28.65
C ALA A 201 35.99 33.53 -28.73
N GLU A 202 37.22 33.68 -29.20
CA GLU A 202 38.12 32.56 -29.39
C GLU A 202 39.53 32.95 -28.94
N GLY A 203 40.38 31.93 -28.80
CA GLY A 203 41.75 32.12 -28.40
C GLY A 203 41.94 31.83 -26.92
N PRO A 204 43.20 31.66 -26.51
CA PRO A 204 43.46 31.40 -25.08
C PRO A 204 42.95 32.51 -24.18
N GLY A 205 42.97 33.76 -24.65
CA GLY A 205 42.51 34.85 -23.80
C GLY A 205 41.05 34.70 -23.41
N SER A 206 40.19 34.42 -24.40
CA SER A 206 38.77 34.22 -24.10
C SER A 206 38.57 32.99 -23.21
N TYR A 207 39.33 31.93 -23.48
CA TYR A 207 39.25 30.73 -22.66
C TYR A 207 39.52 31.06 -21.20
N ILE A 208 40.62 31.77 -20.93
CA ILE A 208 41.00 32.10 -19.56
C ILE A 208 39.98 33.04 -18.95
N MET A 209 39.49 34.02 -19.70
CA MET A 209 38.52 34.95 -19.16
C MET A 209 37.25 34.22 -18.74
N ASN A 210 36.72 33.36 -19.62
CA ASN A 210 35.51 32.62 -19.29
C ASN A 210 35.74 31.68 -18.13
N TYR A 211 36.90 31.01 -18.10
CA TYR A 211 37.21 30.09 -17.00
C TYR A 211 37.24 30.81 -15.66
N ILE A 212 37.97 31.93 -15.60
CA ILE A 212 38.11 32.64 -14.34
C ILE A 212 36.78 33.24 -13.91
N MET A 213 36.00 33.75 -14.88
CA MET A 213 34.68 34.29 -14.52
C MET A 213 33.75 33.18 -14.03
N TYR A 214 33.87 31.99 -14.62
CA TYR A 214 33.08 30.85 -14.15
C TYR A 214 33.43 30.51 -12.70
N ILE A 215 34.73 30.44 -12.39
CA ILE A 215 35.14 30.16 -11.02
C ILE A 215 34.61 31.25 -10.08
N PHE A 216 34.77 32.51 -10.47
CA PHE A 216 34.32 33.62 -9.64
C PHE A 216 32.83 33.53 -9.38
N TRP A 217 32.04 33.26 -10.41
CA TRP A 217 30.60 33.28 -10.25
C TRP A 217 30.13 32.09 -9.43
N ALA A 218 30.80 30.94 -9.58
CA ALA A 218 30.52 29.79 -8.72
C ALA A 218 30.82 30.11 -7.26
N LEU A 219 31.96 30.76 -7.00
CA LEU A 219 32.25 31.17 -5.64
C LEU A 219 31.19 32.12 -5.11
N SER A 220 30.71 33.03 -5.95
CA SER A 220 29.70 33.98 -5.52
C SER A 220 28.42 33.26 -5.09
N PHE A 221 27.93 32.34 -5.93
CA PHE A 221 26.72 31.60 -5.55
C PHE A 221 26.95 30.78 -4.30
N ALA A 222 28.08 30.07 -4.20
CA ALA A 222 28.31 29.24 -3.02
C ALA A 222 28.34 30.08 -1.76
N PHE A 223 29.11 31.17 -1.77
CA PHE A 223 29.20 32.05 -0.61
C PHE A 223 27.84 32.62 -0.24
N LEU A 224 27.08 33.10 -1.22
CA LEU A 224 25.79 33.70 -0.90
C LEU A 224 24.85 32.66 -0.31
N ALA A 225 24.83 31.46 -0.88
CA ALA A 225 23.95 30.41 -0.37
C ALA A 225 24.29 30.07 1.08
N VAL A 226 25.58 29.85 1.35
CA VAL A 226 25.95 29.44 2.71
C VAL A 226 25.70 30.58 3.69
N SER A 227 26.01 31.81 3.29
CA SER A 227 25.75 32.93 4.20
C SER A 227 24.27 33.03 4.51
N LEU A 228 23.41 32.93 3.50
CA LEU A 228 21.98 33.05 3.73
C LEU A 228 21.48 31.94 4.64
N VAL A 229 21.88 30.70 4.38
CA VAL A 229 21.41 29.59 5.20
C VAL A 229 21.90 29.75 6.64
N LYS A 230 23.17 30.11 6.82
CA LYS A 230 23.70 30.27 8.17
C LYS A 230 22.95 31.35 8.92
N VAL A 231 22.73 32.51 8.28
CA VAL A 231 22.17 33.64 9.00
C VAL A 231 20.69 33.40 9.30
N PHE A 232 19.93 32.89 8.33
CA PHE A 232 18.48 32.95 8.42
C PHE A 232 17.80 31.63 8.75
N ALA A 233 18.40 30.49 8.44
CA ALA A 233 17.76 29.19 8.67
C ALA A 233 18.83 28.13 8.83
N PRO A 234 19.15 27.73 10.07
CA PRO A 234 20.19 26.72 10.26
C PRO A 234 19.73 25.30 10.00
N TYR A 235 18.43 25.06 9.79
CA TYR A 235 17.90 23.72 9.59
C TYR A 235 17.72 23.35 8.11
N ALA A 236 18.18 24.20 7.18
CA ALA A 236 18.15 23.83 5.77
C ALA A 236 19.25 22.86 5.40
N CYS A 237 20.14 22.54 6.33
CA CYS A 237 21.32 21.73 6.04
C CYS A 237 20.95 20.34 5.55
N GLY A 238 21.94 19.55 5.15
CA GLY A 238 21.73 18.18 4.73
C GLY A 238 20.68 18.06 3.64
N SER A 239 20.22 16.84 3.39
CA SER A 239 19.20 16.64 2.35
C SER A 239 17.81 16.95 2.90
N GLY A 240 17.38 16.22 3.91
CA GLY A 240 16.09 16.46 4.52
C GLY A 240 15.26 15.21 4.64
N ILE A 241 15.77 14.07 4.17
CA ILE A 241 15.06 12.81 4.27
C ILE A 241 15.20 12.22 5.66
N PRO A 242 16.41 12.18 6.25
CA PRO A 242 16.51 11.62 7.61
C PRO A 242 15.64 12.35 8.61
N GLU A 243 15.65 13.68 8.58
CA GLU A 243 14.84 14.45 9.52
C GLU A 243 13.35 14.17 9.30
N ILE A 244 12.92 14.07 8.05
CA ILE A 244 11.50 13.79 7.78
C ILE A 244 11.13 12.40 8.26
N LYS A 245 11.98 11.41 8.01
CA LYS A 245 11.73 10.07 8.51
C LYS A 245 11.56 10.08 10.02
N THR A 246 12.41 10.82 10.72
CA THR A 246 12.29 10.90 12.17
C THR A 246 11.05 11.69 12.59
N ILE A 247 10.66 12.71 11.81
CA ILE A 247 9.48 13.50 12.14
C ILE A 247 8.22 12.65 12.05
N LEU A 248 8.07 11.87 10.99
CA LEU A 248 6.86 11.07 10.83
C LEU A 248 6.75 10.02 11.93
N SER A 249 7.88 9.47 12.36
CA SER A 249 7.86 8.45 13.40
C SER A 249 7.27 8.97 14.70
N GLY A 250 7.28 10.28 14.92
CA GLY A 250 6.71 10.84 16.13
C GLY A 250 7.67 11.75 16.86
N PHE A 251 8.74 12.16 16.18
CA PHE A 251 9.68 13.13 16.73
C PHE A 251 9.12 14.54 16.58
N ILE A 252 9.71 15.48 17.30
CA ILE A 252 9.31 16.89 17.24
C ILE A 252 10.54 17.74 17.00
N ILE A 253 10.49 18.58 15.97
CA ILE A 253 11.49 19.62 15.75
C ILE A 253 10.73 20.88 15.35
N ARG A 254 10.55 21.81 16.29
CA ARG A 254 9.65 22.93 16.04
C ARG A 254 10.11 23.76 14.85
N GLY A 255 11.40 24.02 14.76
CA GLY A 255 11.92 24.88 13.71
C GLY A 255 12.21 24.21 12.39
N TYR A 256 12.29 22.88 12.35
CA TYR A 256 12.69 22.21 11.13
C TYR A 256 11.65 22.31 10.02
N LEU A 257 10.45 22.81 10.33
CA LEU A 257 9.43 22.98 9.30
C LEU A 257 8.70 24.32 9.48
N GLY A 258 9.31 25.28 10.16
CA GLY A 258 8.61 26.48 10.53
C GLY A 258 8.22 27.33 9.34
N LYS A 259 7.42 28.35 9.63
CA LYS A 259 6.99 29.27 8.58
C LYS A 259 8.19 29.93 7.91
N TRP A 260 9.30 30.07 8.62
CA TRP A 260 10.48 30.75 8.09
C TRP A 260 11.32 29.86 7.19
N THR A 261 11.43 28.57 7.52
CA THR A 261 12.36 27.70 6.80
C THR A 261 11.94 27.46 5.37
N LEU A 262 10.67 27.69 5.02
CA LEU A 262 10.24 27.48 3.65
C LEU A 262 10.96 28.44 2.69
N MET A 263 10.85 29.74 2.96
CA MET A 263 11.45 30.72 2.08
C MET A 263 12.96 30.51 1.96
N ILE A 264 13.64 30.41 3.09
CA ILE A 264 15.09 30.27 3.08
C ILE A 264 15.49 28.97 2.40
N LYS A 265 14.80 27.87 2.71
CA LYS A 265 15.14 26.59 2.10
C LYS A 265 15.03 26.65 0.60
N THR A 266 13.91 27.19 0.08
CA THR A 266 13.76 27.27 -1.36
C THR A 266 14.84 28.15 -1.98
N ILE A 267 15.08 29.33 -1.41
CA ILE A 267 16.03 30.26 -1.99
C ILE A 267 17.42 29.65 -2.02
N THR A 268 17.86 29.08 -0.89
CA THR A 268 19.20 28.53 -0.83
C THR A 268 19.34 27.26 -1.65
N LEU A 269 18.29 26.46 -1.78
CA LEU A 269 18.38 25.30 -2.68
C LEU A 269 18.56 25.76 -4.11
N VAL A 270 17.81 26.79 -4.52
CA VAL A 270 17.98 27.32 -5.88
C VAL A 270 19.41 27.82 -6.06
N LEU A 271 19.88 28.65 -5.13
CA LEU A 271 21.22 29.23 -5.28
C LEU A 271 22.31 28.19 -5.15
N ALA A 272 22.04 27.05 -4.51
CA ALA A 272 23.05 26.01 -4.38
C ALA A 272 23.12 25.16 -5.64
N VAL A 273 21.97 24.71 -6.15
CA VAL A 273 21.99 24.00 -7.43
C VAL A 273 22.51 24.91 -8.53
N ALA A 274 22.38 26.23 -8.36
CA ALA A 274 22.94 27.15 -9.35
C ALA A 274 24.45 27.01 -9.44
N SER A 275 25.13 26.86 -8.29
CA SER A 275 26.57 26.74 -8.29
C SER A 275 27.05 25.50 -9.02
N GLY A 276 26.17 24.54 -9.28
CA GLY A 276 26.56 23.34 -9.96
C GLY A 276 27.22 22.30 -9.09
N LEU A 277 27.21 22.47 -7.78
CA LEU A 277 27.81 21.51 -6.87
C LEU A 277 27.21 20.12 -7.12
N SER A 278 27.89 19.08 -6.65
CA SER A 278 27.40 17.72 -6.85
C SER A 278 26.20 17.47 -5.95
N LEU A 279 25.09 18.17 -6.23
CA LEU A 279 23.90 18.10 -5.41
C LEU A 279 22.71 18.51 -6.24
N GLY A 280 21.56 17.90 -5.97
CA GLY A 280 20.38 18.10 -6.79
C GLY A 280 19.25 18.80 -6.06
N LYS A 281 18.26 19.27 -6.82
CA LYS A 281 17.08 19.92 -6.28
C LYS A 281 15.84 19.03 -6.35
N GLU A 282 16.03 17.72 -6.46
CA GLU A 282 14.92 16.78 -6.58
C GLU A 282 14.50 16.22 -5.23
N GLY A 283 15.42 15.51 -4.56
CA GLY A 283 15.11 14.89 -3.30
C GLY A 283 14.74 15.90 -2.24
N PRO A 284 15.63 16.85 -1.97
CA PRO A 284 15.37 17.82 -0.91
C PRO A 284 14.07 18.59 -1.10
N LEU A 285 13.55 18.66 -2.32
CA LEU A 285 12.29 19.37 -2.54
C LEU A 285 11.18 18.79 -1.67
N VAL A 286 11.28 17.51 -1.30
CA VAL A 286 10.26 16.92 -0.43
C VAL A 286 10.14 17.74 0.84
N HIS A 287 11.28 18.11 1.42
CA HIS A 287 11.27 18.96 2.60
C HIS A 287 10.39 20.19 2.34
N VAL A 288 10.64 20.88 1.22
CA VAL A 288 9.81 22.03 0.88
C VAL A 288 8.35 21.63 0.87
N ALA A 289 8.02 20.57 0.15
CA ALA A 289 6.65 20.08 0.14
C ALA A 289 6.15 19.88 1.55
N CYS A 290 6.93 19.17 2.38
CA CYS A 290 6.51 18.93 3.75
C CYS A 290 6.13 20.25 4.42
N CYS A 291 7.00 21.25 4.29
CA CYS A 291 6.73 22.53 4.92
C CYS A 291 5.34 23.02 4.58
N CYS A 292 4.99 23.01 3.30
CA CYS A 292 3.67 23.43 2.88
C CYS A 292 2.62 22.83 3.80
N GLY A 293 2.56 21.49 3.83
CA GLY A 293 1.63 20.81 4.70
C GLY A 293 1.64 21.43 6.08
N ASN A 294 2.80 21.34 6.74
CA ASN A 294 2.92 21.90 8.08
C ASN A 294 2.27 23.28 8.15
N ILE A 295 2.74 24.20 7.29
CA ILE A 295 2.27 25.58 7.40
C ILE A 295 0.76 25.62 7.28
N PHE A 296 0.21 24.97 6.25
CA PHE A 296 -1.23 25.04 6.06
C PHE A 296 -1.97 24.29 7.14
N SER A 297 -1.34 23.26 7.72
CA SER A 297 -1.97 22.57 8.84
C SER A 297 -2.22 23.53 10.00
N TYR A 298 -1.45 24.61 10.09
CA TYR A 298 -1.66 25.58 11.16
C TYR A 298 -3.01 26.28 11.04
N LEU A 299 -3.60 26.31 9.84
CA LEU A 299 -4.85 27.05 9.65
C LEU A 299 -6.05 26.29 10.21
N PHE A 300 -5.99 24.96 10.27
CA PHE A 300 -7.09 24.16 10.77
C PHE A 300 -6.79 23.69 12.19
N PRO A 301 -7.61 24.05 13.19
CA PRO A 301 -7.33 23.56 14.55
C PRO A 301 -7.30 22.05 14.66
N LYS A 302 -8.10 21.34 13.86
CA LYS A 302 -8.17 19.89 13.96
C LYS A 302 -6.80 19.27 13.71
N TYR A 303 -6.10 19.74 12.68
CA TYR A 303 -4.84 19.16 12.26
C TYR A 303 -3.63 19.79 12.92
N SER A 304 -3.82 20.84 13.72
CA SER A 304 -2.71 21.53 14.36
C SER A 304 -2.46 20.98 15.77
N THR A 305 -3.47 21.05 16.64
CA THR A 305 -3.31 20.51 17.99
C THR A 305 -3.06 19.01 17.98
N ASN A 306 -3.42 18.33 16.90
CA ASN A 306 -3.32 16.88 16.83
C ASN A 306 -2.00 16.50 16.15
N GLU A 307 -1.16 15.76 16.88
CA GLU A 307 0.15 15.41 16.35
C GLU A 307 0.06 14.30 15.31
N ALA A 308 -0.70 13.25 15.58
CA ALA A 308 -0.76 12.13 14.65
C ALA A 308 -1.39 12.54 13.33
N LYS A 309 -2.41 13.40 13.38
CA LYS A 309 -3.02 13.89 12.15
C LYS A 309 -2.02 14.70 11.32
N LYS A 310 -1.23 15.55 11.98
CA LYS A 310 -0.20 16.28 11.27
C LYS A 310 0.85 15.33 10.70
N ARG A 311 1.16 14.25 11.42
CA ARG A 311 2.10 13.27 10.89
C ARG A 311 1.56 12.60 9.65
N GLU A 312 0.25 12.29 9.64
CA GLU A 312 -0.36 11.73 8.44
C GLU A 312 -0.30 12.72 7.28
N VAL A 313 -0.59 13.99 7.55
CA VAL A 313 -0.49 15.01 6.50
C VAL A 313 0.93 15.08 5.97
N LEU A 314 1.92 14.98 6.85
CA LEU A 314 3.31 15.04 6.42
C LEU A 314 3.70 13.80 5.62
N SER A 315 3.17 12.64 5.99
CA SER A 315 3.41 11.45 5.20
C SER A 315 2.82 11.59 3.80
N ALA A 316 1.66 12.24 3.68
CA ALA A 316 1.09 12.49 2.37
C ALA A 316 1.95 13.48 1.59
N ALA A 317 2.36 14.58 2.24
CA ALA A 317 3.19 15.57 1.58
C ALA A 317 4.54 15.00 1.16
N SER A 318 5.03 13.97 1.85
CA SER A 318 6.27 13.33 1.42
C SER A 318 6.11 12.68 0.05
N ALA A 319 5.03 11.90 -0.12
CA ALA A 319 4.76 11.32 -1.43
C ALA A 319 4.56 12.41 -2.47
N ALA A 320 3.84 13.47 -2.10
CA ALA A 320 3.62 14.57 -3.05
C ALA A 320 4.94 15.20 -3.49
N GLY A 321 5.84 15.44 -2.53
CA GLY A 321 7.11 16.05 -2.87
C GLY A 321 7.97 15.16 -3.73
N VAL A 322 8.03 13.87 -3.40
CA VAL A 322 8.81 12.95 -4.23
C VAL A 322 8.22 12.87 -5.63
N SER A 323 6.89 12.89 -5.73
CA SER A 323 6.25 12.88 -7.05
C SER A 323 6.61 14.12 -7.85
N VAL A 324 6.59 15.28 -7.20
CA VAL A 324 6.97 16.51 -7.91
C VAL A 324 8.43 16.44 -8.35
N ALA A 325 9.30 15.96 -7.47
CA ALA A 325 10.72 15.89 -7.81
C ALA A 325 10.96 14.97 -8.99
N PHE A 326 10.31 13.80 -9.00
CA PHE A 326 10.56 12.80 -10.03
C PHE A 326 9.43 12.69 -11.05
N GLY A 327 8.31 13.36 -10.85
CA GLY A 327 7.18 13.20 -11.74
C GLY A 327 6.64 11.79 -11.77
N ALA A 328 6.60 11.14 -10.60
CA ALA A 328 6.19 9.75 -10.48
C ALA A 328 5.18 9.63 -9.34
N PRO A 329 3.92 10.02 -9.58
CA PRO A 329 2.95 10.01 -8.47
C PRO A 329 2.83 8.66 -7.78
N ILE A 330 2.68 7.58 -8.54
CA ILE A 330 2.67 6.26 -7.93
C ILE A 330 4.02 5.99 -7.27
N GLY A 331 5.10 6.44 -7.89
CA GLY A 331 6.40 6.33 -7.27
C GLY A 331 6.45 7.04 -5.93
N GLY A 332 5.89 8.25 -5.84
CA GLY A 332 5.89 8.97 -4.58
C GLY A 332 5.05 8.30 -3.52
N VAL A 333 3.89 7.77 -3.90
CA VAL A 333 3.04 7.08 -2.94
C VAL A 333 3.75 5.83 -2.41
N LEU A 334 4.36 5.06 -3.30
CA LEU A 334 5.09 3.87 -2.86
C LEU A 334 6.36 4.23 -2.09
N PHE A 335 6.89 5.44 -2.32
CA PHE A 335 8.07 5.91 -1.59
C PHE A 335 7.73 6.28 -0.15
N SER A 336 6.59 6.96 0.04
CA SER A 336 6.22 7.40 1.38
C SER A 336 6.08 6.21 2.32
N LEU A 337 5.42 5.14 1.86
CA LEU A 337 5.27 3.96 2.70
C LEU A 337 6.63 3.32 2.99
N GLU A 338 7.51 3.29 1.99
CA GLU A 338 8.73 2.50 2.11
C GLU A 338 9.79 3.21 2.96
N GLU A 339 10.25 4.38 2.53
CA GLU A 339 11.42 5.00 3.12
C GLU A 339 11.17 6.31 3.85
N VAL A 340 9.92 6.73 4.02
CA VAL A 340 9.65 8.00 4.70
C VAL A 340 8.71 7.78 5.87
N SER A 341 7.51 7.28 5.59
CA SER A 341 6.51 7.12 6.63
C SER A 341 6.92 6.02 7.60
N TYR A 342 6.50 6.19 8.86
CA TYR A 342 6.71 5.19 9.91
C TYR A 342 5.44 4.45 10.26
N TYR A 343 4.31 5.14 10.30
CA TYR A 343 3.01 4.56 10.62
C TYR A 343 2.05 4.85 9.48
N PHE A 344 1.23 3.84 9.15
CA PHE A 344 0.27 3.96 8.05
C PHE A 344 -0.95 3.14 8.41
N PRO A 345 -2.07 3.79 8.74
CA PRO A 345 -3.32 3.05 8.98
C PRO A 345 -4.06 2.66 7.71
N LEU A 346 -3.49 2.97 6.54
CA LEU A 346 -4.04 2.56 5.24
C LEU A 346 -5.30 3.33 4.89
N LYS A 347 -5.78 4.18 5.79
CA LYS A 347 -6.93 5.03 5.48
C LYS A 347 -6.52 6.37 4.88
N THR A 348 -5.23 6.67 4.86
CA THR A 348 -4.71 7.89 4.25
C THR A 348 -3.98 7.62 2.94
N LEU A 349 -4.01 6.39 2.44
CA LEU A 349 -3.35 6.11 1.16
C LEU A 349 -3.98 6.89 0.03
N TRP A 350 -5.30 7.03 0.04
CA TRP A 350 -5.94 7.89 -0.95
C TRP A 350 -5.49 9.33 -0.79
N ARG A 351 -5.23 9.76 0.45
CA ARG A 351 -4.73 11.11 0.65
C ARG A 351 -3.36 11.29 0.00
N SER A 352 -2.46 10.34 0.21
CA SER A 352 -1.14 10.42 -0.42
C SER A 352 -1.25 10.38 -1.94
N PHE A 353 -2.11 9.50 -2.45
CA PHE A 353 -2.29 9.38 -3.89
C PHE A 353 -2.82 10.68 -4.49
N PHE A 354 -3.82 11.28 -3.84
CA PHE A 354 -4.35 12.55 -4.33
C PHE A 354 -3.34 13.67 -4.19
N ALA A 355 -2.53 13.67 -3.14
CA ALA A 355 -1.48 14.66 -3.02
C ALA A 355 -0.50 14.54 -4.17
N ALA A 356 -0.10 13.32 -4.51
CA ALA A 356 0.81 13.11 -5.63
C ALA A 356 0.19 13.58 -6.94
N LEU A 357 -1.07 13.23 -7.20
CA LEU A 357 -1.70 13.68 -8.43
C LEU A 357 -1.80 15.20 -8.49
N VAL A 358 -2.22 15.83 -7.40
CA VAL A 358 -2.39 17.28 -7.40
C VAL A 358 -1.04 17.95 -7.64
N ALA A 359 0.00 17.48 -6.96
CA ALA A 359 1.32 18.09 -7.11
C ALA A 359 1.84 17.91 -8.54
N ALA A 360 1.67 16.71 -9.11
CA ALA A 360 2.12 16.48 -10.47
C ALA A 360 1.35 17.35 -11.46
N PHE A 361 0.04 17.47 -11.28
CA PHE A 361 -0.75 18.31 -12.18
C PHE A 361 -0.31 19.77 -12.08
N VAL A 362 -0.09 20.26 -10.86
CA VAL A 362 0.34 21.64 -10.72
C VAL A 362 1.71 21.84 -11.38
N LEU A 363 2.61 20.88 -11.21
CA LEU A 363 3.94 21.03 -11.81
C LEU A 363 3.85 21.05 -13.33
N ARG A 364 3.13 20.10 -13.92
CA ARG A 364 3.06 20.04 -15.39
C ARG A 364 2.33 21.25 -15.95
N SER A 365 1.26 21.69 -15.29
CA SER A 365 0.50 22.83 -15.79
C SER A 365 1.34 24.09 -15.81
N ILE A 366 2.14 24.32 -14.77
CA ILE A 366 2.93 25.54 -14.65
C ILE A 366 4.15 25.43 -15.56
N ASN A 367 4.20 26.26 -16.59
CA ASN A 367 5.33 26.38 -17.49
C ASN A 367 5.28 27.74 -18.18
N PRO A 368 5.43 28.83 -17.43
CA PRO A 368 5.23 30.16 -18.03
C PRO A 368 6.14 30.45 -19.21
N PHE A 369 7.35 29.90 -19.21
CA PHE A 369 8.33 30.21 -20.25
C PHE A 369 8.13 29.36 -21.51
N GLY A 370 7.15 28.47 -21.52
CA GLY A 370 6.86 27.65 -22.68
C GLY A 370 7.37 26.23 -22.62
N ASN A 371 7.93 25.81 -21.48
CA ASN A 371 8.43 24.45 -21.37
C ASN A 371 7.28 23.46 -21.42
N SER A 372 7.52 22.32 -22.08
CA SER A 372 6.54 21.26 -22.21
C SER A 372 6.79 20.06 -21.31
N ARG A 373 8.05 19.77 -21.02
CA ARG A 373 8.37 18.61 -20.20
C ARG A 373 8.01 18.85 -18.73
N LEU A 374 7.51 17.81 -18.08
CA LEU A 374 7.25 17.90 -16.65
C LEU A 374 8.53 18.16 -15.87
N VAL A 375 9.61 17.48 -16.24
CA VAL A 375 10.92 17.67 -15.63
C VAL A 375 11.93 17.89 -16.75
N LEU A 376 13.10 18.42 -16.37
CA LEU A 376 14.14 18.68 -17.36
C LEU A 376 14.49 17.43 -18.15
N PHE A 377 14.50 16.27 -17.50
CA PHE A 377 15.06 15.05 -18.07
C PHE A 377 14.02 13.94 -18.17
N TYR A 378 12.79 14.30 -18.54
CA TYR A 378 11.78 13.30 -18.87
C TYR A 378 12.09 12.76 -20.26
N VAL A 379 12.29 11.44 -20.36
CA VAL A 379 12.71 10.81 -21.61
C VAL A 379 11.81 9.62 -21.90
N GLU A 380 11.79 9.25 -23.17
CA GLU A 380 11.04 8.08 -23.63
C GLU A 380 11.93 7.28 -24.58
N TYR A 381 11.69 5.98 -24.64
CA TYR A 381 12.55 5.07 -25.39
C TYR A 381 11.71 4.13 -26.26
N HIS A 382 12.25 3.80 -27.42
CA HIS A 382 11.67 2.81 -28.32
C HIS A 382 12.77 1.92 -28.90
N THR A 383 13.74 1.54 -28.06
CA THR A 383 14.86 0.71 -28.49
C THR A 383 14.77 -0.68 -27.88
N PRO A 384 15.19 -1.72 -28.60
CA PRO A 384 15.11 -3.08 -28.05
C PRO A 384 16.36 -3.50 -27.31
N TRP A 385 16.34 -4.69 -26.71
CA TRP A 385 17.52 -5.25 -26.08
C TRP A 385 17.44 -6.78 -26.19
N TYR A 386 18.61 -7.40 -26.12
CA TYR A 386 18.75 -8.83 -26.35
C TYR A 386 18.90 -9.57 -25.03
N LEU A 387 18.40 -10.81 -25.00
CA LEU A 387 18.57 -11.64 -23.82
C LEU A 387 20.04 -11.96 -23.57
N PHE A 388 20.79 -12.24 -24.63
CA PHE A 388 22.22 -12.49 -24.47
C PHE A 388 22.94 -11.30 -23.87
N GLU A 389 22.37 -10.11 -23.96
CA GLU A 389 22.94 -8.92 -23.36
C GLU A 389 22.78 -8.91 -21.84
N LEU A 390 22.29 -9.98 -21.22
CA LEU A 390 21.97 -9.93 -19.79
C LEU A 390 23.23 -10.01 -18.94
N PHE A 391 24.25 -10.73 -19.41
CA PHE A 391 25.44 -10.97 -18.59
C PHE A 391 26.09 -9.69 -18.08
N PRO A 392 26.34 -8.66 -18.89
CA PRO A 392 27.03 -7.47 -18.35
C PRO A 392 26.23 -6.68 -17.31
N PHE A 393 24.90 -6.62 -17.39
CA PHE A 393 24.17 -5.93 -16.34
C PHE A 393 24.61 -6.39 -14.96
N ILE A 394 24.65 -7.71 -14.75
CA ILE A 394 25.08 -8.24 -13.46
C ILE A 394 26.46 -7.69 -13.13
N LEU A 395 27.39 -7.75 -14.09
CA LEU A 395 28.69 -7.14 -13.88
C LEU A 395 28.54 -5.68 -13.49
N LEU A 396 27.79 -4.91 -14.28
CA LEU A 396 27.52 -3.54 -13.91
C LEU A 396 26.84 -3.48 -12.54
N GLY A 397 25.90 -4.39 -12.30
CA GLY A 397 25.27 -4.43 -11.00
C GLY A 397 26.29 -4.49 -9.88
N VAL A 398 27.33 -5.30 -10.05
CA VAL A 398 28.36 -5.40 -9.02
C VAL A 398 28.91 -4.02 -8.72
N PHE A 399 29.27 -3.27 -9.75
CA PHE A 399 29.70 -1.89 -9.53
C PHE A 399 28.62 -1.11 -8.83
N GLY A 400 27.40 -1.14 -9.36
CA GLY A 400 26.29 -0.43 -8.77
C GLY A 400 26.10 -0.84 -7.33
N GLY A 401 26.55 -2.04 -7.00
CA GLY A 401 26.57 -2.47 -5.61
C GLY A 401 27.81 -2.01 -4.90
N LEU A 402 28.99 -2.35 -5.44
CA LEU A 402 30.24 -2.08 -4.73
C LEU A 402 30.37 -0.60 -4.41
N TRP A 403 30.16 0.26 -5.41
CA TRP A 403 30.22 1.69 -5.17
C TRP A 403 29.35 2.08 -3.99
N GLY A 404 28.11 1.58 -3.96
CA GLY A 404 27.26 1.80 -2.81
C GLY A 404 28.02 1.55 -1.54
N ALA A 405 28.47 0.31 -1.34
CA ALA A 405 29.23 -0.04 -0.15
C ALA A 405 30.40 0.92 0.05
N PHE A 406 31.12 1.23 -1.03
CA PHE A 406 32.21 2.18 -0.93
C PHE A 406 31.71 3.53 -0.43
N PHE A 407 30.70 4.08 -1.11
CA PHE A 407 30.25 5.42 -0.76
C PHE A 407 29.78 5.47 0.70
N ILE A 408 28.89 4.57 1.07
CA ILE A 408 28.37 4.54 2.44
C ILE A 408 29.44 4.21 3.46
N ARG A 409 30.63 3.77 3.01
CA ARG A 409 31.74 3.56 3.92
C ARG A 409 32.69 4.74 3.95
N ALA A 410 32.70 5.59 2.93
CA ALA A 410 33.60 6.73 2.89
C ALA A 410 32.93 7.98 3.45
N ASN A 411 31.83 8.42 2.84
CA ASN A 411 31.20 9.66 3.25
C ASN A 411 30.85 9.62 4.73
N ILE A 412 30.22 8.52 5.18
CA ILE A 412 29.85 8.42 6.58
C ILE A 412 31.07 8.60 7.46
N ALA A 413 32.21 8.03 7.05
CA ALA A 413 33.45 8.27 7.78
C ALA A 413 33.83 9.74 7.73
N TRP A 414 33.89 10.32 6.53
CA TRP A 414 34.29 11.71 6.41
C TRP A 414 33.31 12.62 7.13
N CYS A 415 32.02 12.38 6.95
CA CYS A 415 31.02 13.20 7.64
C CYS A 415 31.22 13.15 9.15
N ARG A 416 31.82 12.06 9.66
CA ARG A 416 32.18 12.02 11.06
C ARG A 416 33.41 12.86 11.34
N ARG A 417 34.49 12.63 10.58
CA ARG A 417 35.74 13.31 10.85
C ARG A 417 35.58 14.83 10.75
N ARG A 418 34.86 15.29 9.74
CA ARG A 418 34.68 16.73 9.57
C ARG A 418 33.86 17.34 10.68
N LYS A 419 33.16 16.53 11.47
CA LYS A 419 32.36 17.03 12.58
C LYS A 419 33.10 17.00 13.91
N SER A 420 34.34 16.52 13.93
CA SER A 420 35.11 16.42 15.17
C SER A 420 36.43 17.18 15.12
N THR A 421 36.92 17.55 13.94
CA THR A 421 38.17 18.27 13.79
C THR A 421 37.87 19.75 13.55
N LYS A 422 38.93 20.56 13.66
CA LYS A 422 38.77 22.01 13.50
C LYS A 422 37.94 22.37 12.28
N PHE A 423 37.98 21.54 11.23
CA PHE A 423 37.30 21.90 9.99
C PHE A 423 35.82 22.16 10.19
N GLY A 424 35.22 21.59 11.24
CA GLY A 424 33.81 21.78 11.48
C GLY A 424 33.41 23.13 12.02
N LYS A 425 34.38 23.96 12.42
CA LYS A 425 34.08 25.29 12.93
C LYS A 425 34.16 26.37 11.86
N TYR A 426 34.37 26.00 10.60
CA TYR A 426 34.44 26.96 9.48
C TYR A 426 33.49 26.49 8.39
N PRO A 427 32.18 26.69 8.56
CA PRO A 427 31.23 26.23 7.53
C PRO A 427 31.36 27.00 6.23
N VAL A 428 31.33 28.33 6.33
CA VAL A 428 31.35 29.16 5.13
C VAL A 428 32.64 28.92 4.34
N LEU A 429 33.78 28.93 5.03
CA LEU A 429 35.04 28.74 4.34
C LEU A 429 35.14 27.33 3.77
N GLU A 430 34.60 26.34 4.48
CA GLU A 430 34.62 24.96 3.97
C GLU A 430 33.84 24.86 2.67
N VAL A 431 32.64 25.43 2.63
CA VAL A 431 31.83 25.35 1.43
C VAL A 431 32.46 26.15 0.30
N ILE A 432 33.07 27.30 0.62
CA ILE A 432 33.79 28.05 -0.40
C ILE A 432 34.89 27.20 -1.01
N ILE A 433 35.66 26.52 -0.17
CA ILE A 433 36.75 25.69 -0.66
C ILE A 433 36.21 24.56 -1.54
N VAL A 434 35.14 23.91 -1.10
CA VAL A 434 34.60 22.80 -1.89
C VAL A 434 34.07 23.29 -3.23
N ALA A 435 33.34 24.40 -3.23
CA ALA A 435 32.80 24.94 -4.48
C ALA A 435 33.92 25.39 -5.41
N ALA A 436 34.98 25.99 -4.85
CA ALA A 436 36.11 26.39 -5.66
C ALA A 436 36.77 25.17 -6.30
N ILE A 437 36.98 24.10 -5.53
CA ILE A 437 37.55 22.90 -6.09
C ILE A 437 36.66 22.35 -7.20
N THR A 438 35.34 22.35 -6.96
CA THR A 438 34.39 21.89 -7.96
C THR A 438 34.58 22.66 -9.25
N ALA A 439 34.37 23.97 -9.20
CA ALA A 439 34.42 24.77 -10.42
C ALA A 439 35.77 24.68 -11.10
N VAL A 440 36.86 24.72 -10.32
CA VAL A 440 38.20 24.72 -10.90
C VAL A 440 38.48 23.40 -11.61
N ILE A 441 37.96 22.30 -11.07
CA ILE A 441 38.15 20.99 -11.69
C ILE A 441 36.84 20.49 -12.31
N ALA A 442 35.96 21.40 -12.72
CA ALA A 442 34.73 21.05 -13.40
C ALA A 442 34.63 21.60 -14.81
N PHE A 443 35.25 22.75 -15.08
CA PHE A 443 35.12 23.36 -16.40
C PHE A 443 36.02 22.67 -17.42
N PRO A 444 37.27 22.34 -17.08
CA PRO A 444 38.14 21.72 -18.09
C PRO A 444 37.58 20.43 -18.67
N ASN A 445 36.95 19.60 -17.86
CA ASN A 445 36.33 18.39 -18.36
C ASN A 445 35.01 18.74 -19.02
N PRO A 446 34.79 18.34 -20.28
CA PRO A 446 33.57 18.79 -20.97
C PRO A 446 32.28 18.40 -20.26
N TYR A 447 32.23 17.20 -19.68
CA TYR A 447 30.98 16.72 -19.09
C TYR A 447 30.63 17.49 -17.82
N THR A 448 31.60 17.64 -16.92
CA THR A 448 31.30 18.28 -15.63
C THR A 448 30.98 19.75 -15.79
N ARG A 449 31.49 20.40 -16.84
CA ARG A 449 31.16 21.80 -17.08
C ARG A 449 29.67 22.01 -17.16
N LEU A 450 28.93 21.00 -17.62
CA LEU A 450 27.50 21.10 -17.82
C LEU A 450 26.75 20.61 -16.58
N ASN A 451 25.61 21.25 -16.30
CA ASN A 451 24.81 20.89 -15.15
C ASN A 451 24.56 19.39 -15.14
N THR A 452 24.54 18.82 -13.93
CA THR A 452 24.52 17.36 -13.81
C THR A 452 23.24 16.75 -14.36
N SER A 453 22.11 17.46 -14.27
CA SER A 453 20.88 16.97 -14.88
C SER A 453 21.05 16.85 -16.39
N GLU A 454 21.67 17.87 -17.00
CA GLU A 454 21.91 17.81 -18.45
C GLU A 454 22.91 16.72 -18.81
N LEU A 455 23.91 16.48 -17.96
CA LEU A 455 24.81 15.37 -18.20
C LEU A 455 24.07 14.04 -18.15
N ILE A 456 23.17 13.89 -17.18
CA ILE A 456 22.38 12.67 -17.09
C ILE A 456 21.54 12.49 -18.34
N LYS A 457 20.94 13.58 -18.83
CA LYS A 457 20.16 13.51 -20.06
C LYS A 457 21.03 13.06 -21.23
N GLU A 458 22.16 13.75 -21.44
CA GLU A 458 23.03 13.43 -22.56
C GLU A 458 23.54 11.99 -22.48
N LEU A 459 23.70 11.46 -21.26
CA LEU A 459 24.09 10.07 -21.12
C LEU A 459 22.93 9.12 -21.39
N PHE A 460 21.70 9.55 -21.08
CA PHE A 460 20.53 8.71 -21.36
C PHE A 460 20.32 8.54 -22.86
N THR A 461 20.31 9.64 -23.61
CA THR A 461 19.97 9.60 -25.02
C THR A 461 21.13 9.06 -25.84
N ASP A 462 20.86 8.07 -26.67
CA ASP A 462 21.85 7.57 -27.61
C ASP A 462 22.00 8.57 -28.76
N CYS A 463 23.16 8.53 -29.41
CA CYS A 463 23.47 9.43 -30.50
C CYS A 463 22.31 9.56 -31.47
N GLY A 464 21.82 10.78 -31.63
CA GLY A 464 20.74 11.04 -32.56
C GLY A 464 21.23 11.12 -33.99
N PRO A 465 20.28 11.11 -34.93
CA PRO A 465 20.68 11.21 -36.35
C PRO A 465 21.48 12.46 -36.65
N LEU A 466 21.14 13.58 -36.01
CA LEU A 466 21.87 14.83 -36.20
C LEU A 466 22.98 15.03 -35.17
N GLU A 467 23.15 14.10 -34.24
CA GLU A 467 24.19 14.24 -33.23
C GLU A 467 25.56 14.12 -33.88
N SER A 468 26.46 15.07 -33.55
CA SER A 468 27.82 15.07 -34.08
C SER A 468 28.82 15.40 -32.99
N SER A 469 28.49 15.11 -31.73
CA SER A 469 29.38 15.40 -30.62
C SER A 469 30.53 14.40 -30.58
N SER A 470 31.59 14.78 -29.86
CA SER A 470 32.74 13.89 -29.70
C SER A 470 32.37 12.62 -28.94
N LEU A 471 31.27 12.64 -28.19
CA LEU A 471 30.79 11.42 -27.52
C LEU A 471 30.44 10.33 -28.52
N CYS A 472 30.20 10.69 -29.79
CA CYS A 472 29.76 9.74 -30.80
C CYS A 472 30.77 9.66 -31.92
N ASP A 473 32.06 9.52 -31.58
CA ASP A 473 33.13 9.55 -32.57
C ASP A 473 33.11 8.28 -33.41
N TYR A 474 32.22 8.22 -34.38
CA TYR A 474 32.11 7.10 -35.32
C TYR A 474 32.23 7.62 -36.74
N ARG A 475 32.95 6.87 -37.57
CA ARG A 475 33.19 7.26 -38.95
C ARG A 475 31.86 7.49 -39.67
N ILE A 487 31.55 -4.35 -43.31
CA ILE A 487 32.02 -4.67 -41.97
C ILE A 487 30.81 -4.90 -41.06
N PRO A 488 30.76 -6.04 -40.37
CA PRO A 488 29.58 -6.32 -39.53
C PRO A 488 29.35 -5.30 -38.43
N ASP A 489 30.42 -4.73 -37.88
CA ASP A 489 30.32 -3.74 -36.82
C ASP A 489 30.66 -2.36 -37.36
N ARG A 490 29.96 -1.35 -36.85
CA ARG A 490 30.15 0.00 -37.34
C ARG A 490 31.58 0.46 -37.05
N PRO A 491 32.26 1.11 -38.00
CA PRO A 491 33.64 1.53 -37.75
C PRO A 491 33.71 2.60 -36.67
N ALA A 492 34.82 2.58 -35.94
CA ALA A 492 35.08 3.50 -34.84
C ALA A 492 36.32 4.32 -35.14
N GLY A 493 36.24 5.63 -34.86
CA GLY A 493 37.35 6.52 -35.11
C GLY A 493 38.31 6.60 -33.93
N VAL A 494 39.38 7.36 -34.13
CA VAL A 494 40.37 7.55 -33.08
C VAL A 494 39.79 8.35 -31.92
N GLY A 495 38.82 9.23 -32.20
CA GLY A 495 38.25 10.07 -31.16
C GLY A 495 37.58 9.29 -30.05
N VAL A 496 37.24 8.03 -30.28
CA VAL A 496 36.62 7.21 -29.23
C VAL A 496 37.57 7.07 -28.06
N TYR A 497 38.86 6.90 -28.33
CA TYR A 497 39.84 6.76 -27.25
C TYR A 497 39.88 8.03 -26.39
N SER A 498 39.94 9.19 -27.04
CA SER A 498 39.96 10.45 -26.29
C SER A 498 38.68 10.64 -25.51
N ALA A 499 37.54 10.26 -26.10
CA ALA A 499 36.28 10.35 -25.38
C ALA A 499 36.30 9.45 -24.15
N ILE A 500 36.87 8.25 -24.27
CA ILE A 500 36.97 7.35 -23.13
C ILE A 500 37.85 7.95 -22.05
N TRP A 501 39.00 8.53 -22.43
CA TRP A 501 39.85 9.19 -21.44
C TRP A 501 39.08 10.27 -20.70
N GLN A 502 38.44 11.17 -21.45
CA GLN A 502 37.73 12.28 -20.83
C GLN A 502 36.61 11.80 -19.93
N LEU A 503 35.87 10.78 -20.38
CA LEU A 503 34.71 10.31 -19.62
C LEU A 503 35.14 9.54 -18.38
N CYS A 504 36.24 8.77 -18.44
CA CYS A 504 36.71 8.10 -17.24
C CYS A 504 37.24 9.11 -16.23
N LEU A 505 37.91 10.16 -16.70
CA LEU A 505 38.30 11.23 -15.79
C LEU A 505 37.08 11.89 -15.16
N ALA A 506 36.02 12.10 -15.96
CA ALA A 506 34.80 12.66 -15.41
C ALA A 506 34.18 11.75 -14.35
N LEU A 507 34.19 10.43 -14.60
CA LEU A 507 33.70 9.50 -13.60
C LEU A 507 34.51 9.59 -12.32
N ILE A 508 35.84 9.63 -12.45
CA ILE A 508 36.69 9.72 -11.26
C ILE A 508 36.37 10.99 -10.49
N PHE A 509 36.24 12.12 -11.18
CA PHE A 509 35.92 13.36 -10.50
C PHE A 509 34.56 13.28 -9.81
N LYS A 510 33.56 12.70 -10.47
CA LYS A 510 32.23 12.66 -9.88
C LYS A 510 32.19 11.73 -8.67
N ILE A 511 32.90 10.61 -8.72
CA ILE A 511 32.93 9.69 -7.58
C ILE A 511 33.69 10.31 -6.41
N ILE A 512 34.75 11.07 -6.70
CA ILE A 512 35.56 11.64 -5.63
C ILE A 512 34.87 12.82 -4.98
N MET A 513 34.49 13.82 -5.78
CA MET A 513 33.99 15.07 -5.23
C MET A 513 32.64 14.89 -4.54
N THR A 514 31.81 13.98 -5.04
CA THR A 514 30.49 13.79 -4.45
C THR A 514 30.59 13.36 -2.98
N VAL A 515 31.63 12.60 -2.66
CA VAL A 515 31.78 12.10 -1.29
C VAL A 515 31.92 13.27 -0.32
N PHE A 516 32.72 14.26 -0.68
CA PHE A 516 33.09 15.32 0.25
C PHE A 516 32.01 16.39 0.42
N THR A 517 30.97 16.38 -0.41
CA THR A 517 30.05 17.52 -0.46
C THR A 517 28.75 17.32 0.31
N PHE A 518 28.28 16.08 0.47
CA PHE A 518 26.97 15.88 1.08
C PHE A 518 26.90 16.35 2.52
N GLY A 519 28.04 16.57 3.17
CA GLY A 519 28.05 17.03 4.54
C GLY A 519 28.35 18.51 4.66
N ILE A 520 27.76 19.32 3.78
CA ILE A 520 27.99 20.76 3.76
C ILE A 520 26.74 21.47 4.26
N LYS A 521 26.93 22.66 4.81
CA LYS A 521 25.84 23.42 5.40
C LYS A 521 25.11 24.19 4.30
N VAL A 522 24.71 23.49 3.24
CA VAL A 522 23.85 24.04 2.20
C VAL A 522 22.96 22.94 1.67
N PRO A 523 21.82 23.30 1.07
CA PRO A 523 20.92 22.27 0.55
C PRO A 523 21.65 21.36 -0.43
N SER A 524 21.36 20.07 -0.33
CA SER A 524 22.00 19.09 -1.19
C SER A 524 21.13 17.84 -1.25
N GLY A 525 21.38 17.01 -2.26
CA GLY A 525 20.68 15.76 -2.40
C GLY A 525 21.62 14.72 -2.97
N LEU A 526 21.23 13.46 -2.82
CA LEU A 526 22.02 12.34 -3.30
C LEU A 526 21.45 11.67 -4.53
N PHE A 527 20.18 11.92 -4.86
CA PHE A 527 19.61 11.34 -6.07
C PHE A 527 20.44 11.72 -7.30
N ILE A 528 20.72 13.01 -7.47
CA ILE A 528 21.42 13.45 -8.67
C ILE A 528 22.82 12.86 -8.78
N PRO A 529 23.70 12.99 -7.77
CA PRO A 529 25.03 12.38 -7.91
C PRO A 529 24.98 10.88 -8.15
N SER A 530 24.08 10.17 -7.48
CA SER A 530 23.98 8.73 -7.68
C SER A 530 23.56 8.40 -9.10
N MET A 531 22.51 9.07 -9.58
CA MET A 531 22.05 8.86 -10.94
C MET A 531 23.17 9.14 -11.94
N ALA A 532 23.88 10.25 -11.74
CA ALA A 532 24.93 10.64 -12.68
C ALA A 532 26.05 9.60 -12.70
N ILE A 533 26.50 9.17 -11.52
CA ILE A 533 27.61 8.21 -11.49
C ILE A 533 27.19 6.89 -12.11
N GLY A 534 25.98 6.42 -11.80
CA GLY A 534 25.51 5.19 -12.39
C GLY A 534 25.40 5.27 -13.90
N ALA A 535 24.83 6.36 -14.40
CA ALA A 535 24.70 6.53 -15.85
C ALA A 535 26.06 6.60 -16.52
N ILE A 536 27.02 7.28 -15.88
CA ILE A 536 28.36 7.36 -16.44
C ILE A 536 28.98 5.98 -16.55
N ALA A 537 28.87 5.19 -15.48
CA ALA A 537 29.42 3.84 -15.53
C ALA A 537 28.73 3.00 -16.61
N GLY A 538 27.40 3.15 -16.73
CA GLY A 538 26.69 2.41 -17.76
C GLY A 538 27.18 2.76 -19.15
N ARG A 539 27.36 4.05 -19.43
CA ARG A 539 27.84 4.45 -20.75
C ARG A 539 29.25 3.93 -20.99
N ILE A 540 30.11 3.95 -19.96
CA ILE A 540 31.46 3.42 -20.12
C ILE A 540 31.40 1.95 -20.52
N VAL A 541 30.62 1.16 -19.79
CA VAL A 541 30.56 -0.27 -20.10
C VAL A 541 29.95 -0.50 -21.48
N GLY A 542 28.98 0.33 -21.86
CA GLY A 542 28.37 0.18 -23.17
C GLY A 542 29.37 0.41 -24.30
N ILE A 543 30.15 1.48 -24.19
CA ILE A 543 31.16 1.75 -25.20
C ILE A 543 32.21 0.63 -25.20
N ALA A 544 32.59 0.15 -24.01
CA ALA A 544 33.58 -0.92 -23.94
C ALA A 544 33.09 -2.18 -24.64
N VAL A 545 31.83 -2.56 -24.41
CA VAL A 545 31.31 -3.77 -25.02
C VAL A 545 31.15 -3.58 -26.53
N GLU A 546 30.77 -2.38 -26.96
CA GLU A 546 30.70 -2.12 -28.40
C GLU A 546 32.06 -2.29 -29.06
N GLN A 547 33.10 -1.73 -28.44
CA GLN A 547 34.45 -1.88 -29.00
C GLN A 547 34.87 -3.34 -28.99
N LEU A 548 34.57 -4.06 -27.91
CA LEU A 548 34.95 -5.48 -27.85
C LEU A 548 34.28 -6.28 -28.95
N ALA A 549 32.98 -6.03 -29.18
CA ALA A 549 32.28 -6.72 -30.26
C ALA A 549 32.89 -6.35 -31.61
N TYR A 550 33.22 -5.08 -31.80
CA TYR A 550 33.81 -4.66 -33.07
C TYR A 550 35.13 -5.38 -33.32
N TYR A 551 35.98 -5.49 -32.29
CA TYR A 551 37.30 -6.08 -32.49
C TYR A 551 37.22 -7.59 -32.65
N HIS A 552 36.37 -8.26 -31.88
CA HIS A 552 36.35 -9.71 -31.80
C HIS A 552 34.95 -10.25 -32.10
N HIS A 553 34.36 -9.78 -33.19
CA HIS A 553 33.07 -10.30 -33.63
C HIS A 553 33.19 -11.72 -34.18
N ASP A 554 34.39 -12.16 -34.55
CA ASP A 554 34.54 -13.47 -35.19
C ASP A 554 34.11 -14.60 -34.27
N TRP A 555 34.13 -14.39 -32.95
CA TRP A 555 33.79 -15.46 -32.03
C TRP A 555 32.31 -15.84 -32.15
N PHE A 556 32.03 -17.12 -31.87
CA PHE A 556 30.67 -17.61 -31.98
C PHE A 556 29.72 -16.87 -31.06
N ILE A 557 30.23 -16.31 -29.96
CA ILE A 557 29.38 -15.64 -28.98
C ILE A 557 28.78 -14.35 -29.51
N PHE A 558 29.21 -13.87 -30.67
CA PHE A 558 28.73 -12.60 -31.20
C PHE A 558 28.06 -12.72 -32.56
N LYS A 559 28.59 -13.57 -33.46
CA LYS A 559 28.04 -13.66 -34.80
C LYS A 559 26.57 -14.09 -34.78
N GLU A 560 26.16 -14.83 -33.74
CA GLU A 560 24.79 -15.33 -33.69
C GLU A 560 23.79 -14.27 -33.27
N TRP A 561 24.24 -13.15 -32.70
CA TRP A 561 23.35 -12.13 -32.17
C TRP A 561 23.51 -10.78 -32.88
N CYS A 562 24.73 -10.31 -33.06
CA CYS A 562 24.96 -8.98 -33.61
C CYS A 562 24.82 -9.02 -35.13
N GLU A 563 23.86 -8.25 -35.64
CA GLU A 563 23.60 -8.24 -37.07
C GLU A 563 24.66 -7.41 -37.80
N VAL A 564 24.76 -7.64 -39.10
CA VAL A 564 25.72 -6.93 -39.93
C VAL A 564 25.10 -5.63 -40.44
N GLY A 565 25.88 -4.56 -40.41
CA GLY A 565 25.45 -3.28 -40.95
C GLY A 565 24.52 -2.49 -40.06
N ALA A 566 24.37 -2.87 -38.80
CA ALA A 566 23.48 -2.15 -37.88
C ALA A 566 24.04 -2.24 -36.47
N ASP A 567 23.60 -1.30 -35.64
CA ASP A 567 24.02 -1.28 -34.24
C ASP A 567 23.51 -2.52 -33.52
N CYS A 568 24.35 -3.09 -32.65
CA CYS A 568 24.01 -4.28 -31.90
C CYS A 568 23.75 -4.03 -30.43
N ILE A 569 24.17 -2.88 -29.90
CA ILE A 569 24.07 -2.59 -28.48
C ILE A 569 23.43 -1.21 -28.31
N THR A 570 22.80 -1.01 -27.15
CA THR A 570 22.09 0.23 -26.84
C THR A 570 22.68 0.81 -25.55
N PRO A 571 23.71 1.65 -25.65
CA PRO A 571 24.30 2.22 -24.43
C PRO A 571 23.34 3.06 -23.62
N GLY A 572 22.26 3.57 -24.22
CA GLY A 572 21.29 4.31 -23.43
C GLY A 572 20.66 3.47 -22.34
N LEU A 573 20.29 2.23 -22.67
CA LEU A 573 19.77 1.33 -21.66
C LEU A 573 20.83 1.00 -20.62
N TYR A 574 22.10 0.90 -21.03
CA TYR A 574 23.17 0.68 -20.08
C TYR A 574 23.28 1.84 -19.09
N ALA A 575 23.17 3.08 -19.58
CA ALA A 575 23.19 4.23 -18.70
C ALA A 575 22.01 4.22 -17.75
N MET A 576 20.82 3.90 -18.26
CA MET A 576 19.64 3.82 -17.41
C MET A 576 19.84 2.81 -16.28
N VAL A 577 20.28 1.61 -16.64
CA VAL A 577 20.43 0.55 -15.65
C VAL A 577 21.54 0.90 -14.67
N GLY A 578 22.62 1.52 -15.14
CA GLY A 578 23.67 1.93 -14.23
C GLY A 578 23.19 2.96 -13.23
N ALA A 579 22.46 3.96 -13.69
CA ALA A 579 21.91 4.96 -12.78
C ALA A 579 21.01 4.30 -11.74
N ALA A 580 20.08 3.47 -12.19
CA ALA A 580 19.17 2.83 -11.25
C ALA A 580 19.93 1.95 -10.27
N ALA A 581 20.93 1.21 -10.75
CA ALA A 581 21.67 0.30 -9.90
C ALA A 581 22.46 1.06 -8.84
N CYS A 582 23.13 2.15 -9.23
CA CYS A 582 23.90 2.91 -8.24
C CYS A 582 22.98 3.56 -7.22
N LEU A 583 21.85 4.11 -7.66
CA LEU A 583 20.92 4.70 -6.71
C LEU A 583 20.40 3.64 -5.74
N GLY A 584 20.05 2.45 -6.25
CA GLY A 584 19.60 1.40 -5.37
C GLY A 584 20.67 0.94 -4.40
N GLY A 585 21.91 0.84 -4.88
CA GLY A 585 23.01 0.38 -4.05
C GLY A 585 23.51 1.37 -3.03
N VAL A 586 23.24 2.66 -3.21
CA VAL A 586 23.59 3.67 -2.22
C VAL A 586 22.45 3.91 -1.25
N THR A 587 21.23 4.10 -1.75
CA THR A 587 20.07 4.38 -0.91
C THR A 587 19.22 3.16 -0.62
N ARG A 588 19.65 1.97 -1.04
CA ARG A 588 19.01 0.71 -0.65
C ARG A 588 17.50 0.73 -0.89
N MET A 589 17.10 1.24 -2.05
CA MET A 589 15.72 1.17 -2.50
C MET A 589 15.60 0.20 -3.66
N THR A 590 14.58 -0.66 -3.61
CA THR A 590 14.41 -1.72 -4.59
C THR A 590 13.15 -1.56 -5.43
N VAL A 591 11.99 -1.38 -4.80
CA VAL A 591 10.72 -1.33 -5.50
C VAL A 591 10.23 0.09 -5.73
N SER A 592 10.30 0.93 -4.69
CA SER A 592 9.91 2.33 -4.85
C SER A 592 10.78 3.00 -5.91
N LEU A 593 12.09 2.75 -5.86
CA LEU A 593 12.99 3.34 -6.84
C LEU A 593 12.64 2.89 -8.25
N VAL A 594 12.36 1.59 -8.43
CA VAL A 594 12.07 1.08 -9.77
C VAL A 594 10.74 1.64 -10.28
N VAL A 595 9.75 1.78 -9.41
CA VAL A 595 8.48 2.38 -9.83
C VAL A 595 8.69 3.83 -10.24
N ILE A 596 9.48 4.57 -9.45
CA ILE A 596 9.77 5.95 -9.79
C ILE A 596 10.49 6.02 -11.14
N VAL A 597 11.42 5.10 -11.39
CA VAL A 597 12.14 5.09 -12.66
C VAL A 597 11.19 4.81 -13.81
N PHE A 598 10.29 3.84 -13.62
CA PHE A 598 9.31 3.54 -14.65
C PHE A 598 8.45 4.76 -14.97
N GLU A 599 7.96 5.44 -13.94
CA GLU A 599 7.13 6.62 -14.17
C GLU A 599 7.93 7.73 -14.85
N LEU A 600 9.16 7.95 -14.40
CA LEU A 600 10.00 8.96 -15.02
C LEU A 600 10.27 8.64 -16.49
N THR A 601 10.60 7.39 -16.78
CA THR A 601 10.92 6.95 -18.13
C THR A 601 9.89 5.90 -18.55
N GLY A 602 8.95 6.31 -19.40
CA GLY A 602 7.93 5.38 -19.85
C GLY A 602 8.53 4.25 -20.68
N GLY A 603 7.81 3.14 -20.72
CA GLY A 603 8.26 1.98 -21.45
C GLY A 603 8.53 0.79 -20.56
N LEU A 604 7.70 -0.24 -20.65
CA LEU A 604 7.84 -1.43 -19.81
C LEU A 604 8.87 -2.40 -20.35
N GLU A 605 9.41 -2.17 -21.55
CA GLU A 605 10.40 -3.07 -22.11
C GLU A 605 11.73 -3.03 -21.34
N TYR A 606 11.91 -2.06 -20.44
CA TYR A 606 13.16 -1.92 -19.69
C TYR A 606 12.97 -2.18 -18.20
N ILE A 607 12.02 -3.05 -17.83
CA ILE A 607 11.84 -3.36 -16.42
C ILE A 607 12.69 -4.55 -16.01
N VAL A 608 12.90 -5.51 -16.92
CA VAL A 608 13.68 -6.70 -16.57
C VAL A 608 15.11 -6.34 -16.19
N PRO A 609 15.86 -5.58 -16.99
CA PRO A 609 17.24 -5.26 -16.58
C PRO A 609 17.31 -4.32 -15.41
N LEU A 610 16.35 -3.40 -15.28
CA LEU A 610 16.32 -2.54 -14.09
C LEU A 610 16.15 -3.39 -12.84
N MET A 611 15.21 -4.32 -12.84
CA MET A 611 15.03 -5.21 -11.70
C MET A 611 16.28 -6.02 -11.44
N ALA A 612 16.87 -6.59 -12.48
CA ALA A 612 18.05 -7.42 -12.29
C ALA A 612 19.18 -6.63 -11.65
N ALA A 613 19.48 -5.45 -12.20
CA ALA A 613 20.59 -4.66 -11.68
C ALA A 613 20.30 -4.15 -10.27
N VAL A 614 19.07 -3.71 -10.01
CA VAL A 614 18.75 -3.20 -8.68
C VAL A 614 18.89 -4.30 -7.65
N MET A 615 18.35 -5.49 -7.95
CA MET A 615 18.45 -6.60 -7.00
C MET A 615 19.91 -7.00 -6.78
N THR A 616 20.69 -7.06 -7.86
CA THR A 616 22.10 -7.43 -7.71
C THR A 616 22.86 -6.40 -6.87
N SER A 617 22.62 -5.12 -7.13
CA SER A 617 23.30 -4.08 -6.36
C SER A 617 22.89 -4.14 -4.89
N LYS A 618 21.60 -4.38 -4.62
CA LYS A 618 21.16 -4.50 -3.24
C LYS A 618 21.83 -5.69 -2.56
N TRP A 619 21.92 -6.82 -3.26
CA TRP A 619 22.59 -7.99 -2.68
C TRP A 619 24.04 -7.68 -2.35
N VAL A 620 24.76 -7.05 -3.29
CA VAL A 620 26.16 -6.73 -3.05
C VAL A 620 26.30 -5.75 -1.90
N GLY A 621 25.44 -4.74 -1.85
CA GLY A 621 25.55 -3.72 -0.81
C GLY A 621 25.27 -4.26 0.58
N ASP A 622 24.23 -5.11 0.70
CA ASP A 622 23.87 -5.60 2.03
C ASP A 622 25.03 -6.30 2.71
N ALA A 623 25.93 -6.91 1.94
CA ALA A 623 27.09 -7.57 2.52
C ALA A 623 28.05 -6.59 3.19
N PHE A 624 27.90 -5.29 2.93
CA PHE A 624 28.82 -4.30 3.49
C PHE A 624 28.06 -3.26 4.29
N GLY A 625 27.13 -3.71 5.14
CA GLY A 625 26.31 -2.79 5.91
C GLY A 625 24.90 -2.72 5.38
N ARG A 626 23.96 -3.31 6.10
CA ARG A 626 22.57 -3.42 5.65
C ARG A 626 21.77 -2.14 5.89
N GLU A 627 22.44 -1.03 6.19
CA GLU A 627 21.78 0.24 6.43
C GLU A 627 22.02 1.16 5.24
N GLY A 628 20.96 1.78 4.75
CA GLY A 628 21.10 2.73 3.68
C GLY A 628 21.84 3.99 4.12
N ILE A 629 22.30 4.75 3.13
CA ILE A 629 23.01 5.99 3.44
C ILE A 629 22.13 6.90 4.27
N TYR A 630 20.84 6.97 3.94
CA TYR A 630 19.92 7.76 4.74
C TYR A 630 19.82 7.21 6.16
N GLU A 631 19.76 5.88 6.30
CA GLU A 631 19.78 5.28 7.62
C GLU A 631 21.10 5.56 8.34
N ALA A 632 22.21 5.52 7.61
CA ALA A 632 23.50 5.80 8.24
C ALA A 632 23.56 7.22 8.76
N HIS A 633 23.01 8.20 8.02
CA HIS A 633 22.96 9.59 8.53
C HIS A 633 21.97 9.72 9.69
N ILE A 634 20.85 9.00 9.66
CA ILE A 634 19.93 9.08 10.79
C ILE A 634 20.59 8.53 12.04
N ARG A 635 21.42 7.50 11.86
CA ARG A 635 22.23 7.00 12.98
C ARG A 635 23.23 8.04 13.45
N LEU A 636 24.00 8.61 12.53
CA LEU A 636 25.05 9.55 12.91
C LEU A 636 24.48 10.75 13.66
N ASN A 637 23.34 11.28 13.17
CA ASN A 637 22.66 12.33 13.91
C ASN A 637 22.20 11.87 15.28
N GLY A 638 22.10 10.55 15.49
CA GLY A 638 21.67 10.04 16.78
C GLY A 638 20.20 10.18 17.05
N TYR A 639 19.39 10.39 16.02
CA TYR A 639 17.97 10.59 16.23
C TYR A 639 17.33 9.30 16.73
N PRO A 640 16.22 9.39 17.48
CA PRO A 640 15.56 8.18 17.99
C PRO A 640 14.70 7.48 16.94
N PHE A 641 15.35 6.67 16.11
CA PHE A 641 14.66 5.84 15.12
C PHE A 641 14.60 4.41 15.63
N LEU A 642 13.40 3.84 15.69
CA LEU A 642 13.18 2.49 16.20
C LEU A 642 13.15 1.56 14.99
N ASP A 643 14.30 0.96 14.70
CA ASP A 643 14.44 0.12 13.51
C ASP A 643 13.52 -1.08 13.58
N ALA A 644 12.98 -1.47 12.43
CA ALA A 644 12.12 -2.65 12.31
C ALA A 644 12.85 -3.83 11.67
N LYS A 645 14.18 -3.83 11.70
CA LYS A 645 14.98 -4.88 11.09
C LYS A 645 16.02 -5.46 12.04
N GLU A 646 15.95 -5.14 13.33
CA GLU A 646 16.91 -5.64 14.30
C GLU A 646 16.44 -6.97 14.89
N GLU A 647 17.40 -7.74 15.39
CA GLU A 647 17.15 -9.03 16.01
C GLU A 647 17.90 -9.10 17.34
N PHE A 648 17.23 -9.59 18.38
CA PHE A 648 17.82 -9.71 19.70
C PHE A 648 18.46 -11.09 19.82
N THR A 649 19.78 -11.12 19.99
CA THR A 649 20.48 -12.40 20.13
C THR A 649 20.24 -13.02 21.50
N HIS A 650 20.29 -12.21 22.55
CA HIS A 650 20.12 -12.71 23.90
C HIS A 650 18.64 -12.80 24.25
N THR A 651 18.28 -13.84 25.01
CA THR A 651 16.92 -14.03 25.48
C THR A 651 16.66 -13.18 26.73
N THR A 652 16.83 -11.87 26.56
CA THR A 652 16.73 -10.92 27.65
C THR A 652 15.29 -10.46 27.84
N LEU A 653 14.99 -10.04 29.06
CA LEU A 653 13.68 -9.53 29.44
C LEU A 653 13.77 -8.05 29.78
N ALA A 654 12.60 -7.42 29.93
CA ALA A 654 12.56 -6.05 30.42
C ALA A 654 13.16 -5.92 31.81
N ALA A 655 13.25 -7.04 32.54
CA ALA A 655 13.91 -7.01 33.85
C ALA A 655 15.35 -6.54 33.72
N ASP A 656 15.94 -6.68 32.53
CA ASP A 656 17.30 -6.20 32.29
C ASP A 656 17.35 -4.73 31.92
N VAL A 657 16.21 -4.08 31.72
CA VAL A 657 16.17 -2.71 31.21
C VAL A 657 15.28 -1.82 32.06
N MET A 658 14.60 -2.40 33.04
CA MET A 658 13.80 -1.58 33.94
C MET A 658 14.71 -0.64 34.72
N ARG A 659 14.36 0.64 34.74
CA ARG A 659 15.14 1.64 35.47
C ARG A 659 14.42 2.02 36.75
N PRO A 660 15.15 2.27 37.85
CA PRO A 660 16.61 2.31 38.02
C PRO A 660 17.29 0.95 38.06
N ARG A 661 18.62 0.99 38.04
CA ARG A 661 19.47 -0.17 38.20
C ARG A 661 20.09 -0.14 39.58
N ARG A 662 20.82 -1.21 39.94
CA ARG A 662 21.45 -1.24 41.26
C ARG A 662 22.44 -0.10 41.42
N SER A 663 23.00 0.40 40.33
CA SER A 663 24.03 1.44 40.37
C SER A 663 23.46 2.84 40.18
N ASP A 664 22.13 2.99 40.06
CA ASP A 664 21.53 4.29 39.84
C ASP A 664 20.61 4.66 41.00
N PRO A 665 20.46 5.95 41.30
CA PRO A 665 19.57 6.37 42.38
C PRO A 665 18.13 5.98 42.07
N PRO A 666 17.23 6.08 43.05
CA PRO A 666 15.86 5.63 42.83
C PRO A 666 15.01 6.61 42.04
N LEU A 667 13.96 6.07 41.43
CA LEU A 667 13.08 6.87 40.60
C LEU A 667 12.31 7.88 41.45
N ALA A 668 11.89 8.98 40.81
CA ALA A 668 11.08 9.99 41.46
C ALA A 668 9.61 9.68 41.24
N VAL A 669 8.87 9.53 42.35
CA VAL A 669 7.44 9.27 42.31
C VAL A 669 6.76 10.30 43.20
N LEU A 670 5.44 10.23 43.31
CA LEU A 670 4.70 11.24 44.05
C LEU A 670 3.63 10.59 44.93
N THR A 671 3.40 11.18 46.09
CA THR A 671 2.30 10.82 46.97
C THR A 671 1.10 11.70 46.64
N GLN A 672 -0.03 11.40 47.29
CA GLN A 672 -1.28 12.07 46.98
C GLN A 672 -1.76 12.99 48.09
N ASP A 673 -1.73 12.55 49.35
CA ASP A 673 -2.32 13.29 50.45
C ASP A 673 -1.29 14.08 51.27
N ASN A 674 -0.21 13.42 51.68
CA ASN A 674 0.78 14.09 52.53
C ASN A 674 1.51 15.22 51.82
N MET A 675 1.39 15.32 50.50
CA MET A 675 2.09 16.34 49.73
C MET A 675 1.28 17.63 49.66
N THR A 676 1.99 18.73 49.47
CA THR A 676 1.37 20.04 49.30
C THR A 676 2.04 20.80 48.16
N VAL A 677 1.70 22.09 48.01
CA VAL A 677 2.24 22.87 46.91
C VAL A 677 3.74 23.11 47.09
N ASP A 678 4.16 23.43 48.32
CA ASP A 678 5.58 23.73 48.55
C ASP A 678 6.44 22.50 48.27
N ASP A 679 6.03 21.35 48.79
CA ASP A 679 6.84 20.14 48.61
C ASP A 679 6.93 19.75 47.15
N ILE A 680 5.81 19.81 46.43
CA ILE A 680 5.83 19.43 45.03
C ILE A 680 6.67 20.40 44.22
N GLU A 681 6.58 21.69 44.52
CA GLU A 681 7.41 22.67 43.83
C GLU A 681 8.89 22.40 44.08
N ASN A 682 9.26 22.13 45.34
CA ASN A 682 10.65 21.85 45.64
C ASN A 682 11.13 20.59 44.93
N MET A 683 10.30 19.55 44.91
CA MET A 683 10.67 18.33 44.21
C MET A 683 10.86 18.58 42.72
N ILE A 684 9.96 19.36 42.11
CA ILE A 684 10.07 19.66 40.69
C ILE A 684 11.36 20.41 40.41
N ASN A 685 11.65 21.43 41.21
CA ASN A 685 12.88 22.20 41.00
C ASN A 685 14.12 21.35 41.18
N GLU A 686 14.04 20.30 42.01
CA GLU A 686 15.19 19.50 42.37
C GLU A 686 15.36 18.25 41.51
N THR A 687 14.54 18.07 40.48
CA THR A 687 14.64 16.92 39.60
C THR A 687 14.55 17.37 38.16
N SER A 688 15.13 16.56 37.26
CA SER A 688 15.20 16.87 35.84
C SER A 688 14.68 15.72 34.99
N TYR A 689 13.55 15.14 35.38
CA TYR A 689 12.99 13.99 34.69
C TYR A 689 11.81 14.45 33.84
N ASN A 690 11.05 13.49 33.28
CA ASN A 690 9.97 13.83 32.37
C ASN A 690 8.66 13.12 32.74
N GLY A 691 8.75 11.93 33.31
CA GLY A 691 7.57 11.16 33.68
C GLY A 691 7.60 10.75 35.13
N PHE A 692 6.44 10.80 35.78
CA PHE A 692 6.33 10.48 37.19
C PHE A 692 5.10 9.62 37.45
N PRO A 693 5.27 8.35 37.80
CA PRO A 693 4.14 7.59 38.35
C PRO A 693 3.76 8.09 39.74
N VAL A 694 2.53 7.81 40.12
CA VAL A 694 1.97 8.24 41.40
C VAL A 694 1.47 7.00 42.14
N ILE A 695 1.77 6.95 43.43
CA ILE A 695 1.56 5.77 44.26
C ILE A 695 0.85 6.19 45.55
N MET A 696 0.19 5.23 46.19
CA MET A 696 -0.45 5.49 47.47
C MET A 696 0.53 6.09 48.48
N SER A 697 1.66 5.42 48.68
CA SER A 697 2.62 5.84 49.69
C SER A 697 3.98 5.25 49.34
N LYS A 698 5.01 5.75 50.03
CA LYS A 698 6.38 5.32 49.75
C LYS A 698 6.55 3.83 50.04
N GLU A 699 6.03 3.36 51.17
CA GLU A 699 6.26 1.98 51.58
C GLU A 699 5.62 1.00 50.60
N SER A 700 4.41 1.28 50.13
CA SER A 700 3.71 0.34 49.26
C SER A 700 4.41 0.20 47.91
N GLN A 701 4.75 1.33 47.29
CA GLN A 701 5.39 1.34 45.98
C GLN A 701 4.52 0.60 44.94
N ARG A 702 3.21 0.76 45.07
CA ARG A 702 2.25 0.12 44.17
C ARG A 702 1.82 1.12 43.11
N LEU A 703 1.86 0.71 41.85
CA LEU A 703 1.46 1.58 40.76
C LEU A 703 0.00 1.98 40.92
N VAL A 704 -0.28 3.28 40.79
CA VAL A 704 -1.64 3.79 40.89
C VAL A 704 -1.95 4.61 39.64
N GLY A 705 -1.13 5.64 39.39
CA GLY A 705 -1.39 6.53 38.27
C GLY A 705 -0.09 7.00 37.66
N PHE A 706 -0.20 7.91 36.69
CA PHE A 706 0.97 8.42 36.00
C PHE A 706 0.71 9.86 35.58
N ALA A 707 1.79 10.62 35.42
CA ALA A 707 1.71 11.99 34.94
C ALA A 707 3.06 12.39 34.37
N LEU A 708 3.12 13.61 33.84
CA LEU A 708 4.32 14.13 33.18
C LEU A 708 4.78 15.39 33.89
N ARG A 709 6.09 15.66 33.78
CA ARG A 709 6.67 16.79 34.48
C ARG A 709 6.02 18.10 34.05
N ARG A 710 5.93 18.34 32.74
CA ARG A 710 5.42 19.62 32.27
C ARG A 710 3.95 19.81 32.66
N ASP A 711 3.13 18.78 32.46
CA ASP A 711 1.73 18.87 32.85
C ASP A 711 1.59 19.11 34.34
N LEU A 712 2.35 18.36 35.13
CA LEU A 712 2.28 18.53 36.58
C LEU A 712 2.66 19.95 36.98
N THR A 713 3.74 20.48 36.41
CA THR A 713 4.20 21.81 36.77
C THR A 713 3.17 22.87 36.41
N ILE A 714 2.63 22.79 35.18
CA ILE A 714 1.65 23.79 34.77
C ILE A 714 0.43 23.71 35.68
N ALA A 715 0.00 22.50 36.04
CA ALA A 715 -1.12 22.36 36.96
C ALA A 715 -0.79 22.98 38.32
N ILE A 716 0.44 22.79 38.79
CA ILE A 716 0.80 23.31 40.11
C ILE A 716 0.74 24.84 40.13
N GLU A 717 1.36 25.50 39.14
CA GLU A 717 1.31 26.95 39.19
C GLU A 717 -0.08 27.47 38.85
N SER A 718 -0.86 26.74 38.06
CA SER A 718 -2.25 27.14 37.83
C SER A 718 -3.05 27.11 39.13
N ALA A 719 -2.88 26.04 39.91
CA ALA A 719 -3.58 25.94 41.20
C ALA A 719 -3.10 27.02 42.15
N ARG A 720 -1.78 27.28 42.20
CA ARG A 720 -1.28 28.30 43.11
C ARG A 720 -1.80 29.68 42.73
N LYS A 721 -1.85 29.99 41.43
CA LYS A 721 -2.33 31.30 40.99
C LYS A 721 -3.78 31.52 41.37
N LYS A 722 -4.63 30.50 41.18
CA LYS A 722 -6.05 30.62 41.46
C LYS A 722 -6.41 30.01 42.80
N VAL A 732 -2.53 19.18 49.81
CA VAL A 732 -3.46 18.92 48.72
C VAL A 732 -3.64 17.40 48.56
N CYS A 733 -4.82 17.00 48.11
CA CYS A 733 -5.17 15.60 47.95
C CYS A 733 -5.38 15.28 46.48
N PHE A 734 -4.78 14.19 46.01
CA PHE A 734 -4.94 13.72 44.64
C PHE A 734 -5.85 12.51 44.52
N ALA A 735 -6.09 11.79 45.61
CA ALA A 735 -6.90 10.58 45.57
C ALA A 735 -8.38 10.96 45.48
N GLN A 736 -9.25 9.97 45.57
CA GLN A 736 -10.70 10.20 45.48
C GLN A 736 -11.17 11.13 46.58
N LEU A 749 -8.92 21.92 48.51
CA LEU A 749 -8.80 21.74 47.08
C LEU A 749 -8.33 20.32 46.75
N LYS A 750 -8.93 19.74 45.71
CA LYS A 750 -8.60 18.39 45.25
C LYS A 750 -8.18 18.46 43.79
N LEU A 751 -7.05 17.83 43.47
CA LEU A 751 -6.51 17.82 42.12
C LEU A 751 -6.55 16.41 41.51
N ARG A 752 -7.53 15.62 41.92
CA ARG A 752 -7.65 14.25 41.40
C ARG A 752 -7.95 14.25 39.90
N SER A 753 -8.83 15.13 39.45
CA SER A 753 -9.33 15.05 38.07
C SER A 753 -8.20 15.21 37.06
N ILE A 754 -7.32 16.18 37.27
CA ILE A 754 -6.24 16.44 36.31
C ILE A 754 -5.20 15.34 36.28
N LEU A 755 -5.19 14.45 37.26
CA LEU A 755 -4.21 13.38 37.34
C LEU A 755 -4.69 12.19 36.54
N ASP A 756 -3.95 11.83 35.49
CA ASP A 756 -4.29 10.66 34.70
C ASP A 756 -4.19 9.41 35.57
N MET A 757 -5.15 8.50 35.39
CA MET A 757 -5.30 7.34 36.28
C MET A 757 -5.21 6.00 35.56
N SER A 758 -5.07 5.98 34.25
CA SER A 758 -5.04 4.72 33.48
C SER A 758 -3.85 4.72 32.52
N PRO A 759 -2.64 4.67 33.05
CA PRO A 759 -1.46 4.57 32.19
C PRO A 759 -1.22 3.14 31.74
N PHE A 760 -0.64 3.00 30.56
CA PHE A 760 -0.33 1.68 30.02
C PHE A 760 0.78 1.04 30.82
N THR A 761 0.63 -0.25 31.10
CA THR A 761 1.61 -1.02 31.86
C THR A 761 1.98 -2.27 31.09
N VAL A 762 2.97 -3.00 31.62
CA VAL A 762 3.45 -4.25 31.06
C VAL A 762 4.07 -5.06 32.18
N THR A 763 3.99 -6.38 32.08
CA THR A 763 4.51 -7.26 33.12
C THR A 763 6.04 -7.21 33.14
N ASP A 764 6.60 -7.19 34.35
CA ASP A 764 8.03 -6.95 34.51
C ASP A 764 8.87 -8.01 33.81
N HIS A 765 8.46 -9.27 33.90
CA HIS A 765 9.20 -10.35 33.28
C HIS A 765 8.99 -10.43 31.77
N THR A 766 8.40 -9.39 31.18
CA THR A 766 8.14 -9.41 29.74
C THR A 766 9.44 -9.52 28.96
N PRO A 767 9.49 -10.33 27.90
CA PRO A 767 10.62 -10.22 26.96
C PRO A 767 10.63 -8.87 26.28
N MET A 768 11.83 -8.34 26.04
CA MET A 768 11.95 -7.00 25.47
C MET A 768 11.34 -6.91 24.08
N GLU A 769 11.31 -8.02 23.33
CA GLU A 769 10.81 -7.97 21.97
C GLU A 769 9.35 -7.52 21.94
N ILE A 770 8.53 -8.04 22.85
CA ILE A 770 7.13 -7.65 22.88
C ILE A 770 6.97 -6.19 23.23
N VAL A 771 7.79 -5.69 24.16
CA VAL A 771 7.72 -4.28 24.54
C VAL A 771 8.07 -3.40 23.34
N VAL A 772 9.13 -3.77 22.62
CA VAL A 772 9.51 -3.02 21.42
C VAL A 772 8.38 -3.06 20.41
N ASP A 773 7.75 -4.21 20.23
CA ASP A 773 6.68 -4.34 19.27
C ASP A 773 5.50 -3.45 19.65
N ILE A 774 5.14 -3.41 20.93
CA ILE A 774 4.03 -2.55 21.35
C ILE A 774 4.37 -1.10 21.12
N PHE A 775 5.59 -0.68 21.46
CA PHE A 775 5.97 0.72 21.20
C PHE A 775 5.91 1.04 19.71
N ARG A 776 6.41 0.15 18.86
CA ARG A 776 6.39 0.41 17.43
C ARG A 776 4.97 0.44 16.89
N LYS A 777 4.09 -0.40 17.45
CA LYS A 777 2.74 -0.51 16.91
C LYS A 777 1.85 0.64 17.38
N LEU A 778 1.71 0.81 18.69
CA LEU A 778 0.83 1.84 19.23
C LEU A 778 1.47 3.21 19.23
N GLY A 779 2.76 3.29 19.55
CA GLY A 779 3.46 4.56 19.56
C GLY A 779 3.42 5.25 20.92
N LEU A 780 3.83 4.54 21.96
CA LEU A 780 3.91 5.09 23.31
C LEU A 780 5.34 5.50 23.60
N ARG A 781 5.50 6.73 24.10
CA ARG A 781 6.83 7.21 24.47
C ARG A 781 7.48 6.29 25.50
N GLN A 782 6.75 5.96 26.56
CA GLN A 782 7.30 5.19 27.66
C GLN A 782 6.24 4.29 28.25
N CYS A 783 6.68 3.17 28.81
CA CYS A 783 5.81 2.24 29.50
C CYS A 783 6.35 1.97 30.89
N LEU A 784 5.45 1.92 31.87
CA LEU A 784 5.83 1.53 33.22
C LEU A 784 6.09 0.03 33.27
N VAL A 785 6.66 -0.41 34.39
CA VAL A 785 6.96 -1.82 34.61
C VAL A 785 6.83 -2.09 36.10
N THR A 786 5.95 -3.01 36.46
CA THR A 786 5.60 -3.29 37.84
C THR A 786 5.76 -4.77 38.15
N HIS A 787 5.97 -5.07 39.43
CA HIS A 787 6.10 -6.43 39.92
C HIS A 787 5.06 -6.65 41.01
N ASN A 788 4.27 -7.71 40.87
CA ASN A 788 3.24 -8.05 41.85
C ASN A 788 2.33 -6.86 42.14
N GLY A 789 2.20 -5.94 41.19
CA GLY A 789 1.52 -4.69 41.41
C GLY A 789 2.40 -3.59 41.98
N ARG A 790 3.61 -3.92 42.40
CA ARG A 790 4.53 -2.93 42.95
C ARG A 790 5.35 -2.33 41.80
N LEU A 791 5.20 -1.03 41.59
CA LEU A 791 5.93 -0.37 40.52
C LEU A 791 7.43 -0.53 40.70
N LEU A 792 8.11 -0.88 39.62
CA LEU A 792 9.56 -1.05 39.65
C LEU A 792 10.26 -0.01 38.79
N GLY A 793 9.92 0.12 37.51
CA GLY A 793 10.67 1.00 36.65
C GLY A 793 9.85 1.56 35.50
N ILE A 794 10.54 2.29 34.62
CA ILE A 794 9.94 2.87 33.43
C ILE A 794 10.94 2.74 32.29
N ILE A 795 10.45 2.41 31.10
CA ILE A 795 11.30 2.26 29.93
C ILE A 795 10.77 3.16 28.83
N THR A 796 11.66 3.96 28.23
CA THR A 796 11.34 4.92 27.20
C THR A 796 12.14 4.59 25.95
N LYS A 797 11.73 5.19 24.82
CA LYS A 797 12.36 4.91 23.54
C LYS A 797 13.87 5.11 23.61
N LYS A 798 14.30 6.19 24.25
CA LYS A 798 15.73 6.47 24.32
C LYS A 798 16.49 5.35 25.01
N ASP A 799 15.93 4.80 26.09
CA ASP A 799 16.61 3.71 26.80
C ASP A 799 16.69 2.46 25.93
N ILE A 800 15.63 2.15 25.20
CA ILE A 800 15.65 1.00 24.31
C ILE A 800 16.73 1.17 23.25
N LEU A 801 16.81 2.37 22.66
CA LEU A 801 17.85 2.63 21.68
C LEU A 801 19.23 2.52 22.30
N ARG A 802 19.41 3.04 23.52
CA ARG A 802 20.70 2.99 24.16
C ARG A 802 21.16 1.54 24.35
N HIS A 803 20.26 0.67 24.80
CA HIS A 803 20.60 -0.75 24.86
C HIS A 803 20.69 -1.39 23.48
N MET A 804 20.12 -0.77 22.45
CA MET A 804 20.24 -1.33 21.11
C MET A 804 21.68 -1.28 20.62
N ALA A 805 22.47 -0.34 21.13
CA ALA A 805 23.88 -0.23 20.76
C ALA A 805 24.60 -1.53 21.08
N GLY B 81 3.48 -30.99 19.30
CA GLY B 81 2.22 -31.12 20.01
C GLY B 81 1.74 -29.81 20.60
N VAL B 82 2.68 -28.95 20.97
CA VAL B 82 2.35 -27.66 21.57
C VAL B 82 2.09 -26.64 20.48
N GLY B 83 1.13 -25.75 20.72
CA GLY B 83 0.82 -24.67 19.81
C GLY B 83 -0.26 -24.97 18.80
N THR B 84 -0.88 -26.15 18.84
CA THR B 84 -1.95 -26.47 17.91
C THR B 84 -3.23 -25.75 18.33
N TYR B 85 -3.94 -25.23 17.34
CA TYR B 85 -5.17 -24.47 17.56
C TYR B 85 -6.38 -25.31 17.16
N ASP B 86 -7.38 -25.33 18.03
CA ASP B 86 -8.62 -26.03 17.74
C ASP B 86 -9.40 -25.29 16.66
N ASP B 87 -10.11 -26.05 15.83
CA ASP B 87 -10.85 -25.45 14.73
C ASP B 87 -11.93 -24.51 15.27
N PHE B 88 -12.28 -23.50 14.47
CA PHE B 88 -13.24 -22.48 14.85
C PHE B 88 -12.77 -21.74 16.11
N HIS B 89 -11.62 -21.08 15.98
CA HIS B 89 -11.08 -20.24 17.03
C HIS B 89 -10.27 -19.12 16.36
N THR B 90 -9.52 -18.37 17.17
CA THR B 90 -8.73 -17.26 16.69
C THR B 90 -7.27 -17.43 17.10
N ILE B 91 -6.36 -17.07 16.21
CA ILE B 91 -4.94 -17.28 16.44
C ILE B 91 -4.36 -16.15 17.29
N ASP B 92 -3.31 -16.48 18.04
CA ASP B 92 -2.55 -15.51 18.83
C ASP B 92 -1.22 -15.30 18.12
N TRP B 93 -1.04 -14.10 17.53
CA TRP B 93 0.06 -13.89 16.60
C TRP B 93 1.41 -13.72 17.28
N VAL B 94 1.45 -13.16 18.49
CA VAL B 94 2.74 -12.88 19.12
C VAL B 94 3.46 -14.18 19.46
N ARG B 95 2.73 -15.20 19.89
CA ARG B 95 3.35 -16.49 20.13
C ARG B 95 3.93 -17.05 18.84
N GLU B 96 3.23 -16.85 17.72
CA GLU B 96 3.76 -17.30 16.43
C GLU B 96 5.03 -16.54 16.07
N LYS B 97 5.06 -15.24 16.36
CA LYS B 97 6.27 -14.45 16.11
C LYS B 97 7.43 -14.97 16.95
N CYS B 98 7.17 -15.30 18.21
CA CYS B 98 8.23 -15.86 19.06
C CYS B 98 8.72 -17.20 18.53
N LYS B 99 7.78 -18.03 18.03
CA LYS B 99 8.18 -19.29 17.42
C LYS B 99 9.08 -19.05 16.21
N ASP B 100 8.71 -18.10 15.36
CA ASP B 100 9.54 -17.77 14.21
C ASP B 100 10.91 -17.26 14.67
N ARG B 101 10.95 -16.48 15.75
CA ARG B 101 12.21 -15.98 16.26
C ARG B 101 13.12 -17.13 16.70
N GLU B 102 12.57 -18.10 17.43
CA GLU B 102 13.40 -19.21 17.88
C GLU B 102 13.85 -20.06 16.70
N ARG B 103 12.99 -20.24 15.70
CA ARG B 103 13.40 -20.96 14.50
C ARG B 103 14.53 -20.23 13.78
N HIS B 104 14.45 -18.90 13.69
CA HIS B 104 15.51 -18.12 13.08
C HIS B 104 16.81 -18.26 13.85
N ARG B 105 16.74 -18.24 15.19
CA ARG B 105 17.93 -18.42 15.99
C ARG B 105 18.55 -19.79 15.74
N ARG B 106 17.71 -20.84 15.70
CA ARG B 106 18.23 -22.17 15.45
C ARG B 106 18.89 -22.25 14.08
N ILE B 107 18.27 -21.65 13.06
CA ILE B 107 18.85 -21.67 11.72
C ILE B 107 20.19 -20.94 11.71
N ASN B 108 20.26 -19.77 12.35
CA ASN B 108 21.49 -19.01 12.38
C ASN B 108 22.59 -19.76 13.13
N SER B 109 22.22 -20.57 14.12
CA SER B 109 23.22 -21.28 14.91
C SER B 109 24.10 -22.17 14.02
N LYS B 110 23.49 -22.91 13.09
CA LYS B 110 24.20 -23.82 12.22
C LYS B 110 24.34 -23.29 10.80
N LYS B 111 24.06 -22.01 10.57
CA LYS B 111 24.06 -21.46 9.22
C LYS B 111 25.45 -21.49 8.60
N LYS B 112 26.45 -20.96 9.32
CA LYS B 112 27.77 -20.71 8.76
C LYS B 112 28.73 -21.87 8.92
N GLU B 113 28.29 -23.00 9.46
CA GLU B 113 29.22 -24.09 9.75
C GLU B 113 29.60 -24.87 8.50
N SER B 114 28.67 -25.03 7.55
CA SER B 114 28.94 -25.85 6.38
C SER B 114 28.17 -25.30 5.19
N ALA B 115 28.63 -25.67 3.99
CA ALA B 115 27.99 -25.22 2.76
C ALA B 115 26.58 -25.78 2.63
N TRP B 116 26.38 -27.02 3.09
CA TRP B 116 25.05 -27.62 3.02
C TRP B 116 24.04 -26.83 3.85
N GLU B 117 24.46 -26.37 5.03
CA GLU B 117 23.59 -25.52 5.84
C GLU B 117 23.28 -24.23 5.10
N MET B 118 24.26 -23.66 4.39
CA MET B 118 24.00 -22.46 3.61
C MET B 118 22.98 -22.74 2.51
N THR B 119 23.09 -23.88 1.84
CA THR B 119 22.11 -24.22 0.80
C THR B 119 20.72 -24.35 1.39
N LYS B 120 20.61 -25.02 2.55
CA LYS B 120 19.30 -25.14 3.19
C LYS B 120 18.74 -23.78 3.58
N SER B 121 19.60 -22.90 4.11
CA SER B 121 19.14 -21.57 4.49
C SER B 121 18.67 -20.77 3.29
N LEU B 122 19.40 -20.84 2.17
CA LEU B 122 18.97 -20.13 0.98
C LEU B 122 17.66 -20.71 0.43
N TYR B 123 17.50 -22.03 0.48
CA TYR B 123 16.23 -22.63 0.08
C TYR B 123 15.09 -22.12 0.94
N ASP B 124 15.32 -22.06 2.27
CA ASP B 124 14.29 -21.54 3.15
C ASP B 124 13.97 -20.08 2.84
N ALA B 125 15.00 -19.28 2.56
CA ALA B 125 14.78 -17.87 2.24
C ALA B 125 13.96 -17.72 0.96
N TRP B 126 14.32 -18.48 -0.07
CA TRP B 126 13.59 -18.41 -1.34
C TRP B 126 12.22 -19.06 -1.26
N SER B 127 11.93 -19.82 -0.20
CA SER B 127 10.59 -20.37 -0.04
C SER B 127 9.53 -19.26 -0.05
N GLY B 128 9.89 -18.07 0.42
CA GLY B 128 8.95 -16.96 0.38
C GLY B 128 8.52 -16.60 -1.02
N TRP B 129 9.47 -16.55 -1.96
CA TRP B 129 9.11 -16.37 -3.36
C TRP B 129 8.40 -17.61 -3.90
N LEU B 130 8.83 -18.80 -3.48
CA LEU B 130 8.32 -20.03 -4.05
C LEU B 130 6.83 -20.21 -3.79
N VAL B 131 6.39 -19.91 -2.57
CA VAL B 131 4.98 -20.09 -2.25
C VAL B 131 4.11 -19.22 -3.15
N VAL B 132 4.47 -17.96 -3.29
CA VAL B 132 3.69 -17.06 -4.13
C VAL B 132 3.75 -17.50 -5.59
N THR B 133 4.94 -17.92 -6.05
CA THR B 133 5.08 -18.32 -7.44
C THR B 133 4.19 -19.52 -7.76
N LEU B 134 4.27 -20.57 -6.94
CA LEU B 134 3.45 -21.75 -7.17
C LEU B 134 1.97 -21.42 -7.03
N THR B 135 1.61 -20.59 -6.04
CA THR B 135 0.21 -20.22 -5.86
C THR B 135 -0.32 -19.51 -7.10
N GLY B 136 0.44 -18.55 -7.62
CA GLY B 136 0.00 -17.85 -8.82
C GLY B 136 -0.09 -18.75 -10.02
N LEU B 137 0.89 -19.64 -10.21
CA LEU B 137 0.86 -20.56 -11.34
C LEU B 137 -0.37 -21.46 -11.28
N ALA B 138 -0.61 -22.05 -10.10
CA ALA B 138 -1.77 -22.92 -9.95
C ALA B 138 -3.08 -22.15 -10.10
N SER B 139 -3.13 -20.91 -9.59
CA SER B 139 -4.34 -20.11 -9.74
C SER B 139 -4.61 -19.82 -11.21
N GLY B 140 -3.57 -19.49 -11.96
CA GLY B 140 -3.76 -19.24 -13.39
C GLY B 140 -4.24 -20.49 -14.12
N ALA B 141 -3.60 -21.63 -13.83
CA ALA B 141 -4.01 -22.87 -14.50
C ALA B 141 -5.45 -23.22 -14.16
N LEU B 142 -5.82 -23.11 -12.89
CA LEU B 142 -7.18 -23.43 -12.47
C LEU B 142 -8.18 -22.47 -13.10
N ALA B 143 -7.83 -21.18 -13.17
CA ALA B 143 -8.73 -20.21 -13.79
C ALA B 143 -8.93 -20.51 -15.27
N GLY B 144 -7.86 -20.88 -15.96
CA GLY B 144 -8.00 -21.26 -17.36
C GLY B 144 -8.90 -22.47 -17.52
N LEU B 145 -8.66 -23.51 -16.70
CA LEU B 145 -9.48 -24.71 -16.79
C LEU B 145 -10.94 -24.39 -16.50
N ILE B 146 -11.19 -23.60 -15.45
CA ILE B 146 -12.56 -23.26 -15.09
C ILE B 146 -13.21 -22.45 -16.19
N ASP B 147 -12.50 -21.49 -16.77
CA ASP B 147 -13.10 -20.67 -17.82
C ASP B 147 -13.47 -21.50 -19.03
N ILE B 148 -12.54 -22.35 -19.49
CA ILE B 148 -12.84 -23.16 -20.67
C ILE B 148 -13.99 -24.12 -20.37
N ALA B 149 -13.98 -24.77 -19.21
CA ALA B 149 -15.07 -25.68 -18.90
C ALA B 149 -16.39 -24.94 -18.79
N ALA B 150 -16.38 -23.74 -18.20
CA ALA B 150 -17.62 -23.00 -17.98
C ALA B 150 -18.23 -22.54 -19.28
N ASP B 151 -17.43 -21.92 -20.16
CA ASP B 151 -18.00 -21.45 -21.41
C ASP B 151 -18.42 -22.62 -22.28
N TRP B 152 -17.62 -23.69 -22.28
CA TRP B 152 -18.02 -24.89 -23.02
C TRP B 152 -19.37 -25.41 -22.55
N MET B 153 -19.53 -25.58 -21.23
CA MET B 153 -20.77 -26.14 -20.71
C MET B 153 -21.96 -25.22 -20.97
N THR B 154 -21.81 -23.93 -20.65
CA THR B 154 -22.92 -23.02 -20.89
C THR B 154 -23.24 -22.90 -22.37
N ASP B 155 -22.31 -23.29 -23.25
CA ASP B 155 -22.64 -23.36 -24.67
C ASP B 155 -23.46 -24.60 -24.99
N LEU B 156 -23.24 -25.69 -24.26
CA LEU B 156 -24.03 -26.91 -24.50
C LEU B 156 -25.51 -26.70 -24.25
N LYS B 157 -25.89 -25.68 -23.47
CA LYS B 157 -27.30 -25.46 -23.19
C LYS B 157 -28.09 -25.16 -24.46
N GLU B 158 -27.42 -24.66 -25.50
CA GLU B 158 -28.13 -24.26 -26.71
C GLU B 158 -28.17 -25.39 -27.74
N GLY B 159 -27.01 -25.90 -28.13
CA GLY B 159 -26.95 -26.94 -29.13
C GLY B 159 -25.59 -27.59 -29.17
N ILE B 160 -25.31 -28.28 -30.27
CA ILE B 160 -24.03 -28.97 -30.45
C ILE B 160 -23.56 -28.78 -31.89
N CYS B 161 -22.27 -28.97 -32.08
CA CYS B 161 -21.61 -28.91 -33.39
C CYS B 161 -21.20 -30.32 -33.78
N LEU B 162 -21.95 -30.92 -34.72
CA LEU B 162 -21.65 -32.29 -35.11
C LEU B 162 -20.24 -32.41 -35.68
N SER B 163 -19.84 -31.48 -36.54
CA SER B 163 -18.54 -31.59 -37.19
C SER B 163 -17.41 -31.60 -36.16
N ALA B 164 -17.49 -30.74 -35.15
CA ALA B 164 -16.49 -30.68 -34.08
C ALA B 164 -17.23 -30.74 -32.75
N LEU B 165 -17.20 -31.92 -32.12
CA LEU B 165 -17.89 -32.09 -30.84
C LEU B 165 -17.19 -31.32 -29.73
N TRP B 166 -15.86 -31.24 -29.77
CA TRP B 166 -15.12 -30.60 -28.69
C TRP B 166 -15.28 -29.09 -28.70
N TYR B 167 -15.52 -28.50 -29.88
CA TYR B 167 -15.67 -27.05 -29.96
C TYR B 167 -17.00 -26.63 -29.30
N ASN B 168 -17.25 -25.33 -29.32
CA ASN B 168 -18.51 -24.75 -28.86
C ASN B 168 -19.19 -24.06 -30.05
N HIS B 169 -20.31 -23.38 -29.77
CA HIS B 169 -21.08 -22.77 -30.85
C HIS B 169 -20.27 -21.71 -31.57
N GLU B 170 -19.57 -20.86 -30.83
CA GLU B 170 -18.86 -19.75 -31.46
C GLU B 170 -17.61 -20.21 -32.19
N GLN B 171 -16.91 -21.22 -31.70
CA GLN B 171 -15.77 -21.75 -32.43
C GLN B 171 -16.20 -22.30 -33.79
N CYS B 172 -17.30 -23.06 -33.81
CA CYS B 172 -17.79 -23.59 -35.07
C CYS B 172 -18.32 -22.49 -35.98
N CYS B 173 -19.00 -21.50 -35.41
CA CYS B 173 -19.49 -20.39 -36.22
C CYS B 173 -18.35 -19.63 -36.88
N TRP B 174 -17.28 -19.37 -36.12
CA TRP B 174 -16.11 -18.68 -36.67
C TRP B 174 -15.16 -19.62 -37.38
N GLY B 175 -15.28 -20.93 -37.16
CA GLY B 175 -14.41 -21.88 -37.82
C GLY B 175 -14.78 -22.10 -39.27
N SER B 176 -14.65 -21.05 -40.08
CA SER B 176 -15.00 -21.13 -41.49
C SER B 176 -14.47 -19.91 -42.24
N LYS B 186 -26.12 -17.96 -39.43
CA LYS B 186 -26.38 -19.11 -40.28
C LYS B 186 -25.18 -20.06 -40.28
N CYS B 187 -25.14 -20.93 -39.26
CA CYS B 187 -24.04 -21.88 -39.09
C CYS B 187 -24.57 -23.30 -39.16
N PRO B 188 -24.59 -23.94 -40.33
CA PRO B 188 -25.15 -25.30 -40.42
C PRO B 188 -24.43 -26.32 -39.55
N GLN B 189 -23.11 -26.20 -39.37
CA GLN B 189 -22.39 -27.19 -38.59
C GLN B 189 -22.73 -27.11 -37.11
N TRP B 190 -23.38 -26.03 -36.67
CA TRP B 190 -23.83 -25.87 -35.30
C TRP B 190 -25.35 -26.04 -35.30
N LYS B 191 -25.83 -27.22 -34.89
CA LYS B 191 -27.24 -27.51 -34.88
C LYS B 191 -27.80 -27.38 -33.47
N THR B 192 -29.13 -27.27 -33.41
CA THR B 192 -29.86 -27.25 -32.16
C THR B 192 -30.62 -28.58 -32.01
N TRP B 193 -31.37 -28.70 -30.92
CA TRP B 193 -32.07 -29.92 -30.57
C TRP B 193 -33.43 -30.04 -31.23
N ALA B 194 -34.12 -28.91 -31.46
CA ALA B 194 -35.37 -28.96 -32.21
C ALA B 194 -35.14 -29.57 -33.59
N GLU B 195 -34.14 -29.06 -34.31
CA GLU B 195 -33.78 -29.66 -35.59
C GLU B 195 -33.22 -31.06 -35.40
N LEU B 196 -32.51 -31.30 -34.31
CA LEU B 196 -31.90 -32.62 -34.10
C LEU B 196 -32.95 -33.70 -34.01
N ILE B 197 -34.06 -33.43 -33.31
CA ILE B 197 -35.12 -34.42 -33.13
C ILE B 197 -36.26 -34.11 -34.09
N ILE B 198 -36.90 -32.95 -33.90
CA ILE B 198 -38.06 -32.61 -34.72
C ILE B 198 -37.65 -32.38 -36.17
N GLY B 199 -36.47 -31.82 -36.40
CA GLY B 199 -36.04 -31.49 -37.74
C GLY B 199 -36.53 -30.15 -38.25
N GLN B 200 -37.15 -29.34 -37.40
CA GLN B 200 -37.69 -28.05 -37.78
C GLN B 200 -36.98 -26.95 -37.00
N ALA B 201 -36.45 -25.96 -37.71
CA ALA B 201 -35.68 -24.89 -37.11
C ALA B 201 -36.51 -23.65 -36.80
N GLU B 202 -37.81 -23.68 -37.07
CA GLU B 202 -38.66 -22.51 -36.89
C GLU B 202 -40.08 -22.96 -36.54
N GLY B 203 -40.87 -22.01 -36.06
CA GLY B 203 -42.26 -22.26 -35.74
C GLY B 203 -42.47 -22.51 -34.26
N PRO B 204 -43.74 -22.51 -33.83
CA PRO B 204 -44.01 -22.74 -32.39
C PRO B 204 -43.45 -24.05 -31.89
N GLY B 205 -43.51 -25.12 -32.69
CA GLY B 205 -43.04 -26.41 -32.22
C GLY B 205 -41.58 -26.41 -31.84
N SER B 206 -40.73 -25.87 -32.72
CA SER B 206 -39.29 -25.81 -32.43
C SER B 206 -39.03 -24.91 -31.23
N TYR B 207 -39.74 -23.79 -31.15
CA TYR B 207 -39.58 -22.88 -30.02
C TYR B 207 -39.88 -23.60 -28.71
N ILE B 208 -41.00 -24.32 -28.65
CA ILE B 208 -41.39 -25.02 -27.44
C ILE B 208 -40.39 -26.12 -27.11
N MET B 209 -39.92 -26.85 -28.13
CA MET B 209 -38.96 -27.91 -27.87
C MET B 209 -37.67 -27.34 -27.29
N ASN B 210 -37.16 -26.25 -27.87
CA ASN B 210 -35.94 -25.65 -27.34
C ASN B 210 -36.16 -25.11 -25.94
N TYR B 211 -37.31 -24.50 -25.69
CA TYR B 211 -37.65 -23.98 -24.37
C TYR B 211 -37.64 -25.09 -23.33
N ILE B 212 -38.36 -26.18 -23.61
CA ILE B 212 -38.49 -27.25 -22.64
C ILE B 212 -37.13 -27.90 -22.40
N MET B 213 -36.33 -28.07 -23.46
CA MET B 213 -34.97 -28.55 -23.27
C MET B 213 -34.17 -27.63 -22.37
N TYR B 214 -34.27 -26.32 -22.62
CA TYR B 214 -33.46 -25.38 -21.87
C TYR B 214 -33.76 -25.50 -20.39
N ILE B 215 -35.05 -25.56 -20.06
CA ILE B 215 -35.42 -25.78 -18.67
C ILE B 215 -34.82 -27.08 -18.17
N PHE B 216 -34.94 -28.15 -18.97
CA PHE B 216 -34.45 -29.47 -18.53
C PHE B 216 -32.96 -29.44 -18.25
N TRP B 217 -32.18 -28.86 -19.16
CA TRP B 217 -30.73 -28.86 -19.01
C TRP B 217 -30.29 -27.97 -17.86
N ALA B 218 -30.97 -26.83 -17.67
CA ALA B 218 -30.69 -26.00 -16.51
C ALA B 218 -30.94 -26.77 -15.23
N LEU B 219 -32.06 -27.48 -15.17
CA LEU B 219 -32.34 -28.30 -13.98
C LEU B 219 -31.26 -29.35 -13.79
N SER B 220 -30.81 -29.97 -14.87
CA SER B 220 -29.81 -31.02 -14.74
C SER B 220 -28.51 -30.48 -14.15
N PHE B 221 -28.00 -29.38 -14.71
CA PHE B 221 -26.77 -28.81 -14.17
C PHE B 221 -26.95 -28.35 -12.73
N ALA B 222 -28.06 -27.67 -12.43
CA ALA B 222 -28.27 -27.19 -11.07
C ALA B 222 -28.30 -28.35 -10.07
N PHE B 223 -29.13 -29.36 -10.37
CA PHE B 223 -29.26 -30.51 -9.49
C PHE B 223 -27.92 -31.21 -9.30
N LEU B 224 -27.19 -31.46 -10.38
CA LEU B 224 -25.96 -32.22 -10.24
C LEU B 224 -24.92 -31.43 -9.46
N ALA B 225 -24.84 -30.11 -9.71
CA ALA B 225 -23.91 -29.28 -8.95
C ALA B 225 -24.23 -29.31 -7.46
N VAL B 226 -25.51 -29.15 -7.13
CA VAL B 226 -25.89 -29.10 -5.72
C VAL B 226 -25.66 -30.45 -5.06
N SER B 227 -25.99 -31.54 -5.75
CA SER B 227 -25.74 -32.85 -5.18
C SER B 227 -24.26 -33.06 -4.94
N LEU B 228 -23.41 -32.67 -5.89
CA LEU B 228 -21.98 -32.86 -5.74
C LEU B 228 -21.45 -32.05 -4.56
N VAL B 229 -21.85 -30.78 -4.44
CA VAL B 229 -21.35 -29.96 -3.35
C VAL B 229 -21.83 -30.51 -2.01
N LYS B 230 -23.11 -30.89 -1.93
CA LYS B 230 -23.63 -31.41 -0.67
C LYS B 230 -22.89 -32.67 -0.25
N VAL B 231 -22.69 -33.60 -1.19
CA VAL B 231 -22.12 -34.89 -0.83
C VAL B 231 -20.63 -34.75 -0.49
N PHE B 232 -19.89 -33.99 -1.28
CA PHE B 232 -18.43 -34.05 -1.22
C PHE B 232 -17.76 -32.88 -0.52
N ALA B 233 -18.38 -31.70 -0.50
CA ALA B 233 -17.72 -30.55 0.11
C ALA B 233 -18.76 -29.53 0.60
N PRO B 234 -19.09 -29.50 1.89
CA PRO B 234 -20.12 -28.57 2.35
C PRO B 234 -19.63 -27.13 2.51
N TYR B 235 -18.33 -26.87 2.38
CA TYR B 235 -17.79 -25.53 2.55
C TYR B 235 -17.62 -24.77 1.25
N ALA B 236 -18.06 -25.32 0.12
CA ALA B 236 -18.04 -24.58 -1.14
C ALA B 236 -19.15 -23.53 -1.21
N CYS B 237 -20.04 -23.48 -0.22
CA CYS B 237 -21.20 -22.60 -0.26
C CYS B 237 -20.79 -21.14 -0.31
N GLY B 238 -21.77 -20.25 -0.46
CA GLY B 238 -21.51 -18.83 -0.46
C GLY B 238 -20.48 -18.44 -1.50
N SER B 239 -20.06 -17.17 -1.40
CA SER B 239 -19.09 -16.64 -2.35
C SER B 239 -17.67 -17.05 -1.96
N GLY B 240 -17.22 -16.62 -0.79
CA GLY B 240 -15.91 -16.98 -0.31
C GLY B 240 -15.11 -15.79 0.20
N ILE B 241 -15.68 -14.59 0.08
CA ILE B 241 -15.02 -13.39 0.58
C ILE B 241 -15.20 -13.29 2.10
N PRO B 242 -16.41 -13.52 2.62
CA PRO B 242 -16.55 -13.47 4.10
C PRO B 242 -15.61 -14.41 4.81
N GLU B 243 -15.60 -15.69 4.42
CA GLU B 243 -14.76 -16.66 5.09
C GLU B 243 -13.29 -16.31 4.95
N ILE B 244 -12.86 -15.85 3.77
CA ILE B 244 -11.45 -15.50 3.59
C ILE B 244 -11.07 -14.30 4.45
N LYS B 245 -11.94 -13.28 4.48
CA LYS B 245 -11.68 -12.14 5.34
C LYS B 245 -11.51 -12.58 6.79
N THR B 246 -12.36 -13.49 7.25
CA THR B 246 -12.24 -13.98 8.61
C THR B 246 -10.99 -14.84 8.80
N ILE B 247 -10.59 -15.59 7.76
CA ILE B 247 -9.41 -16.44 7.87
C ILE B 247 -8.15 -15.62 8.03
N LEU B 248 -8.01 -14.57 7.22
CA LEU B 248 -6.76 -13.79 7.28
C LEU B 248 -6.61 -13.09 8.63
N SER B 249 -7.72 -12.66 9.23
CA SER B 249 -7.64 -11.97 10.51
C SER B 249 -7.02 -12.84 11.60
N GLY B 250 -7.09 -14.16 11.46
CA GLY B 250 -6.54 -15.06 12.45
C GLY B 250 -7.49 -16.14 12.87
N PHE B 251 -8.61 -16.28 12.14
CA PHE B 251 -9.54 -17.37 12.38
C PHE B 251 -8.98 -18.67 11.82
N ILE B 252 -9.57 -19.78 12.23
CA ILE B 252 -9.16 -21.10 11.77
C ILE B 252 -10.40 -21.86 11.31
N ILE B 253 -10.35 -22.36 10.07
CA ILE B 253 -11.35 -23.29 9.57
C ILE B 253 -10.60 -24.37 8.80
N ARG B 254 -10.41 -25.53 9.43
CA ARG B 254 -9.50 -26.53 8.87
C ARG B 254 -9.97 -26.99 7.49
N GLY B 255 -11.26 -27.22 7.34
CA GLY B 255 -11.78 -27.79 6.11
C GLY B 255 -12.07 -26.77 5.02
N TYR B 256 -12.23 -25.50 5.38
CA TYR B 256 -12.67 -24.51 4.41
C TYR B 256 -11.63 -24.25 3.33
N LEU B 257 -10.41 -24.74 3.50
CA LEU B 257 -9.38 -24.56 2.48
C LEU B 257 -8.58 -25.84 2.31
N GLY B 258 -9.19 -27.00 2.57
CA GLY B 258 -8.47 -28.25 2.57
C GLY B 258 -8.10 -28.73 1.19
N LYS B 259 -7.32 -29.82 1.18
CA LYS B 259 -6.93 -30.43 -0.09
C LYS B 259 -8.13 -30.86 -0.90
N TRP B 260 -9.21 -31.28 -0.24
CA TRP B 260 -10.37 -31.79 -0.95
C TRP B 260 -11.21 -30.67 -1.56
N THR B 261 -11.34 -29.53 -0.87
CA THR B 261 -12.26 -28.51 -1.31
C THR B 261 -11.86 -27.86 -2.62
N LEU B 262 -10.59 -27.99 -3.03
CA LEU B 262 -10.17 -27.40 -4.29
C LEU B 262 -10.90 -28.04 -5.47
N MET B 263 -10.80 -29.37 -5.59
CA MET B 263 -11.41 -30.06 -6.71
C MET B 263 -12.91 -29.81 -6.75
N ILE B 264 -13.58 -30.04 -5.62
CA ILE B 264 -15.04 -29.90 -5.59
C ILE B 264 -15.44 -28.46 -5.86
N LYS B 265 -14.73 -27.50 -5.27
CA LYS B 265 -15.07 -26.10 -5.48
C LYS B 265 -14.97 -25.73 -6.94
N THR B 266 -13.86 -26.10 -7.59
CA THR B 266 -13.72 -25.78 -9.00
C THR B 266 -14.81 -26.43 -9.83
N ILE B 267 -15.06 -27.72 -9.61
CA ILE B 267 -16.04 -28.44 -10.43
C ILE B 267 -17.43 -27.83 -10.26
N THR B 268 -17.82 -27.60 -9.01
CA THR B 268 -19.17 -27.09 -8.77
C THR B 268 -19.32 -25.64 -9.19
N LEU B 269 -18.25 -24.83 -9.11
CA LEU B 269 -18.33 -23.48 -9.65
C LEU B 269 -18.53 -23.52 -11.15
N VAL B 270 -17.79 -24.38 -11.84
CA VAL B 270 -17.97 -24.52 -13.28
C VAL B 270 -19.41 -24.91 -13.59
N LEU B 271 -19.91 -25.95 -12.91
CA LEU B 271 -21.24 -26.46 -13.21
C LEU B 271 -22.34 -25.51 -12.76
N ALA B 272 -22.05 -24.60 -11.83
CA ALA B 272 -23.04 -23.63 -11.39
C ALA B 272 -23.12 -22.46 -12.36
N VAL B 273 -21.97 -21.91 -12.75
CA VAL B 273 -22.00 -20.88 -13.78
C VAL B 273 -22.52 -21.45 -15.08
N ALA B 274 -22.42 -22.77 -15.28
CA ALA B 274 -23.01 -23.38 -16.46
C ALA B 274 -24.52 -23.17 -16.48
N SER B 275 -25.18 -23.35 -15.34
CA SER B 275 -26.64 -23.21 -15.29
C SER B 275 -27.11 -21.82 -15.64
N GLY B 276 -26.22 -20.83 -15.64
CA GLY B 276 -26.62 -19.48 -15.95
C GLY B 276 -27.27 -18.74 -14.81
N LEU B 277 -27.27 -19.33 -13.61
CA LEU B 277 -27.82 -18.64 -12.45
C LEU B 277 -27.21 -17.26 -12.31
N SER B 278 -27.89 -16.38 -11.60
CA SER B 278 -27.39 -15.01 -11.41
C SER B 278 -26.21 -15.04 -10.45
N LEU B 279 -25.09 -15.60 -10.91
CA LEU B 279 -23.94 -15.80 -10.06
C LEU B 279 -22.71 -16.00 -10.94
N GLY B 280 -21.58 -15.44 -10.51
CA GLY B 280 -20.39 -15.36 -11.32
C GLY B 280 -19.31 -16.34 -10.89
N LYS B 281 -18.29 -16.42 -11.74
CA LYS B 281 -17.11 -17.25 -11.48
C LYS B 281 -15.85 -16.41 -11.33
N GLU B 282 -15.98 -15.12 -11.06
CA GLU B 282 -14.82 -14.24 -10.92
C GLU B 282 -14.43 -14.09 -9.44
N GLY B 283 -15.34 -13.57 -8.64
CA GLY B 283 -15.08 -13.32 -7.25
C GLY B 283 -14.74 -14.58 -6.49
N PRO B 284 -15.63 -15.57 -6.53
CA PRO B 284 -15.39 -16.81 -5.79
C PRO B 284 -14.09 -17.49 -6.18
N LEU B 285 -13.56 -17.22 -7.38
CA LEU B 285 -12.31 -17.85 -7.78
C LEU B 285 -11.18 -17.52 -6.80
N VAL B 286 -11.29 -16.40 -6.08
CA VAL B 286 -10.27 -16.05 -5.10
C VAL B 286 -10.11 -17.20 -4.13
N HIS B 287 -11.23 -17.75 -3.65
CA HIS B 287 -11.19 -18.91 -2.77
C HIS B 287 -10.34 -20.00 -3.39
N VAL B 288 -10.60 -20.33 -4.66
CA VAL B 288 -9.80 -21.34 -5.34
C VAL B 288 -8.34 -20.95 -5.28
N ALA B 289 -8.02 -19.71 -5.65
CA ALA B 289 -6.65 -19.25 -5.56
C ALA B 289 -6.10 -19.49 -4.16
N CYS B 290 -6.86 -19.05 -3.14
CA CYS B 290 -6.41 -19.24 -1.77
C CYS B 290 -6.03 -20.69 -1.54
N CYS B 291 -6.91 -21.61 -1.95
CA CYS B 291 -6.66 -23.03 -1.72
C CYS B 291 -5.27 -23.40 -2.20
N CYS B 292 -4.92 -22.99 -3.43
CA CYS B 292 -3.60 -23.29 -3.96
C CYS B 292 -2.54 -23.01 -2.90
N GLY B 293 -2.46 -21.76 -2.46
CA GLY B 293 -1.51 -21.40 -1.43
C GLY B 293 -1.51 -22.42 -0.33
N ASN B 294 -2.67 -22.57 0.33
CA ASN B 294 -2.79 -23.51 1.43
C ASN B 294 -2.11 -24.82 1.09
N ILE B 295 -2.55 -25.47 0.01
CA ILE B 295 -2.05 -26.80 -0.30
C ILE B 295 -0.53 -26.77 -0.43
N PHE B 296 -0.01 -25.83 -1.21
CA PHE B 296 1.42 -25.77 -1.41
C PHE B 296 2.15 -25.37 -0.13
N SER B 297 1.51 -24.54 0.70
CA SER B 297 2.12 -24.21 1.98
C SER B 297 2.34 -25.45 2.81
N TYR B 298 1.59 -26.53 2.57
CA TYR B 298 1.79 -27.76 3.32
C TYR B 298 3.16 -28.38 3.04
N LEU B 299 3.72 -28.14 1.86
CA LEU B 299 4.97 -28.77 1.50
C LEU B 299 6.17 -28.13 2.18
N PHE B 300 6.16 -26.82 2.39
CA PHE B 300 7.21 -26.14 3.13
C PHE B 300 6.86 -26.12 4.61
N PRO B 301 7.67 -26.72 5.49
CA PRO B 301 7.34 -26.67 6.92
C PRO B 301 7.24 -25.28 7.49
N LYS B 302 8.03 -24.33 6.98
CA LYS B 302 8.11 -23.00 7.59
C LYS B 302 6.73 -22.33 7.63
N TYR B 303 6.01 -22.36 6.50
CA TYR B 303 4.74 -21.68 6.39
C TYR B 303 3.57 -22.53 6.85
N SER B 304 3.82 -23.78 7.27
CA SER B 304 2.77 -24.66 7.76
C SER B 304 2.60 -24.52 9.28
N THR B 305 3.68 -24.74 10.03
CA THR B 305 3.59 -24.64 11.48
C THR B 305 3.25 -23.22 11.91
N ASN B 306 3.85 -22.21 11.26
CA ASN B 306 3.63 -20.82 11.63
C ASN B 306 2.33 -20.34 10.99
N GLU B 307 1.40 -19.86 11.83
CA GLU B 307 0.10 -19.43 11.31
C GLU B 307 0.21 -18.09 10.59
N ALA B 308 0.98 -17.14 11.13
CA ALA B 308 1.06 -15.82 10.52
C ALA B 308 1.65 -15.90 9.12
N LYS B 309 2.62 -16.79 8.92
CA LYS B 309 3.20 -16.94 7.59
C LYS B 309 2.18 -17.45 6.59
N LYS B 310 1.37 -18.44 6.99
CA LYS B 310 0.30 -18.91 6.11
C LYS B 310 -0.71 -17.80 5.85
N ARG B 311 -0.98 -16.97 6.87
CA ARG B 311 -1.91 -15.87 6.68
C ARG B 311 -1.38 -14.87 5.66
N GLU B 312 -0.08 -14.58 5.71
CA GLU B 312 0.51 -13.70 4.71
C GLU B 312 0.43 -14.31 3.32
N VAL B 313 0.71 -15.62 3.22
CA VAL B 313 0.61 -16.28 1.92
C VAL B 313 -0.83 -16.21 1.40
N LEU B 314 -1.80 -16.34 2.29
CA LEU B 314 -3.21 -16.27 1.87
C LEU B 314 -3.58 -14.84 1.48
N SER B 315 -3.03 -13.84 2.16
CA SER B 315 -3.27 -12.47 1.73
C SER B 315 -2.70 -12.21 0.35
N ALA B 316 -1.56 -12.83 0.04
CA ALA B 316 -1.01 -12.71 -1.31
C ALA B 316 -1.89 -13.44 -2.33
N ALA B 317 -2.30 -14.66 -2.00
CA ALA B 317 -3.14 -15.43 -2.91
C ALA B 317 -4.48 -14.76 -3.14
N SER B 318 -4.99 -13.98 -2.18
CA SER B 318 -6.22 -13.25 -2.40
C SER B 318 -6.05 -12.23 -3.53
N ALA B 319 -4.97 -11.45 -3.48
CA ALA B 319 -4.70 -10.51 -4.57
C ALA B 319 -4.52 -11.25 -5.88
N ALA B 320 -3.81 -12.38 -5.85
CA ALA B 320 -3.60 -13.15 -7.08
C ALA B 320 -4.94 -13.61 -7.65
N GLY B 321 -5.82 -14.13 -6.81
CA GLY B 321 -7.11 -14.61 -7.28
C GLY B 321 -7.97 -13.51 -7.84
N VAL B 322 -8.01 -12.36 -7.16
CA VAL B 322 -8.81 -11.25 -7.67
C VAL B 322 -8.24 -10.75 -8.98
N SER B 323 -6.90 -10.71 -9.09
CA SER B 323 -6.27 -10.30 -10.35
C SER B 323 -6.64 -11.25 -11.49
N VAL B 324 -6.62 -12.55 -11.22
CA VAL B 324 -7.01 -13.51 -12.25
C VAL B 324 -8.47 -13.31 -12.62
N ALA B 325 -9.32 -13.11 -11.62
CA ALA B 325 -10.75 -12.97 -11.87
C ALA B 325 -11.03 -11.74 -12.74
N PHE B 326 -10.39 -10.62 -12.44
CA PHE B 326 -10.64 -9.38 -13.17
C PHE B 326 -9.53 -9.01 -14.14
N GLY B 327 -8.39 -9.69 -14.11
CA GLY B 327 -7.27 -9.27 -14.95
C GLY B 327 -6.77 -7.89 -14.57
N ALA B 328 -6.69 -7.59 -13.28
CA ALA B 328 -6.29 -6.28 -12.77
C ALA B 328 -5.24 -6.49 -11.69
N PRO B 329 -4.00 -6.77 -12.07
CA PRO B 329 -2.98 -7.10 -11.05
C PRO B 329 -2.82 -6.02 -9.98
N ILE B 330 -2.79 -4.75 -10.37
CA ILE B 330 -2.71 -3.69 -9.37
C ILE B 330 -4.01 -3.61 -8.58
N GLY B 331 -5.14 -3.72 -9.28
CA GLY B 331 -6.41 -3.84 -8.59
C GLY B 331 -6.44 -5.03 -7.65
N GLY B 332 -5.86 -6.15 -8.08
CA GLY B 332 -5.81 -7.33 -7.23
C GLY B 332 -5.00 -7.11 -5.97
N VAL B 333 -3.86 -6.44 -6.10
CA VAL B 333 -3.04 -6.16 -4.92
C VAL B 333 -3.78 -5.21 -3.98
N LEU B 334 -4.35 -4.14 -4.53
CA LEU B 334 -5.07 -3.18 -3.69
C LEU B 334 -6.29 -3.82 -3.04
N PHE B 335 -6.89 -4.83 -3.69
CA PHE B 335 -8.05 -5.52 -3.14
C PHE B 335 -7.71 -6.17 -1.80
N SER B 336 -6.56 -6.86 -1.73
CA SER B 336 -6.18 -7.53 -0.49
C SER B 336 -6.01 -6.53 0.65
N LEU B 337 -5.35 -5.41 0.39
CA LEU B 337 -5.20 -4.39 1.41
C LEU B 337 -6.55 -3.83 1.83
N GLU B 338 -7.45 -3.61 0.88
CA GLU B 338 -8.68 -2.89 1.20
C GLU B 338 -9.68 -3.77 1.94
N GLU B 339 -10.14 -4.86 1.31
CA GLU B 339 -11.29 -5.58 1.84
C GLU B 339 -11.07 -7.07 2.12
N VAL B 340 -9.83 -7.55 2.08
CA VAL B 340 -9.59 -8.97 2.35
C VAL B 340 -8.61 -9.14 3.50
N SER B 341 -7.40 -8.60 3.34
CA SER B 341 -6.39 -8.75 4.37
C SER B 341 -6.77 -7.96 5.62
N TYR B 342 -6.40 -8.50 6.78
CA TYR B 342 -6.61 -7.86 8.07
C TYR B 342 -5.34 -7.24 8.62
N TYR B 343 -4.21 -7.91 8.43
CA TYR B 343 -2.90 -7.44 8.91
C TYR B 343 -1.94 -7.36 7.75
N PHE B 344 -1.17 -6.29 7.71
CA PHE B 344 -0.20 -6.09 6.63
C PHE B 344 1.07 -5.43 7.17
N PRO B 345 2.18 -6.16 7.28
CA PRO B 345 3.44 -5.55 7.70
C PRO B 345 4.16 -4.79 6.59
N LEU B 346 3.58 -4.73 5.39
CA LEU B 346 4.10 -3.94 4.27
C LEU B 346 5.36 -4.55 3.68
N LYS B 347 5.88 -5.62 4.28
CA LYS B 347 7.01 -6.34 3.72
C LYS B 347 6.60 -7.45 2.78
N THR B 348 5.30 -7.73 2.68
CA THR B 348 4.76 -8.73 1.77
C THR B 348 4.02 -8.11 0.59
N LEU B 349 4.04 -6.77 0.46
CA LEU B 349 3.36 -6.15 -0.67
C LEU B 349 3.99 -6.57 -1.99
N TRP B 350 5.31 -6.71 -2.02
CA TRP B 350 5.95 -7.24 -3.21
C TRP B 350 5.50 -8.67 -3.48
N ARG B 351 5.26 -9.45 -2.42
CA ARG B 351 4.73 -10.80 -2.62
C ARG B 351 3.37 -10.77 -3.28
N SER B 352 2.48 -9.90 -2.81
CA SER B 352 1.15 -9.81 -3.43
C SER B 352 1.25 -9.34 -4.86
N PHE B 353 2.12 -8.36 -5.12
CA PHE B 353 2.29 -7.84 -6.48
C PHE B 353 2.82 -8.92 -7.41
N PHE B 354 3.81 -9.69 -6.95
CA PHE B 354 4.33 -10.78 -7.77
C PHE B 354 3.27 -11.87 -7.98
N ALA B 355 2.46 -12.14 -6.96
CA ALA B 355 1.40 -13.13 -7.12
C ALA B 355 0.41 -12.69 -8.17
N ALA B 356 -0.02 -11.43 -8.11
CA ALA B 356 -0.95 -10.90 -9.09
C ALA B 356 -0.36 -10.82 -10.49
N LEU B 357 0.95 -10.57 -10.61
CA LEU B 357 1.57 -10.62 -11.92
C LEU B 357 1.64 -12.04 -12.46
N VAL B 358 2.10 -12.98 -11.64
CA VAL B 358 2.29 -14.35 -12.12
C VAL B 358 0.95 -14.96 -12.52
N ALA B 359 -0.08 -14.77 -11.67
CA ALA B 359 -1.37 -15.35 -11.98
C ALA B 359 -1.96 -14.76 -13.25
N ALA B 360 -1.84 -13.44 -13.41
CA ALA B 360 -2.34 -12.81 -14.63
C ALA B 360 -1.59 -13.30 -15.86
N PHE B 361 -0.26 -13.43 -15.75
CA PHE B 361 0.53 -13.92 -16.88
C PHE B 361 0.12 -15.32 -17.25
N VAL B 362 -0.07 -16.19 -16.26
CA VAL B 362 -0.48 -17.56 -16.55
C VAL B 362 -1.85 -17.58 -17.21
N LEU B 363 -2.78 -16.76 -16.70
CA LEU B 363 -4.11 -16.73 -17.30
C LEU B 363 -4.06 -16.29 -18.75
N ARG B 364 -3.31 -15.22 -19.04
CA ARG B 364 -3.27 -14.73 -20.42
C ARG B 364 -2.53 -15.70 -21.34
N SER B 365 -1.51 -16.38 -20.84
CA SER B 365 -0.77 -17.34 -21.67
C SER B 365 -1.66 -18.51 -22.07
N ILE B 366 -2.50 -19.00 -21.15
CA ILE B 366 -3.32 -20.17 -21.41
C ILE B 366 -4.50 -19.77 -22.28
N ASN B 367 -4.52 -20.26 -23.52
CA ASN B 367 -5.63 -20.08 -24.44
C ASN B 367 -5.56 -21.18 -25.50
N PRO B 368 -5.71 -22.45 -25.10
CA PRO B 368 -5.49 -23.54 -26.06
C PRO B 368 -6.40 -23.49 -27.28
N PHE B 369 -7.63 -23.01 -27.13
CA PHE B 369 -8.60 -23.02 -28.21
C PHE B 369 -8.45 -21.83 -29.15
N GLY B 370 -7.50 -20.93 -28.90
CA GLY B 370 -7.26 -19.80 -29.76
C GLY B 370 -7.79 -18.48 -29.26
N ASN B 371 -8.33 -18.42 -28.05
CA ASN B 371 -8.83 -17.16 -27.51
C ASN B 371 -7.68 -16.18 -27.30
N SER B 372 -7.96 -14.91 -27.57
CA SER B 372 -6.97 -13.85 -27.42
C SER B 372 -7.19 -12.99 -26.18
N ARG B 373 -8.43 -12.78 -25.77
CA ARG B 373 -8.71 -11.93 -24.63
C ARG B 373 -8.31 -12.61 -23.33
N LEU B 374 -7.79 -11.82 -22.39
CA LEU B 374 -7.49 -12.35 -21.06
C LEU B 374 -8.76 -12.83 -20.38
N VAL B 375 -9.84 -12.06 -20.52
CA VAL B 375 -11.15 -12.43 -19.98
C VAL B 375 -12.17 -12.31 -21.10
N LEU B 376 -13.31 -12.97 -20.90
CA LEU B 376 -14.36 -12.95 -21.92
C LEU B 376 -14.76 -11.54 -22.30
N PHE B 377 -14.75 -10.61 -21.33
CA PHE B 377 -15.32 -9.28 -21.51
C PHE B 377 -14.27 -8.19 -21.32
N TYR B 378 -13.06 -8.41 -21.84
CA TYR B 378 -12.07 -7.34 -21.87
C TYR B 378 -12.40 -6.41 -23.04
N VAL B 379 -12.67 -5.15 -22.72
CA VAL B 379 -13.12 -4.18 -23.72
C VAL B 379 -12.26 -2.93 -23.64
N GLU B 380 -12.21 -2.20 -24.76
CA GLU B 380 -11.49 -0.95 -24.86
C GLU B 380 -12.39 0.08 -25.55
N TYR B 381 -12.16 1.35 -25.25
CA TYR B 381 -13.02 2.43 -25.70
C TYR B 381 -12.20 3.56 -26.30
N HIS B 382 -12.79 4.22 -27.29
CA HIS B 382 -12.22 5.43 -27.88
C HIS B 382 -13.32 6.45 -28.14
N THR B 383 -14.24 6.61 -27.18
CA THR B 383 -15.34 7.54 -27.30
C THR B 383 -15.18 8.70 -26.31
N PRO B 384 -15.61 9.92 -26.68
CA PRO B 384 -15.48 11.05 -25.76
C PRO B 384 -16.71 11.23 -24.88
N TRP B 385 -16.66 12.21 -23.97
CA TRP B 385 -17.81 12.56 -23.16
C TRP B 385 -17.74 14.06 -22.84
N TYR B 386 -18.91 14.63 -22.56
CA TYR B 386 -19.05 16.07 -22.41
C TYR B 386 -19.19 16.45 -20.95
N LEU B 387 -18.79 17.69 -20.64
CA LEU B 387 -18.92 18.19 -19.28
C LEU B 387 -20.38 18.31 -18.87
N PHE B 388 -21.23 18.83 -19.76
CA PHE B 388 -22.66 18.90 -19.47
C PHE B 388 -23.23 17.52 -19.20
N GLU B 389 -22.61 16.48 -19.74
CA GLU B 389 -23.05 15.11 -19.49
C GLU B 389 -22.83 14.68 -18.04
N LEU B 390 -22.28 15.55 -17.19
CA LEU B 390 -21.98 15.16 -15.82
C LEU B 390 -23.25 14.98 -14.99
N PHE B 391 -24.25 15.84 -15.21
CA PHE B 391 -25.45 15.81 -14.38
C PHE B 391 -26.11 14.44 -14.30
N PRO B 392 -26.34 13.72 -15.40
CA PRO B 392 -27.04 12.42 -15.28
C PRO B 392 -26.29 11.35 -14.49
N PHE B 393 -24.95 11.26 -14.56
CA PHE B 393 -24.29 10.25 -13.74
C PHE B 393 -24.74 10.35 -12.29
N ILE B 394 -24.76 11.55 -11.73
CA ILE B 394 -25.18 11.71 -10.34
C ILE B 394 -26.55 11.10 -10.15
N LEU B 395 -27.49 11.43 -11.05
CA LEU B 395 -28.80 10.80 -10.99
C LEU B 395 -28.67 9.29 -11.01
N LEU B 396 -27.97 8.76 -12.02
CA LEU B 396 -27.69 7.33 -12.05
C LEU B 396 -26.94 6.91 -10.80
N GLY B 397 -26.01 7.73 -10.34
CA GLY B 397 -25.30 7.42 -9.12
C GLY B 397 -26.26 7.13 -7.98
N VAL B 398 -27.33 7.94 -7.87
CA VAL B 398 -28.30 7.70 -6.82
C VAL B 398 -28.83 6.29 -6.91
N PHE B 399 -29.24 5.88 -8.11
CA PHE B 399 -29.66 4.49 -8.30
C PHE B 399 -28.53 3.55 -7.90
N GLY B 400 -27.34 3.77 -8.44
CA GLY B 400 -26.21 2.92 -8.15
C GLY B 400 -25.96 2.82 -6.67
N GLY B 401 -26.39 3.84 -5.93
CA GLY B 401 -26.32 3.78 -4.48
C GLY B 401 -27.61 3.26 -3.90
N LEU B 402 -28.74 3.82 -4.33
CA LEU B 402 -30.02 3.49 -3.71
C LEU B 402 -30.30 2.00 -3.83
N TRP B 403 -30.12 1.45 -5.03
CA TRP B 403 -30.28 0.01 -5.21
C TRP B 403 -29.43 -0.75 -4.20
N GLY B 404 -28.18 -0.34 -4.02
CA GLY B 404 -27.34 -0.92 -3.00
C GLY B 404 -28.10 -1.05 -1.70
N ALA B 405 -28.57 0.09 -1.19
CA ALA B 405 -29.30 0.08 0.07
C ALA B 405 -30.46 -0.90 0.02
N PHE B 406 -31.19 -0.90 -1.09
CA PHE B 406 -32.28 -1.86 -1.26
C PHE B 406 -31.76 -3.29 -1.16
N PHE B 407 -30.74 -3.62 -1.96
CA PHE B 407 -30.28 -5.01 -2.02
C PHE B 407 -29.78 -5.46 -0.66
N ILE B 408 -28.88 -4.69 -0.05
CA ILE B 408 -28.34 -5.06 1.25
C ILE B 408 -29.39 -5.03 2.34
N ARG B 409 -30.59 -4.50 2.06
CA ARG B 409 -31.69 -4.57 3.00
C ARG B 409 -32.64 -5.72 2.71
N ALA B 410 -32.64 -6.24 1.48
CA ALA B 410 -33.55 -7.33 1.12
C ALA B 410 -32.88 -8.69 1.29
N ASN B 411 -31.77 -8.92 0.58
CA ASN B 411 -31.15 -10.24 0.62
C ASN B 411 -30.78 -10.62 2.05
N ILE B 412 -30.15 -9.69 2.77
CA ILE B 412 -29.76 -10.00 4.15
C ILE B 412 -30.98 -10.42 4.96
N ALA B 413 -32.12 -9.76 4.73
CA ALA B 413 -33.36 -10.18 5.37
C ALA B 413 -33.74 -11.58 4.90
N TRP B 414 -33.81 -11.78 3.58
CA TRP B 414 -34.21 -13.09 3.06
C TRP B 414 -33.23 -14.17 3.50
N CYS B 415 -31.93 -13.88 3.39
CA CYS B 415 -30.93 -14.85 3.83
C CYS B 415 -31.16 -15.26 5.28
N ARG B 416 -31.73 -14.36 6.09
CA ARG B 416 -32.10 -14.73 7.45
C ARG B 416 -33.33 -15.64 7.46
N ARG B 417 -34.39 -15.21 6.79
CA ARG B 417 -35.65 -15.95 6.86
C ARG B 417 -35.48 -17.37 6.33
N ARG B 418 -34.76 -17.53 5.23
CA ARG B 418 -34.56 -18.85 4.66
C ARG B 418 -33.72 -19.75 5.54
N LYS B 419 -33.02 -19.20 6.53
CA LYS B 419 -32.22 -19.99 7.45
C LYS B 419 -32.96 -20.35 8.74
N SER B 420 -34.21 -19.91 8.89
CA SER B 420 -34.99 -20.19 10.09
C SER B 420 -36.29 -20.92 9.83
N THR B 421 -36.88 -20.77 8.65
CA THR B 421 -38.12 -21.46 8.30
C THR B 421 -37.80 -22.82 7.69
N LYS B 422 -38.83 -23.66 7.56
CA LYS B 422 -38.66 -25.00 7.03
C LYS B 422 -37.85 -25.01 5.73
N PHE B 423 -37.89 -23.92 4.97
CA PHE B 423 -37.24 -23.89 3.67
C PHE B 423 -35.75 -24.19 3.75
N GLY B 424 -35.14 -23.98 4.92
CA GLY B 424 -33.72 -24.22 5.07
C GLY B 424 -33.33 -25.68 5.20
N LYS B 425 -34.29 -26.58 5.34
CA LYS B 425 -34.00 -28.00 5.45
C LYS B 425 -34.07 -28.73 4.11
N TYR B 426 -34.30 -28.01 3.02
CA TYR B 426 -34.39 -28.61 1.69
C TYR B 426 -33.46 -27.84 0.74
N PRO B 427 -32.15 -28.09 0.81
CA PRO B 427 -31.23 -27.36 -0.06
C PRO B 427 -31.41 -27.72 -1.53
N VAL B 428 -31.40 -29.02 -1.82
CA VAL B 428 -31.47 -29.45 -3.22
C VAL B 428 -32.78 -29.03 -3.85
N LEU B 429 -33.89 -29.23 -3.14
CA LEU B 429 -35.18 -28.86 -3.70
C LEU B 429 -35.29 -27.36 -3.88
N GLU B 430 -34.78 -26.60 -2.91
CA GLU B 430 -34.84 -25.14 -3.02
C GLU B 430 -34.06 -24.64 -4.22
N VAL B 431 -32.84 -25.16 -4.41
CA VAL B 431 -32.02 -24.71 -5.53
C VAL B 431 -32.62 -25.17 -6.86
N ILE B 432 -33.18 -26.38 -6.91
CA ILE B 432 -33.90 -26.81 -8.11
C ILE B 432 -35.02 -25.82 -8.43
N ILE B 433 -35.79 -25.44 -7.42
CA ILE B 433 -36.91 -24.52 -7.66
C ILE B 433 -36.38 -23.18 -8.16
N VAL B 434 -35.32 -22.67 -7.56
CA VAL B 434 -34.80 -21.37 -7.97
C VAL B 434 -34.30 -21.43 -9.40
N ALA B 435 -33.51 -22.46 -9.74
CA ALA B 435 -32.97 -22.57 -11.08
C ALA B 435 -34.09 -22.75 -12.10
N ALA B 436 -35.12 -23.52 -11.76
CA ALA B 436 -36.26 -23.68 -12.65
C ALA B 436 -36.95 -22.35 -12.88
N ILE B 437 -37.14 -21.56 -11.83
CA ILE B 437 -37.75 -20.25 -12.00
C ILE B 437 -36.91 -19.39 -12.91
N THR B 438 -35.58 -19.39 -12.70
CA THR B 438 -34.70 -18.64 -13.58
C THR B 438 -34.91 -19.04 -15.02
N ALA B 439 -34.65 -20.31 -15.34
CA ALA B 439 -34.71 -20.75 -16.73
C ALA B 439 -36.08 -20.48 -17.34
N VAL B 440 -37.16 -20.73 -16.59
CA VAL B 440 -38.50 -20.52 -17.11
C VAL B 440 -38.74 -19.05 -17.40
N ILE B 441 -38.18 -18.16 -16.59
CA ILE B 441 -38.33 -16.72 -16.80
C ILE B 441 -37.01 -16.11 -17.27
N ALA B 442 -36.16 -16.90 -17.93
CA ALA B 442 -34.91 -16.41 -18.49
C ALA B 442 -34.80 -16.59 -19.99
N PHE B 443 -35.44 -17.61 -20.55
CA PHE B 443 -35.32 -17.90 -21.97
C PHE B 443 -36.19 -16.96 -22.80
N PRO B 444 -37.44 -16.70 -22.40
CA PRO B 444 -38.28 -15.82 -23.22
C PRO B 444 -37.69 -14.43 -23.42
N ASN B 445 -37.06 -13.86 -22.40
CA ASN B 445 -36.48 -12.53 -22.56
C ASN B 445 -35.17 -12.63 -23.32
N PRO B 446 -34.98 -11.87 -24.40
CA PRO B 446 -33.77 -12.05 -25.21
C PRO B 446 -32.48 -11.85 -24.43
N TYR B 447 -32.44 -10.85 -23.54
CA TYR B 447 -31.20 -10.54 -22.84
C TYR B 447 -30.84 -11.62 -21.83
N THR B 448 -31.80 -12.00 -20.98
CA THR B 448 -31.49 -12.93 -19.91
C THR B 448 -31.17 -14.33 -20.44
N ARG B 449 -31.73 -14.69 -21.60
CA ARG B 449 -31.39 -15.98 -22.19
C ARG B 449 -29.89 -16.12 -22.39
N LEU B 450 -29.20 -15.01 -22.60
CA LEU B 450 -27.76 -15.02 -22.86
C LEU B 450 -27.00 -14.96 -21.55
N ASN B 451 -25.86 -15.64 -21.52
CA ASN B 451 -25.02 -15.64 -20.33
C ASN B 451 -24.74 -14.22 -19.88
N THR B 452 -24.67 -14.02 -18.57
CA THR B 452 -24.63 -12.67 -18.03
C THR B 452 -23.36 -11.92 -18.42
N SER B 453 -22.23 -12.62 -18.55
CA SER B 453 -21.02 -11.95 -19.01
C SER B 453 -21.21 -11.41 -20.41
N GLU B 454 -21.82 -12.20 -21.29
CA GLU B 454 -22.08 -11.72 -22.65
C GLU B 454 -23.10 -10.58 -22.67
N LEU B 455 -24.08 -10.61 -21.77
CA LEU B 455 -25.00 -9.49 -21.66
C LEU B 455 -24.26 -8.22 -21.24
N ILE B 456 -23.36 -8.35 -20.27
CA ILE B 456 -22.56 -7.20 -19.84
C ILE B 456 -21.74 -6.67 -21.01
N LYS B 457 -21.16 -7.57 -21.81
CA LYS B 457 -20.40 -7.15 -22.98
C LYS B 457 -21.28 -6.39 -23.97
N GLU B 458 -22.41 -6.98 -24.34
CA GLU B 458 -23.30 -6.33 -25.31
C GLU B 458 -23.80 -4.98 -24.80
N LEU B 459 -23.94 -4.83 -23.48
CA LEU B 459 -24.31 -3.53 -22.94
C LEU B 459 -23.14 -2.57 -22.95
N PHE B 460 -21.92 -3.07 -22.78
CA PHE B 460 -20.73 -2.22 -22.85
C PHE B 460 -20.57 -1.61 -24.24
N THR B 461 -20.60 -2.44 -25.28
CA THR B 461 -20.29 -2.00 -26.62
C THR B 461 -21.46 -1.22 -27.21
N ASP B 462 -21.18 -0.02 -27.73
CA ASP B 462 -22.17 0.75 -28.46
C ASP B 462 -22.41 0.12 -29.83
N CYS B 463 -23.56 0.41 -30.40
CA CYS B 463 -23.94 -0.14 -31.70
C CYS B 463 -22.80 -0.05 -32.70
N GLY B 464 -22.36 -1.21 -33.18
CA GLY B 464 -21.29 -1.28 -34.14
C GLY B 464 -21.77 -0.93 -35.54
N PRO B 465 -20.83 -0.63 -36.45
CA PRO B 465 -21.24 -0.30 -37.82
C PRO B 465 -22.05 -1.41 -38.48
N LEU B 466 -21.70 -2.67 -38.21
CA LEU B 466 -22.43 -3.81 -38.73
C LEU B 466 -23.52 -4.31 -37.79
N GLU B 467 -23.65 -3.72 -36.61
CA GLU B 467 -24.67 -4.14 -35.67
C GLU B 467 -26.06 -3.85 -36.23
N SER B 468 -26.92 -4.86 -36.20
CA SER B 468 -28.30 -4.74 -36.68
C SER B 468 -29.28 -5.37 -35.70
N SER B 469 -28.92 -5.38 -34.42
CA SER B 469 -29.78 -5.95 -33.40
C SER B 469 -30.92 -5.00 -33.06
N SER B 470 -31.97 -5.55 -32.44
CA SER B 470 -33.10 -4.73 -32.01
C SER B 470 -32.70 -3.74 -30.93
N LEU B 471 -31.55 -3.95 -30.29
CA LEU B 471 -31.07 -3.00 -29.28
C LEU B 471 -30.75 -1.64 -29.88
N CYS B 472 -30.64 -1.55 -31.20
CA CYS B 472 -30.25 -0.31 -31.87
C CYS B 472 -31.29 0.07 -32.92
N ASP B 473 -32.56 0.04 -32.54
CA ASP B 473 -33.67 0.28 -33.47
C ASP B 473 -33.67 1.75 -33.88
N TYR B 474 -32.80 2.07 -34.83
CA TYR B 474 -32.69 3.41 -35.39
C TYR B 474 -32.87 3.33 -36.91
N ARG B 475 -33.62 4.29 -37.44
CA ARG B 475 -33.90 4.32 -38.87
C ARG B 475 -32.61 4.33 -39.69
N ILE B 487 -32.42 16.48 -39.71
CA ILE B 487 -32.79 16.46 -38.30
C ILE B 487 -31.52 16.42 -37.46
N PRO B 488 -31.38 17.35 -36.50
CA PRO B 488 -30.14 17.38 -35.70
C PRO B 488 -29.89 16.09 -34.94
N ASP B 489 -30.94 15.43 -34.46
CA ASP B 489 -30.82 14.17 -33.75
C ASP B 489 -31.19 13.00 -34.67
N ARG B 490 -30.51 11.89 -34.47
CA ARG B 490 -30.73 10.74 -35.33
C ARG B 490 -32.17 10.22 -35.17
N PRO B 491 -32.84 9.85 -36.25
CA PRO B 491 -34.21 9.35 -36.14
C PRO B 491 -34.26 8.01 -35.42
N ALA B 492 -35.37 7.78 -34.72
CA ALA B 492 -35.61 6.54 -33.98
C ALA B 492 -36.92 5.92 -34.46
N GLY B 493 -36.91 4.59 -34.58
CA GLY B 493 -38.09 3.87 -35.04
C GLY B 493 -39.03 3.49 -33.90
N VAL B 494 -40.17 2.92 -34.29
CA VAL B 494 -41.16 2.50 -33.30
C VAL B 494 -40.61 1.34 -32.47
N GLY B 495 -39.71 0.54 -33.03
CA GLY B 495 -39.20 -0.61 -32.33
C GLY B 495 -38.43 -0.26 -31.07
N VAL B 496 -38.05 1.01 -30.90
CA VAL B 496 -37.34 1.40 -29.69
C VAL B 496 -38.24 1.23 -28.47
N TYR B 497 -39.54 1.48 -28.62
CA TYR B 497 -40.46 1.25 -27.51
C TYR B 497 -40.47 -0.21 -27.10
N SER B 498 -40.51 -1.13 -28.07
CA SER B 498 -40.47 -2.54 -27.76
C SER B 498 -39.14 -2.92 -27.09
N ALA B 499 -38.04 -2.36 -27.59
CA ALA B 499 -36.74 -2.63 -26.98
C ALA B 499 -36.70 -2.15 -25.54
N ILE B 500 -37.26 -0.97 -25.28
CA ILE B 500 -37.30 -0.44 -23.92
C ILE B 500 -38.16 -1.34 -23.03
N TRP B 501 -39.31 -1.78 -23.54
CA TRP B 501 -40.14 -2.70 -22.76
C TRP B 501 -39.35 -3.95 -22.39
N GLN B 502 -38.71 -4.56 -23.39
CA GLN B 502 -37.98 -5.81 -23.14
C GLN B 502 -36.85 -5.59 -22.16
N LEU B 503 -36.11 -4.50 -22.30
CA LEU B 503 -34.96 -4.27 -21.43
C LEU B 503 -35.38 -3.88 -20.01
N CYS B 504 -36.46 -3.11 -19.86
CA CYS B 504 -36.94 -2.80 -18.52
C CYS B 504 -37.47 -4.05 -17.83
N LEU B 505 -38.12 -4.93 -18.58
CA LEU B 505 -38.51 -6.22 -18.00
C LEU B 505 -37.28 -7.03 -17.61
N ALA B 506 -36.23 -6.98 -18.43
CA ALA B 506 -34.99 -7.68 -18.08
C ALA B 506 -34.38 -7.13 -16.79
N LEU B 507 -34.43 -5.80 -16.62
CA LEU B 507 -33.96 -5.21 -15.37
C LEU B 507 -34.82 -5.66 -14.19
N ILE B 508 -36.14 -5.57 -14.35
CA ILE B 508 -37.04 -5.94 -13.26
C ILE B 508 -36.85 -7.41 -12.89
N PHE B 509 -36.41 -8.22 -13.85
CA PHE B 509 -36.06 -9.60 -13.53
C PHE B 509 -34.74 -9.65 -12.77
N LYS B 510 -33.66 -9.20 -13.41
CA LYS B 510 -32.33 -9.37 -12.83
C LYS B 510 -32.24 -8.78 -11.43
N ILE B 511 -33.03 -7.74 -11.14
CA ILE B 511 -33.00 -7.15 -9.80
C ILE B 511 -33.63 -8.10 -8.78
N ILE B 512 -34.71 -8.79 -9.17
CA ILE B 512 -35.43 -9.64 -8.24
C ILE B 512 -34.75 -11.00 -8.10
N MET B 513 -34.46 -11.64 -9.24
CA MET B 513 -33.96 -13.01 -9.22
C MET B 513 -32.61 -13.10 -8.53
N THR B 514 -31.80 -12.04 -8.60
CA THR B 514 -30.49 -12.06 -7.95
C THR B 514 -30.63 -12.06 -6.42
N VAL B 515 -31.64 -11.39 -5.89
CA VAL B 515 -31.77 -11.28 -4.44
C VAL B 515 -31.94 -12.66 -3.83
N PHE B 516 -32.70 -13.54 -4.47
CA PHE B 516 -33.07 -14.82 -3.87
C PHE B 516 -32.00 -15.89 -4.03
N THR B 517 -30.97 -15.65 -4.85
CA THR B 517 -30.06 -16.74 -5.23
C THR B 517 -28.74 -16.75 -4.47
N PHE B 518 -28.27 -15.61 -3.96
CA PHE B 518 -26.95 -15.58 -3.33
C PHE B 518 -26.88 -16.45 -2.08
N GLY B 519 -28.02 -16.83 -1.50
CA GLY B 519 -28.02 -17.66 -0.31
C GLY B 519 -28.31 -19.11 -0.62
N ILE B 520 -27.72 -19.63 -1.70
CA ILE B 520 -27.93 -21.01 -2.12
C ILE B 520 -26.67 -21.81 -1.86
N LYS B 521 -26.84 -23.12 -1.69
CA LYS B 521 -25.73 -24.00 -1.36
C LYS B 521 -24.97 -24.37 -2.62
N VAL B 522 -24.60 -23.37 -3.41
CA VAL B 522 -23.74 -23.57 -4.58
C VAL B 522 -22.83 -22.37 -4.75
N PRO B 523 -21.71 -22.56 -5.44
CA PRO B 523 -20.81 -21.42 -5.67
C PRO B 523 -21.55 -20.28 -6.34
N SER B 524 -21.26 -19.06 -5.89
CA SER B 524 -21.91 -17.89 -6.45
C SER B 524 -21.07 -16.67 -6.12
N GLY B 525 -21.27 -15.62 -6.92
CA GLY B 525 -20.60 -14.35 -6.69
C GLY B 525 -21.58 -13.22 -6.90
N LEU B 526 -21.21 -12.05 -6.39
CA LEU B 526 -22.03 -10.87 -6.51
C LEU B 526 -21.49 -9.85 -7.50
N PHE B 527 -20.24 -10.00 -7.94
CA PHE B 527 -19.70 -9.09 -8.94
C PHE B 527 -20.54 -9.10 -10.22
N ILE B 528 -20.86 -10.30 -10.73
CA ILE B 528 -21.63 -10.38 -11.97
C ILE B 528 -23.02 -9.78 -11.84
N PRO B 529 -23.85 -10.16 -10.86
CA PRO B 529 -25.16 -9.51 -10.76
C PRO B 529 -25.09 -8.01 -10.63
N SER B 530 -24.15 -7.51 -9.84
CA SER B 530 -24.01 -6.07 -9.66
C SER B 530 -23.62 -5.39 -10.96
N MET B 531 -22.59 -5.91 -11.62
CA MET B 531 -22.15 -5.35 -12.90
C MET B 531 -23.29 -5.33 -13.89
N ALA B 532 -24.00 -6.45 -14.01
CA ALA B 532 -25.07 -6.55 -15.01
C ALA B 532 -26.18 -5.57 -14.72
N ILE B 533 -26.63 -5.49 -13.46
CA ILE B 533 -27.73 -4.58 -13.14
C ILE B 533 -27.32 -3.14 -13.38
N GLY B 534 -26.10 -2.78 -12.97
CA GLY B 534 -25.65 -1.42 -13.21
C GLY B 534 -25.54 -1.09 -14.67
N ALA B 535 -25.00 -2.01 -15.48
CA ALA B 535 -24.89 -1.76 -16.91
C ALA B 535 -26.26 -1.64 -17.55
N ILE B 536 -27.22 -2.46 -17.11
CA ILE B 536 -28.57 -2.38 -17.65
C ILE B 536 -29.16 -1.01 -17.36
N ALA B 537 -29.03 -0.55 -16.11
CA ALA B 537 -29.54 0.77 -15.77
C ALA B 537 -28.85 1.85 -16.60
N GLY B 538 -27.54 1.71 -16.80
CA GLY B 538 -26.83 2.69 -17.60
C GLY B 538 -27.37 2.78 -19.02
N ARG B 539 -27.57 1.62 -19.66
CA ARG B 539 -28.12 1.63 -21.01
C ARG B 539 -29.51 2.24 -21.04
N ILE B 540 -30.34 1.91 -20.04
CA ILE B 540 -31.68 2.48 -19.98
C ILE B 540 -31.61 4.01 -19.95
N VAL B 541 -30.78 4.54 -19.05
CA VAL B 541 -30.73 5.99 -18.92
C VAL B 541 -30.14 6.62 -20.17
N GLY B 542 -29.17 5.96 -20.80
CA GLY B 542 -28.60 6.50 -22.02
C GLY B 542 -29.62 6.61 -23.13
N ILE B 543 -30.39 5.55 -23.35
CA ILE B 543 -31.43 5.60 -24.38
C ILE B 543 -32.47 6.66 -24.02
N ALA B 544 -32.86 6.74 -22.75
CA ALA B 544 -33.85 7.72 -22.35
C ALA B 544 -33.38 9.15 -22.61
N VAL B 545 -32.12 9.44 -22.28
CA VAL B 545 -31.61 10.80 -22.47
C VAL B 545 -31.46 11.10 -23.97
N GLU B 546 -31.06 10.11 -24.76
CA GLU B 546 -30.99 10.32 -26.21
C GLU B 546 -32.37 10.69 -26.75
N GLN B 547 -33.40 9.93 -26.37
CA GLN B 547 -34.74 10.24 -26.86
C GLN B 547 -35.22 11.60 -26.36
N LEU B 548 -34.93 11.93 -25.10
CA LEU B 548 -35.36 13.21 -24.55
C LEU B 548 -34.72 14.36 -25.32
N ALA B 549 -33.42 14.25 -25.61
CA ALA B 549 -32.76 15.27 -26.41
C ALA B 549 -33.37 15.34 -27.81
N TYR B 550 -33.66 14.19 -28.41
CA TYR B 550 -34.25 14.16 -29.74
C TYR B 550 -35.57 14.93 -29.76
N TYR B 551 -36.45 14.64 -28.80
CA TYR B 551 -37.77 15.26 -28.80
C TYR B 551 -37.68 16.76 -28.55
N HIS B 552 -36.86 17.17 -27.59
CA HIS B 552 -36.83 18.57 -27.16
C HIS B 552 -35.43 19.17 -27.32
N HIS B 553 -34.79 18.93 -28.47
CA HIS B 553 -33.49 19.52 -28.73
C HIS B 553 -33.57 21.04 -28.85
N ASP B 554 -34.77 21.59 -29.08
CA ASP B 554 -34.91 23.03 -29.32
C ASP B 554 -34.55 23.85 -28.09
N TRP B 555 -34.49 23.24 -26.90
CA TRP B 555 -34.19 24.00 -25.70
C TRP B 555 -32.74 24.47 -25.70
N PHE B 556 -32.51 25.62 -25.06
CA PHE B 556 -31.18 26.20 -25.02
C PHE B 556 -30.17 25.26 -24.39
N ILE B 557 -30.60 24.43 -23.44
CA ILE B 557 -29.70 23.52 -22.76
C ILE B 557 -29.13 22.44 -23.67
N PHE B 558 -29.67 22.29 -24.88
CA PHE B 558 -29.28 21.21 -25.78
C PHE B 558 -28.69 21.70 -27.09
N LYS B 559 -29.27 22.75 -27.69
CA LYS B 559 -28.83 23.19 -29.00
C LYS B 559 -27.35 23.56 -29.02
N GLU B 560 -26.84 24.09 -27.90
CA GLU B 560 -25.46 24.53 -27.82
C GLU B 560 -24.50 23.41 -27.46
N TRP B 561 -24.99 22.19 -27.25
CA TRP B 561 -24.15 21.06 -26.86
C TRP B 561 -24.15 19.95 -27.89
N CYS B 562 -25.33 19.51 -28.33
CA CYS B 562 -25.40 18.37 -29.25
C CYS B 562 -25.24 18.85 -30.69
N GLU B 563 -24.33 18.21 -31.41
CA GLU B 563 -24.06 18.57 -32.79
C GLU B 563 -25.15 18.02 -33.72
N VAL B 564 -25.37 18.72 -34.83
CA VAL B 564 -26.38 18.33 -35.79
C VAL B 564 -25.85 17.21 -36.66
N GLY B 565 -26.66 16.17 -36.86
CA GLY B 565 -26.31 15.08 -37.73
C GLY B 565 -25.32 14.09 -37.16
N ALA B 566 -25.05 14.14 -35.85
CA ALA B 566 -24.11 13.22 -35.23
C ALA B 566 -24.64 12.84 -33.85
N ASP B 567 -24.17 11.68 -33.36
CA ASP B 567 -24.56 11.23 -32.04
C ASP B 567 -24.02 12.18 -30.97
N CYS B 568 -24.85 12.46 -29.97
CA CYS B 568 -24.49 13.38 -28.90
C CYS B 568 -24.20 12.67 -27.58
N ILE B 569 -24.58 11.40 -27.45
CA ILE B 569 -24.46 10.66 -26.20
C ILE B 569 -23.79 9.32 -26.48
N THR B 570 -23.15 8.78 -25.45
CA THR B 570 -22.43 7.50 -25.55
C THR B 570 -22.97 6.56 -24.48
N PRO B 571 -23.99 5.78 -24.81
CA PRO B 571 -24.56 4.86 -23.80
C PRO B 571 -23.58 3.83 -23.28
N GLY B 572 -22.49 3.54 -24.01
CA GLY B 572 -21.50 2.61 -23.49
C GLY B 572 -20.87 3.10 -22.20
N LEU B 573 -20.51 4.38 -22.14
CA LEU B 573 -19.99 4.95 -20.91
C LEU B 573 -21.04 4.93 -19.82
N TYR B 574 -22.31 5.15 -20.18
CA TYR B 574 -23.38 5.06 -19.18
C TYR B 574 -23.47 3.65 -18.60
N ALA B 575 -23.35 2.63 -19.44
CA ALA B 575 -23.37 1.26 -18.93
C ALA B 575 -22.17 1.00 -18.02
N MET B 576 -20.99 1.47 -18.42
CA MET B 576 -19.80 1.30 -17.59
C MET B 576 -19.99 1.94 -16.23
N VAL B 577 -20.44 3.20 -16.21
CA VAL B 577 -20.57 3.92 -14.95
C VAL B 577 -21.67 3.31 -14.10
N GLY B 578 -22.76 2.85 -14.73
CA GLY B 578 -23.81 2.20 -13.96
C GLY B 578 -23.32 0.92 -13.30
N ALA B 579 -22.58 0.10 -14.05
CA ALA B 579 -22.04 -1.13 -13.47
C ALA B 579 -21.12 -0.81 -12.29
N ALA B 580 -20.20 0.13 -12.49
CA ALA B 580 -19.28 0.47 -11.40
C ALA B 580 -20.04 1.03 -10.21
N ALA B 581 -21.03 1.88 -10.44
CA ALA B 581 -21.77 2.50 -9.36
C ALA B 581 -22.57 1.46 -8.56
N CYS B 582 -23.23 0.54 -9.24
CA CYS B 582 -23.97 -0.50 -8.53
C CYS B 582 -23.04 -1.40 -7.74
N LEU B 583 -21.90 -1.78 -8.33
CA LEU B 583 -20.96 -2.61 -7.60
C LEU B 583 -20.47 -1.89 -6.34
N GLY B 584 -20.14 -0.60 -6.48
CA GLY B 584 -19.70 0.15 -5.32
C GLY B 584 -20.78 0.31 -4.27
N GLY B 585 -22.02 0.53 -4.70
CA GLY B 585 -23.12 0.73 -3.78
C GLY B 585 -23.59 -0.53 -3.09
N VAL B 586 -23.28 -1.70 -3.65
CA VAL B 586 -23.61 -2.97 -3.00
C VAL B 586 -22.48 -3.47 -2.12
N THR B 587 -21.24 -3.45 -2.61
CA THR B 587 -20.11 -3.94 -1.83
C THR B 587 -19.23 -2.84 -1.26
N ARG B 588 -19.67 -1.58 -1.35
CA ARG B 588 -19.03 -0.47 -0.64
C ARG B 588 -17.53 -0.43 -0.89
N MET B 589 -17.13 -0.56 -2.14
CA MET B 589 -15.75 -0.33 -2.56
C MET B 589 -15.68 0.92 -3.41
N THR B 590 -14.66 1.74 -3.16
CA THR B 590 -14.52 3.02 -3.83
C THR B 590 -13.25 3.12 -4.67
N VAL B 591 -12.11 2.72 -4.14
CA VAL B 591 -10.82 2.90 -4.82
C VAL B 591 -10.35 1.60 -5.47
N SER B 592 -10.38 0.49 -4.72
CA SER B 592 -10.01 -0.79 -5.33
C SER B 592 -10.89 -1.09 -6.53
N LEU B 593 -12.18 -0.82 -6.42
CA LEU B 593 -13.08 -1.03 -7.55
C LEU B 593 -12.69 -0.18 -8.74
N VAL B 594 -12.34 1.09 -8.52
CA VAL B 594 -11.98 1.96 -9.63
C VAL B 594 -10.70 1.48 -10.29
N VAL B 595 -9.72 1.05 -9.50
CA VAL B 595 -8.48 0.53 -10.06
C VAL B 595 -8.74 -0.73 -10.88
N ILE B 596 -9.55 -1.64 -10.34
CA ILE B 596 -9.88 -2.86 -11.07
C ILE B 596 -10.61 -2.55 -12.36
N VAL B 597 -11.52 -1.57 -12.33
CA VAL B 597 -12.25 -1.20 -13.53
C VAL B 597 -11.30 -0.61 -14.56
N PHE B 598 -10.37 0.23 -14.12
CA PHE B 598 -9.38 0.81 -15.04
C PHE B 598 -8.55 -0.29 -15.70
N GLU B 599 -8.09 -1.25 -14.90
CA GLU B 599 -7.27 -2.33 -15.46
C GLU B 599 -8.08 -3.20 -16.40
N LEU B 600 -9.30 -3.56 -16.00
CA LEU B 600 -10.17 -4.37 -16.85
C LEU B 600 -10.44 -3.66 -18.18
N THR B 601 -10.77 -2.36 -18.11
CA THR B 601 -11.09 -1.57 -19.28
C THR B 601 -10.11 -0.41 -19.37
N GLY B 602 -9.17 -0.50 -20.31
CA GLY B 602 -8.19 0.54 -20.48
C GLY B 602 -8.82 1.85 -20.95
N GLY B 603 -8.11 2.94 -20.69
CA GLY B 603 -8.58 4.26 -21.05
C GLY B 603 -8.84 5.12 -19.84
N LEU B 604 -8.03 6.16 -19.68
CA LEU B 604 -8.16 7.08 -18.55
C LEU B 604 -9.19 8.16 -18.77
N GLU B 605 -9.75 8.27 -19.98
CA GLU B 605 -10.70 9.34 -20.27
C GLU B 605 -12.01 9.18 -19.51
N TYR B 606 -12.28 7.99 -18.96
CA TYR B 606 -13.53 7.71 -18.28
C TYR B 606 -13.39 7.63 -16.77
N ILE B 607 -12.23 8.01 -16.22
CA ILE B 607 -12.04 7.90 -14.77
C ILE B 607 -12.93 8.88 -14.04
N VAL B 608 -13.15 10.07 -14.61
CA VAL B 608 -13.92 11.10 -13.91
C VAL B 608 -15.35 10.66 -13.65
N PRO B 609 -16.15 10.25 -14.65
CA PRO B 609 -17.51 9.79 -14.33
C PRO B 609 -17.53 8.56 -13.44
N LEU B 610 -16.57 7.65 -13.61
CA LEU B 610 -16.51 6.49 -12.74
C LEU B 610 -16.36 6.91 -11.28
N MET B 611 -15.41 7.78 -11.01
CA MET B 611 -15.19 8.24 -9.64
C MET B 611 -16.41 8.99 -9.11
N ALA B 612 -17.00 9.86 -9.94
CA ALA B 612 -18.16 10.61 -9.49
C ALA B 612 -19.29 9.67 -9.10
N ALA B 613 -19.63 8.73 -9.97
CA ALA B 613 -20.73 7.81 -9.68
C ALA B 613 -20.41 6.92 -8.48
N VAL B 614 -19.17 6.43 -8.38
CA VAL B 614 -18.81 5.56 -7.26
C VAL B 614 -18.95 6.32 -5.94
N MET B 615 -18.43 7.54 -5.88
CA MET B 615 -18.54 8.33 -4.66
C MET B 615 -19.98 8.63 -4.31
N THR B 616 -20.79 8.99 -5.32
CA THR B 616 -22.20 9.27 -5.06
C THR B 616 -22.92 8.04 -4.55
N SER B 617 -22.66 6.88 -5.16
CA SER B 617 -23.28 5.65 -4.72
C SER B 617 -22.87 5.30 -3.29
N LYS B 618 -21.60 5.49 -2.96
CA LYS B 618 -21.15 5.23 -1.59
C LYS B 618 -21.83 6.17 -0.61
N TRP B 619 -21.95 7.45 -0.97
CA TRP B 619 -22.63 8.40 -0.09
C TRP B 619 -24.07 7.99 0.15
N VAL B 620 -24.79 7.62 -0.92
CA VAL B 620 -26.18 7.21 -0.77
C VAL B 620 -26.28 5.95 0.07
N GLY B 621 -25.39 4.98 -0.18
CA GLY B 621 -25.47 3.72 0.54
C GLY B 621 -25.19 3.86 2.02
N ASP B 622 -24.19 4.66 2.38
CA ASP B 622 -23.82 4.78 3.79
C ASP B 622 -24.99 5.25 4.64
N ALA B 623 -25.92 6.01 4.05
CA ALA B 623 -27.08 6.46 4.79
C ALA B 623 -28.04 5.32 5.15
N PHE B 624 -27.85 4.14 4.58
CA PHE B 624 -28.74 3.00 4.78
C PHE B 624 -27.94 1.78 5.23
N GLY B 625 -27.06 1.97 6.20
CA GLY B 625 -26.22 0.89 6.69
C GLY B 625 -24.81 1.00 6.15
N ARG B 626 -23.88 1.41 7.02
CA ARG B 626 -22.50 1.66 6.61
C ARG B 626 -21.68 0.38 6.45
N GLU B 627 -22.32 -0.78 6.47
CA GLU B 627 -21.64 -2.06 6.33
C GLU B 627 -21.87 -2.60 4.93
N GLY B 628 -20.79 -3.00 4.26
CA GLY B 628 -20.92 -3.60 2.95
C GLY B 628 -21.67 -4.91 3.00
N ILE B 629 -22.05 -5.40 1.82
CA ILE B 629 -22.78 -6.67 1.75
C ILE B 629 -21.95 -7.77 2.37
N TYR B 630 -20.64 -7.76 2.16
CA TYR B 630 -19.79 -8.81 2.73
C TYR B 630 -19.68 -8.64 4.24
N GLU B 631 -19.61 -7.40 4.72
CA GLU B 631 -19.57 -7.18 6.16
C GLU B 631 -20.83 -7.71 6.84
N ALA B 632 -22.00 -7.30 6.33
CA ALA B 632 -23.25 -7.80 6.89
C ALA B 632 -23.42 -9.29 6.67
N HIS B 633 -22.81 -9.89 5.65
CA HIS B 633 -22.86 -11.36 5.49
C HIS B 633 -22.03 -12.04 6.57
N ILE B 634 -20.87 -11.48 6.90
CA ILE B 634 -20.10 -11.99 8.04
C ILE B 634 -20.89 -11.83 9.32
N ARG B 635 -21.56 -10.68 9.48
CA ARG B 635 -22.40 -10.47 10.65
C ARG B 635 -23.44 -11.56 10.78
N LEU B 636 -24.16 -11.86 9.69
CA LEU B 636 -25.15 -12.92 9.73
C LEU B 636 -24.50 -14.26 10.06
N ASN B 637 -23.33 -14.53 9.48
CA ASN B 637 -22.58 -15.71 9.87
C ASN B 637 -22.13 -15.66 11.32
N GLY B 638 -22.02 -14.46 11.89
CA GLY B 638 -21.61 -14.32 13.27
C GLY B 638 -20.15 -14.59 13.51
N TYR B 639 -19.31 -14.49 12.48
CA TYR B 639 -17.90 -14.78 12.63
C TYR B 639 -17.23 -13.70 13.49
N PRO B 640 -16.13 -14.04 14.16
CA PRO B 640 -15.42 -13.05 15.00
C PRO B 640 -14.56 -12.08 14.20
N PHE B 641 -15.20 -11.05 13.65
CA PHE B 641 -14.51 -9.99 12.93
C PHE B 641 -14.43 -8.76 13.84
N LEU B 642 -13.22 -8.25 14.06
CA LEU B 642 -12.99 -7.11 14.93
C LEU B 642 -12.98 -5.87 14.05
N ASP B 643 -14.13 -5.20 13.96
CA ASP B 643 -14.27 -4.07 13.07
C ASP B 643 -13.35 -2.93 13.48
N ALA B 644 -12.83 -2.22 12.47
CA ALA B 644 -11.96 -1.07 12.68
C ALA B 644 -12.70 0.25 12.43
N LYS B 645 -14.02 0.25 12.55
CA LYS B 645 -14.82 1.43 12.28
C LYS B 645 -15.84 1.72 13.39
N GLU B 646 -15.75 1.03 14.52
CA GLU B 646 -16.68 1.24 15.61
C GLU B 646 -16.19 2.35 16.53
N GLU B 647 -17.13 2.93 17.28
CA GLU B 647 -16.83 4.01 18.21
C GLU B 647 -17.52 3.71 19.55
N PHE B 648 -16.78 3.92 20.63
CA PHE B 648 -17.30 3.68 21.97
C PHE B 648 -18.03 4.93 22.44
N THR B 649 -19.35 4.83 22.59
CA THR B 649 -20.13 5.98 23.04
C THR B 649 -19.93 6.23 24.53
N HIS B 650 -19.91 5.17 25.33
CA HIS B 650 -19.73 5.28 26.77
C HIS B 650 -18.24 5.25 27.11
N THR B 651 -17.84 6.11 28.03
CA THR B 651 -16.46 6.15 28.52
C THR B 651 -16.24 5.04 29.55
N THR B 652 -16.47 3.81 29.11
CA THR B 652 -16.39 2.65 29.98
C THR B 652 -14.99 2.04 29.95
N LEU B 653 -14.67 1.31 31.01
CA LEU B 653 -13.39 0.64 31.17
C LEU B 653 -13.58 -0.87 31.05
N ALA B 654 -12.44 -1.58 31.01
CA ALA B 654 -12.49 -3.03 31.06
C ALA B 654 -13.07 -3.54 32.37
N ALA B 655 -13.15 -2.68 33.39
CA ALA B 655 -13.74 -3.07 34.66
C ALA B 655 -15.17 -3.59 34.46
N ASP B 656 -15.86 -3.10 33.44
CA ASP B 656 -17.21 -3.57 33.15
C ASP B 656 -17.23 -4.81 32.28
N VAL B 657 -16.08 -5.30 31.84
CA VAL B 657 -16.02 -6.37 30.84
C VAL B 657 -15.17 -7.54 31.30
N MET B 658 -14.26 -7.30 32.24
CA MET B 658 -13.42 -8.37 32.73
C MET B 658 -14.29 -9.45 33.40
N ARG B 659 -14.04 -10.72 33.03
CA ARG B 659 -14.81 -11.83 33.57
C ARG B 659 -14.04 -12.51 34.70
N PRO B 660 -14.72 -13.08 35.71
CA PRO B 660 -16.17 -13.21 35.90
C PRO B 660 -16.87 -11.94 36.36
N ARG B 661 -18.20 -12.02 36.41
CA ARG B 661 -19.07 -10.97 36.90
C ARG B 661 -19.67 -11.41 38.24
N ARG B 662 -20.39 -10.50 38.89
CA ARG B 662 -21.02 -10.85 40.15
C ARG B 662 -22.03 -11.98 39.99
N SER B 663 -22.58 -12.17 38.79
CA SER B 663 -23.59 -13.17 38.54
C SER B 663 -23.03 -14.44 37.88
N ASP B 664 -21.71 -14.58 37.82
CA ASP B 664 -21.10 -15.75 37.20
C ASP B 664 -20.13 -16.42 38.17
N PRO B 665 -19.94 -17.73 38.07
CA PRO B 665 -19.03 -18.42 38.99
C PRO B 665 -17.59 -17.98 38.79
N PRO B 666 -16.71 -18.29 39.73
CA PRO B 666 -15.33 -17.83 39.62
C PRO B 666 -14.56 -18.53 38.52
N LEU B 667 -13.50 -17.88 38.05
CA LEU B 667 -12.62 -18.48 37.05
C LEU B 667 -11.82 -19.63 37.66
N ALA B 668 -11.38 -20.53 36.79
CA ALA B 668 -10.54 -21.66 37.19
C ALA B 668 -9.08 -21.30 36.99
N VAL B 669 -8.28 -21.50 38.04
CA VAL B 669 -6.85 -21.25 38.00
C VAL B 669 -6.14 -22.49 38.52
N LEU B 670 -4.81 -22.44 38.59
CA LEU B 670 -4.03 -23.61 38.99
C LEU B 670 -2.94 -23.19 39.98
N THR B 671 -2.60 -24.12 40.87
CA THR B 671 -1.50 -23.97 41.80
C THR B 671 -0.32 -24.80 41.34
N GLN B 672 0.81 -24.66 42.06
CA GLN B 672 2.05 -25.31 41.64
C GLN B 672 2.36 -26.55 42.47
N ASP B 673 2.47 -26.41 43.80
CA ASP B 673 3.04 -27.46 44.64
C ASP B 673 1.98 -28.34 45.29
N ASN B 674 0.93 -27.75 45.86
CA ASN B 674 -0.08 -28.52 46.58
C ASN B 674 -0.92 -29.39 45.66
N MET B 675 -0.79 -29.23 44.35
CA MET B 675 -1.64 -29.89 43.36
C MET B 675 -0.82 -30.89 42.54
N THR B 676 -1.43 -32.03 42.26
CA THR B 676 -0.77 -33.15 41.58
C THR B 676 -1.54 -33.51 40.30
N VAL B 677 -1.14 -34.61 39.68
CA VAL B 677 -1.69 -34.99 38.39
C VAL B 677 -3.17 -35.33 38.49
N ASP B 678 -3.56 -36.06 39.54
CA ASP B 678 -4.95 -36.48 39.66
C ASP B 678 -5.89 -35.28 39.75
N ASP B 679 -5.51 -34.27 40.52
CA ASP B 679 -6.31 -33.05 40.59
C ASP B 679 -6.40 -32.38 39.22
N ILE B 680 -5.32 -32.44 38.45
CA ILE B 680 -5.35 -31.86 37.11
C ILE B 680 -6.35 -32.60 36.23
N GLU B 681 -6.33 -33.93 36.27
CA GLU B 681 -7.32 -34.70 35.50
C GLU B 681 -8.73 -34.33 35.91
N ASN B 682 -8.99 -34.28 37.22
CA ASN B 682 -10.33 -33.98 37.69
C ASN B 682 -10.77 -32.59 37.25
N MET B 683 -9.89 -31.60 37.37
CA MET B 683 -10.23 -30.24 36.97
C MET B 683 -10.48 -30.15 35.47
N ILE B 684 -9.64 -30.79 34.67
CA ILE B 684 -9.82 -30.74 33.22
C ILE B 684 -11.14 -31.38 32.83
N ASN B 685 -11.44 -32.56 33.40
CA ASN B 685 -12.69 -33.22 33.07
C ASN B 685 -13.90 -32.43 33.54
N GLU B 686 -13.77 -31.72 34.66
CA GLU B 686 -14.88 -31.02 35.29
C GLU B 686 -15.02 -29.57 34.84
N THR B 687 -14.19 -29.12 33.89
CA THR B 687 -14.27 -27.77 33.37
C THR B 687 -14.20 -27.80 31.85
N SER B 688 -14.79 -26.79 31.22
CA SER B 688 -14.90 -26.70 29.77
C SER B 688 -14.38 -25.37 29.26
N TYR B 689 -13.20 -24.96 29.74
CA TYR B 689 -12.59 -23.69 29.39
C TYR B 689 -11.37 -23.94 28.52
N ASN B 690 -10.67 -22.86 28.17
CA ASN B 690 -9.55 -22.93 27.23
C ASN B 690 -8.24 -22.40 27.78
N GLY B 691 -8.25 -21.32 28.55
CA GLY B 691 -7.03 -20.75 29.09
C GLY B 691 -7.11 -20.58 30.59
N PHE B 692 -5.97 -20.79 31.25
CA PHE B 692 -5.90 -20.73 32.69
C PHE B 692 -4.65 -19.98 33.14
N PRO B 693 -4.79 -18.86 33.83
CA PRO B 693 -3.66 -18.29 34.57
C PRO B 693 -3.28 -19.17 35.75
N VAL B 694 -2.04 -19.04 36.17
CA VAL B 694 -1.47 -19.83 37.25
C VAL B 694 -0.97 -18.88 38.34
N ILE B 695 -1.30 -19.20 39.59
CA ILE B 695 -1.07 -18.34 40.73
C ILE B 695 -0.39 -19.15 41.84
N MET B 696 0.33 -18.45 42.70
CA MET B 696 0.98 -19.11 43.85
C MET B 696 -0.02 -19.92 44.66
N SER B 697 -1.12 -19.28 45.08
CA SER B 697 -2.07 -19.94 45.97
C SER B 697 -3.43 -19.28 45.82
N LYS B 698 -4.45 -19.97 46.33
CA LYS B 698 -5.82 -19.48 46.21
C LYS B 698 -6.01 -18.16 46.94
N GLU B 699 -5.45 -18.05 48.14
CA GLU B 699 -5.68 -16.85 48.95
C GLU B 699 -5.07 -15.62 48.30
N SER B 700 -3.87 -15.74 47.74
CA SER B 700 -3.20 -14.57 47.16
C SER B 700 -3.90 -14.08 45.91
N GLN B 701 -4.22 -14.99 45.00
CA GLN B 701 -4.85 -14.64 43.72
C GLN B 701 -3.99 -13.64 42.95
N ARG B 702 -2.68 -13.81 43.02
CA ARG B 702 -1.72 -12.94 42.36
C ARG B 702 -1.28 -13.56 41.05
N LEU B 703 -1.38 -12.80 39.96
CA LEU B 703 -0.97 -13.31 38.66
C LEU B 703 0.50 -13.73 38.68
N VAL B 704 0.77 -14.92 38.18
CA VAL B 704 2.15 -15.42 38.08
C VAL B 704 2.43 -15.82 36.64
N GLY B 705 1.61 -16.72 36.10
CA GLY B 705 1.84 -17.21 34.75
C GLY B 705 0.57 -17.53 34.00
N PHE B 706 0.69 -18.12 32.82
CA PHE B 706 -0.47 -18.46 32.01
C PHE B 706 -0.23 -19.77 31.28
N ALA B 707 -1.31 -20.45 30.92
CA ALA B 707 -1.23 -21.67 30.13
C ALA B 707 -2.56 -21.88 29.44
N LEU B 708 -2.60 -22.86 28.54
CA LEU B 708 -3.79 -23.18 27.77
C LEU B 708 -4.20 -24.63 28.02
N ARG B 709 -5.47 -24.91 27.72
CA ARG B 709 -6.03 -26.22 28.03
C ARG B 709 -5.28 -27.33 27.33
N ARG B 710 -5.10 -27.21 26.01
CA ARG B 710 -4.52 -28.31 25.25
C ARG B 710 -3.07 -28.59 25.60
N ASP B 711 -2.23 -27.57 25.80
CA ASP B 711 -0.89 -27.87 26.31
C ASP B 711 -0.94 -28.57 27.65
N LEU B 712 -1.74 -28.07 28.58
CA LEU B 712 -1.80 -28.69 29.91
C LEU B 712 -2.18 -30.16 29.80
N THR B 713 -3.22 -30.47 29.03
CA THR B 713 -3.64 -31.84 28.84
C THR B 713 -2.50 -32.68 28.26
N ILE B 714 -2.10 -32.35 27.02
CA ILE B 714 -1.12 -33.20 26.34
C ILE B 714 0.09 -33.41 27.24
N ALA B 715 0.52 -32.36 27.95
CA ALA B 715 1.67 -32.50 28.82
C ALA B 715 1.39 -33.47 29.96
N ILE B 716 0.19 -33.41 30.55
CA ILE B 716 -0.04 -34.26 31.72
C ILE B 716 -0.13 -35.72 31.32
N GLU B 717 -0.84 -36.05 30.23
CA GLU B 717 -0.85 -37.46 29.87
C GLU B 717 0.47 -37.92 29.26
N SER B 718 1.26 -37.01 28.67
CA SER B 718 2.62 -37.39 28.27
C SER B 718 3.47 -37.75 29.48
N ALA B 719 3.38 -36.93 30.54
CA ALA B 719 4.13 -37.22 31.76
C ALA B 719 3.65 -38.51 32.40
N ARG B 720 2.34 -38.74 32.42
CA ARG B 720 1.81 -39.97 33.00
C ARG B 720 2.29 -41.19 32.21
N LYS B 721 2.29 -41.10 30.88
CA LYS B 721 2.77 -42.22 30.08
C LYS B 721 4.24 -42.49 30.33
N LYS B 722 5.06 -41.44 30.42
CA LYS B 722 6.48 -41.59 30.65
C LYS B 722 6.83 -41.41 32.13
N VAL B 732 3.21 -32.80 41.98
CA VAL B 732 4.10 -32.19 41.00
C VAL B 732 4.22 -30.70 41.29
N CYS B 733 5.38 -30.12 40.98
CA CYS B 733 5.67 -28.72 41.22
C CYS B 733 5.86 -27.99 39.90
N PHE B 734 5.25 -26.81 39.78
CA PHE B 734 5.39 -25.99 38.59
C PHE B 734 6.32 -24.80 38.78
N ALA B 735 6.58 -24.40 40.02
CA ALA B 735 7.43 -23.24 40.30
C ALA B 735 8.90 -23.63 40.14
N GLN B 736 9.79 -22.72 40.51
CA GLN B 736 11.22 -22.96 40.41
C GLN B 736 11.65 -24.15 41.27
N LEU B 749 9.58 -35.02 39.88
CA LEU B 749 9.38 -34.45 38.55
C LEU B 749 8.89 -33.01 38.65
N LYS B 750 9.46 -32.14 37.83
CA LYS B 750 9.11 -30.73 37.78
C LYS B 750 8.67 -30.38 36.37
N LEU B 751 7.56 -29.65 36.26
CA LEU B 751 7.00 -29.25 34.97
C LEU B 751 7.02 -27.73 34.79
N ARG B 752 8.01 -27.07 35.40
CA ARG B 752 8.11 -25.62 35.29
C ARG B 752 8.39 -25.20 33.84
N SER B 753 9.27 -25.92 33.15
CA SER B 753 9.74 -25.45 31.85
C SER B 753 8.59 -25.32 30.85
N ILE B 754 7.71 -26.31 30.79
CA ILE B 754 6.61 -26.28 29.83
C ILE B 754 5.55 -25.24 30.18
N LEU B 755 5.60 -24.67 31.37
CA LEU B 755 4.62 -23.68 31.80
C LEU B 755 5.10 -22.29 31.40
N ASP B 756 4.32 -21.63 30.53
CA ASP B 756 4.65 -20.28 30.14
C ASP B 756 4.58 -19.35 31.35
N MET B 757 5.52 -18.41 31.42
CA MET B 757 5.68 -17.56 32.59
C MET B 757 5.60 -16.07 32.32
N SER B 758 5.44 -15.65 31.06
CA SER B 758 5.43 -14.23 30.70
C SER B 758 4.22 -13.93 29.81
N PRO B 759 3.02 -14.01 30.37
CA PRO B 759 1.83 -13.65 29.60
C PRO B 759 1.62 -12.15 29.55
N PHE B 760 0.98 -11.71 28.48
CA PHE B 760 0.67 -10.30 28.33
C PHE B 760 -0.44 -9.89 29.27
N THR B 761 -0.28 -8.73 29.92
CA THR B 761 -1.23 -8.21 30.86
C THR B 761 -1.62 -6.79 30.49
N VAL B 762 -2.59 -6.25 31.22
CA VAL B 762 -3.07 -4.88 31.02
C VAL B 762 -3.66 -4.41 32.35
N THR B 763 -3.62 -3.10 32.59
CA THR B 763 -4.12 -2.55 33.85
C THR B 763 -5.65 -2.59 33.85
N ASP B 764 -6.22 -3.05 34.96
CA ASP B 764 -7.65 -3.33 35.02
C ASP B 764 -8.48 -2.09 34.73
N HIS B 765 -8.03 -0.92 35.16
CA HIS B 765 -8.78 0.31 34.92
C HIS B 765 -8.60 0.84 33.50
N THR B 766 -8.05 0.03 32.60
CA THR B 766 -7.82 0.49 31.24
C THR B 766 -9.15 0.81 30.56
N PRO B 767 -9.20 1.86 29.73
CA PRO B 767 -10.35 2.02 28.84
C PRO B 767 -10.39 0.91 27.79
N MET B 768 -11.61 0.54 27.39
CA MET B 768 -11.77 -0.57 26.46
C MET B 768 -11.11 -0.27 25.11
N GLU B 769 -11.11 1.00 24.70
CA GLU B 769 -10.61 1.34 23.37
C GLU B 769 -9.15 0.92 23.23
N ILE B 770 -8.33 1.16 24.25
CA ILE B 770 -6.93 0.79 24.17
C ILE B 770 -6.77 -0.72 24.08
N VAL B 771 -7.57 -1.47 24.85
CA VAL B 771 -7.48 -2.92 24.81
C VAL B 771 -7.84 -3.42 23.42
N VAL B 772 -8.89 -2.87 22.83
CA VAL B 772 -9.27 -3.26 21.47
C VAL B 772 -8.15 -2.95 20.50
N ASP B 773 -7.52 -1.77 20.65
CA ASP B 773 -6.45 -1.39 19.75
C ASP B 773 -5.26 -2.34 19.88
N ILE B 774 -4.91 -2.73 21.11
CA ILE B 774 -3.81 -3.67 21.31
C ILE B 774 -4.13 -5.01 20.66
N PHE B 775 -5.36 -5.51 20.86
CA PHE B 775 -5.72 -6.79 20.26
C PHE B 775 -5.67 -6.72 18.74
N ARG B 776 -6.17 -5.63 18.15
CA ARG B 776 -6.14 -5.50 16.71
C ARG B 776 -4.71 -5.39 16.18
N LYS B 777 -3.85 -4.65 16.90
CA LYS B 777 -2.51 -4.37 16.39
C LYS B 777 -1.60 -5.58 16.50
N LEU B 778 -1.56 -6.25 17.66
CA LEU B 778 -0.63 -7.36 17.83
C LEU B 778 -1.25 -8.69 17.46
N GLY B 779 -2.53 -8.89 17.75
CA GLY B 779 -3.20 -10.13 17.44
C GLY B 779 -3.15 -11.14 18.57
N LEU B 780 -3.57 -10.72 19.76
CA LEU B 780 -3.65 -11.59 20.92
C LEU B 780 -5.09 -12.06 21.11
N ARG B 781 -5.27 -13.37 21.18
CA ARG B 781 -6.60 -13.92 21.39
C ARG B 781 -7.22 -13.40 22.67
N GLN B 782 -6.47 -13.41 23.76
CA GLN B 782 -7.01 -13.02 25.06
C GLN B 782 -5.91 -12.34 25.87
N CYS B 783 -6.33 -11.47 26.79
CA CYS B 783 -5.43 -10.81 27.70
C CYS B 783 -6.00 -10.86 29.11
N LEU B 784 -5.10 -11.02 30.08
CA LEU B 784 -5.48 -11.00 31.47
C LEU B 784 -5.78 -9.58 31.94
N VAL B 785 -6.33 -9.48 33.14
CA VAL B 785 -6.62 -8.20 33.76
C VAL B 785 -6.47 -8.37 35.26
N THR B 786 -5.57 -7.59 35.86
CA THR B 786 -5.17 -7.77 37.25
C THR B 786 -5.30 -6.44 37.99
N HIS B 787 -5.41 -6.55 39.32
CA HIS B 787 -5.46 -5.40 40.21
C HIS B 787 -4.38 -5.55 41.26
N ASN B 788 -3.58 -4.50 41.45
CA ASN B 788 -2.49 -4.51 42.44
C ASN B 788 -1.68 -5.80 42.36
N GLY B 789 -1.60 -6.38 41.16
CA GLY B 789 -0.97 -7.67 40.97
C GLY B 789 -1.88 -8.84 41.20
N ARG B 790 -3.04 -8.63 41.83
CA ARG B 790 -4.00 -9.69 42.07
C ARG B 790 -4.83 -9.90 40.80
N LEU B 791 -4.72 -11.08 40.19
CA LEU B 791 -5.46 -11.36 38.98
C LEU B 791 -6.95 -11.25 39.24
N LEU B 792 -7.66 -10.61 38.31
CA LEU B 792 -9.11 -10.44 38.41
C LEU B 792 -9.84 -11.18 37.30
N GLY B 793 -9.51 -10.93 36.03
CA GLY B 793 -10.28 -11.50 34.95
C GLY B 793 -9.47 -11.71 33.69
N ILE B 794 -10.16 -12.17 32.65
CA ILE B 794 -9.58 -12.40 31.34
C ILE B 794 -10.58 -11.96 30.28
N ILE B 795 -10.09 -11.33 29.21
CA ILE B 795 -10.94 -10.85 28.13
C ILE B 795 -10.43 -11.42 26.82
N THR B 796 -11.33 -11.98 26.03
CA THR B 796 -11.03 -12.61 24.75
C THR B 796 -11.83 -11.92 23.65
N LYS B 797 -11.43 -12.18 22.40
CA LYS B 797 -12.08 -11.53 21.26
C LYS B 797 -13.59 -11.76 21.28
N LYS B 798 -14.01 -12.99 21.58
CA LYS B 798 -15.44 -13.29 21.57
C LYS B 798 -16.20 -12.43 22.58
N ASP B 799 -15.63 -12.22 23.77
CA ASP B 799 -16.29 -11.39 24.76
C ASP B 799 -16.38 -9.93 24.30
N ILE B 800 -15.32 -9.42 23.68
CA ILE B 800 -15.33 -8.06 23.17
C ILE B 800 -16.43 -7.92 22.12
N LEU B 801 -16.54 -8.89 21.22
CA LEU B 801 -17.58 -8.84 20.21
C LEU B 801 -18.97 -8.94 20.84
N ARG B 802 -19.12 -9.79 21.85
CA ARG B 802 -20.41 -9.93 22.51
C ARG B 802 -20.85 -8.61 23.12
N HIS B 803 -19.93 -7.89 23.76
CA HIS B 803 -20.27 -6.57 24.26
C HIS B 803 -20.35 -5.53 23.15
N MET B 804 -19.83 -5.82 21.96
CA MET B 804 -19.98 -4.89 20.85
C MET B 804 -21.43 -4.78 20.39
N ALA B 805 -22.23 -5.81 20.61
CA ALA B 805 -23.63 -5.80 20.23
C ALA B 805 -24.36 -4.65 20.93
#